data_1OPC
# 
_entry.id   1OPC 
# 
_audit_conform.dict_name       mmcif_pdbx.dic 
_audit_conform.dict_version    5.386 
_audit_conform.dict_location   http://mmcif.pdb.org/dictionaries/ascii/mmcif_pdbx.dic 
# 
loop_
_database_2.database_id 
_database_2.database_code 
_database_2.pdbx_database_accession 
_database_2.pdbx_DOI 
PDB   1OPC         pdb_00001opc 10.2210/pdb1opc/pdb 
WWPDB D_1000175487 ?            ?                   
# 
loop_
_pdbx_audit_revision_history.ordinal 
_pdbx_audit_revision_history.data_content_type 
_pdbx_audit_revision_history.major_revision 
_pdbx_audit_revision_history.minor_revision 
_pdbx_audit_revision_history.revision_date 
1 'Structure model' 1 0 1997-04-01 
2 'Structure model' 1 1 2008-03-24 
3 'Structure model' 1 2 2011-07-13 
4 'Structure model' 1 3 2024-02-14 
# 
_pdbx_audit_revision_details.ordinal             1 
_pdbx_audit_revision_details.revision_ordinal    1 
_pdbx_audit_revision_details.data_content_type   'Structure model' 
_pdbx_audit_revision_details.provider            repository 
_pdbx_audit_revision_details.type                'Initial release' 
_pdbx_audit_revision_details.description         ? 
_pdbx_audit_revision_details.details             ? 
# 
loop_
_pdbx_audit_revision_group.ordinal 
_pdbx_audit_revision_group.revision_ordinal 
_pdbx_audit_revision_group.data_content_type 
_pdbx_audit_revision_group.group 
1 2 'Structure model' 'Version format compliance' 
2 3 'Structure model' 'Version format compliance' 
3 4 'Structure model' 'Data collection'           
4 4 'Structure model' 'Database references'       
# 
loop_
_pdbx_audit_revision_category.ordinal 
_pdbx_audit_revision_category.revision_ordinal 
_pdbx_audit_revision_category.data_content_type 
_pdbx_audit_revision_category.category 
1 4 'Structure model' chem_comp_atom 
2 4 'Structure model' chem_comp_bond 
3 4 'Structure model' database_2     
# 
loop_
_pdbx_audit_revision_item.ordinal 
_pdbx_audit_revision_item.revision_ordinal 
_pdbx_audit_revision_item.data_content_type 
_pdbx_audit_revision_item.item 
1 4 'Structure model' '_database_2.pdbx_DOI'                
2 4 'Structure model' '_database_2.pdbx_database_accession' 
# 
_pdbx_database_status.status_code                     REL 
_pdbx_database_status.entry_id                        1OPC 
_pdbx_database_status.recvd_initial_deposition_date   1996-12-16 
_pdbx_database_status.deposit_site                    ? 
_pdbx_database_status.process_site                    BNL 
_pdbx_database_status.status_code_sf                  REL 
_pdbx_database_status.status_code_mr                  ? 
_pdbx_database_status.SG_entry                        ? 
_pdbx_database_status.pdb_format_compatible           Y 
_pdbx_database_status.status_code_cs                  ? 
_pdbx_database_status.status_code_nmr_data            ? 
_pdbx_database_status.methods_development_category    ? 
# 
loop_
_audit_author.name 
_audit_author.pdbx_ordinal 
'Martinez-Hackert, E.' 1 
'Stock, A.M.'          2 
# 
_citation.id                        primary 
_citation.title                     'The DNA-binding domain of OmpR: crystal structures of a winged helix transcription factor.' 
_citation.journal_abbrev            Structure 
_citation.journal_volume            5 
_citation.page_first                109 
_citation.page_last                 124 
_citation.year                      1997 
_citation.journal_id_ASTM           STRUE6 
_citation.country                   UK 
_citation.journal_id_ISSN           0969-2126 
_citation.journal_id_CSD            2005 
_citation.book_publisher            ? 
_citation.pdbx_database_id_PubMed   9016718 
_citation.pdbx_database_id_DOI      '10.1016/S0969-2126(97)00170-6' 
# 
loop_
_citation_author.citation_id 
_citation_author.name 
_citation_author.ordinal 
_citation_author.identifier_ORCID 
primary 'Martinez-Hackert, E.' 1 ? 
primary 'Stock, A.M.'          2 ? 
# 
loop_
_entity.id 
_entity.type 
_entity.src_method 
_entity.pdbx_description 
_entity.formula_weight 
_entity.pdbx_number_of_molecules 
_entity.pdbx_ec 
_entity.pdbx_mutation 
_entity.pdbx_fragment 
_entity.details 
1 polymer man OMPR  12538.368 1  ? ? 'C-TERMINAL DNA-BINDING DOMAIN' ? 
2 water   nat water 18.015    85 ? ? ?                               ? 
# 
_entity_name_com.entity_id   1 
_entity_name_com.name        OMPRC 
# 
_entity_poly.entity_id                      1 
_entity_poly.type                           'polypeptide(L)' 
_entity_poly.nstd_linkage                   no 
_entity_poly.nstd_monomer                   no 
_entity_poly.pdbx_seq_one_letter_code       
;APSQEEAVIAFGKFKLNLGTREMFREDEPMPLTSGEFAVLKALVSHPREPLSRDKLMNLARGREYSAMERSIDVQISRLR
RMVEEDPAHPRYIQTVWGLGYVFVPDGSKA
;
_entity_poly.pdbx_seq_one_letter_code_can   
;APSQEEAVIAFGKFKLNLGTREMFREDEPMPLTSGEFAVLKALVSHPREPLSRDKLMNLARGREYSAMERSIDVQISRLR
RMVEEDPAHPRYIQTVWGLGYVFVPDGSKA
;
_entity_poly.pdbx_strand_id                 A 
_entity_poly.pdbx_target_identifier         ? 
# 
_pdbx_entity_nonpoly.entity_id   2 
_pdbx_entity_nonpoly.name        water 
_pdbx_entity_nonpoly.comp_id     HOH 
# 
loop_
_entity_poly_seq.entity_id 
_entity_poly_seq.num 
_entity_poly_seq.mon_id 
_entity_poly_seq.hetero 
1 1   ALA n 
1 2   PRO n 
1 3   SER n 
1 4   GLN n 
1 5   GLU n 
1 6   GLU n 
1 7   ALA n 
1 8   VAL n 
1 9   ILE n 
1 10  ALA n 
1 11  PHE n 
1 12  GLY n 
1 13  LYS n 
1 14  PHE n 
1 15  LYS n 
1 16  LEU n 
1 17  ASN n 
1 18  LEU n 
1 19  GLY n 
1 20  THR n 
1 21  ARG n 
1 22  GLU n 
1 23  MET n 
1 24  PHE n 
1 25  ARG n 
1 26  GLU n 
1 27  ASP n 
1 28  GLU n 
1 29  PRO n 
1 30  MET n 
1 31  PRO n 
1 32  LEU n 
1 33  THR n 
1 34  SER n 
1 35  GLY n 
1 36  GLU n 
1 37  PHE n 
1 38  ALA n 
1 39  VAL n 
1 40  LEU n 
1 41  LYS n 
1 42  ALA n 
1 43  LEU n 
1 44  VAL n 
1 45  SER n 
1 46  HIS n 
1 47  PRO n 
1 48  ARG n 
1 49  GLU n 
1 50  PRO n 
1 51  LEU n 
1 52  SER n 
1 53  ARG n 
1 54  ASP n 
1 55  LYS n 
1 56  LEU n 
1 57  MET n 
1 58  ASN n 
1 59  LEU n 
1 60  ALA n 
1 61  ARG n 
1 62  GLY n 
1 63  ARG n 
1 64  GLU n 
1 65  TYR n 
1 66  SER n 
1 67  ALA n 
1 68  MET n 
1 69  GLU n 
1 70  ARG n 
1 71  SER n 
1 72  ILE n 
1 73  ASP n 
1 74  VAL n 
1 75  GLN n 
1 76  ILE n 
1 77  SER n 
1 78  ARG n 
1 79  LEU n 
1 80  ARG n 
1 81  ARG n 
1 82  MET n 
1 83  VAL n 
1 84  GLU n 
1 85  GLU n 
1 86  ASP n 
1 87  PRO n 
1 88  ALA n 
1 89  HIS n 
1 90  PRO n 
1 91  ARG n 
1 92  TYR n 
1 93  ILE n 
1 94  GLN n 
1 95  THR n 
1 96  VAL n 
1 97  TRP n 
1 98  GLY n 
1 99  LEU n 
1 100 GLY n 
1 101 TYR n 
1 102 VAL n 
1 103 PHE n 
1 104 VAL n 
1 105 PRO n 
1 106 ASP n 
1 107 GLY n 
1 108 SER n 
1 109 LYS n 
1 110 ALA n 
# 
_entity_src_gen.entity_id                          1 
_entity_src_gen.pdbx_src_id                        1 
_entity_src_gen.pdbx_alt_source_flag               sample 
_entity_src_gen.pdbx_seq_type                      ? 
_entity_src_gen.pdbx_beg_seq_num                   ? 
_entity_src_gen.pdbx_end_seq_num                   ? 
_entity_src_gen.gene_src_common_name               ? 
_entity_src_gen.gene_src_genus                     Escherichia 
_entity_src_gen.pdbx_gene_src_gene                 ? 
_entity_src_gen.gene_src_species                   ? 
_entity_src_gen.gene_src_strain                    ? 
_entity_src_gen.gene_src_tissue                    ? 
_entity_src_gen.gene_src_tissue_fraction           ? 
_entity_src_gen.gene_src_details                   ? 
_entity_src_gen.pdbx_gene_src_fragment             ? 
_entity_src_gen.pdbx_gene_src_scientific_name      'Escherichia coli' 
_entity_src_gen.pdbx_gene_src_ncbi_taxonomy_id     562 
_entity_src_gen.pdbx_gene_src_variant              ? 
_entity_src_gen.pdbx_gene_src_cell_line            ? 
_entity_src_gen.pdbx_gene_src_atcc                 ? 
_entity_src_gen.pdbx_gene_src_organ                ? 
_entity_src_gen.pdbx_gene_src_organelle            ? 
_entity_src_gen.pdbx_gene_src_cell                 ? 
_entity_src_gen.pdbx_gene_src_cellular_location    ? 
_entity_src_gen.host_org_common_name               ? 
_entity_src_gen.pdbx_host_org_scientific_name      'Escherichia coli' 
_entity_src_gen.pdbx_host_org_ncbi_taxonomy_id     562 
_entity_src_gen.host_org_genus                     Escherichia 
_entity_src_gen.pdbx_host_org_gene                 ? 
_entity_src_gen.pdbx_host_org_organ                ? 
_entity_src_gen.host_org_species                   ? 
_entity_src_gen.pdbx_host_org_tissue               ? 
_entity_src_gen.pdbx_host_org_tissue_fraction      ? 
_entity_src_gen.pdbx_host_org_strain               ? 
_entity_src_gen.pdbx_host_org_variant              ? 
_entity_src_gen.pdbx_host_org_cell_line            ? 
_entity_src_gen.pdbx_host_org_atcc                 ? 
_entity_src_gen.pdbx_host_org_culture_collection   ? 
_entity_src_gen.pdbx_host_org_cell                 ? 
_entity_src_gen.pdbx_host_org_organelle            ? 
_entity_src_gen.pdbx_host_org_cellular_location    ? 
_entity_src_gen.pdbx_host_org_vector_type          ? 
_entity_src_gen.pdbx_host_org_vector               ? 
_entity_src_gen.host_org_details                   ? 
_entity_src_gen.expression_system_id               ? 
_entity_src_gen.plasmid_name                       PET11 
_entity_src_gen.plasmid_details                    ? 
_entity_src_gen.pdbx_description                   ? 
# 
loop_
_chem_comp.id 
_chem_comp.type 
_chem_comp.mon_nstd_flag 
_chem_comp.name 
_chem_comp.pdbx_synonyms 
_chem_comp.formula 
_chem_comp.formula_weight 
ALA 'L-peptide linking' y ALANINE         ? 'C3 H7 N O2'     89.093  
ARG 'L-peptide linking' y ARGININE        ? 'C6 H15 N4 O2 1' 175.209 
ASN 'L-peptide linking' y ASPARAGINE      ? 'C4 H8 N2 O3'    132.118 
ASP 'L-peptide linking' y 'ASPARTIC ACID' ? 'C4 H7 N O4'     133.103 
GLN 'L-peptide linking' y GLUTAMINE       ? 'C5 H10 N2 O3'   146.144 
GLU 'L-peptide linking' y 'GLUTAMIC ACID' ? 'C5 H9 N O4'     147.129 
GLY 'peptide linking'   y GLYCINE         ? 'C2 H5 N O2'     75.067  
HIS 'L-peptide linking' y HISTIDINE       ? 'C6 H10 N3 O2 1' 156.162 
HOH non-polymer         . WATER           ? 'H2 O'           18.015  
ILE 'L-peptide linking' y ISOLEUCINE      ? 'C6 H13 N O2'    131.173 
LEU 'L-peptide linking' y LEUCINE         ? 'C6 H13 N O2'    131.173 
LYS 'L-peptide linking' y LYSINE          ? 'C6 H15 N2 O2 1' 147.195 
MET 'L-peptide linking' y METHIONINE      ? 'C5 H11 N O2 S'  149.211 
PHE 'L-peptide linking' y PHENYLALANINE   ? 'C9 H11 N O2'    165.189 
PRO 'L-peptide linking' y PROLINE         ? 'C5 H9 N O2'     115.130 
SER 'L-peptide linking' y SERINE          ? 'C3 H7 N O3'     105.093 
THR 'L-peptide linking' y THREONINE       ? 'C4 H9 N O3'     119.119 
TRP 'L-peptide linking' y TRYPTOPHAN      ? 'C11 H12 N2 O2'  204.225 
TYR 'L-peptide linking' y TYROSINE        ? 'C9 H11 N O3'    181.189 
VAL 'L-peptide linking' y VALINE          ? 'C5 H11 N O2'    117.146 
# 
loop_
_pdbx_poly_seq_scheme.asym_id 
_pdbx_poly_seq_scheme.entity_id 
_pdbx_poly_seq_scheme.seq_id 
_pdbx_poly_seq_scheme.mon_id 
_pdbx_poly_seq_scheme.ndb_seq_num 
_pdbx_poly_seq_scheme.pdb_seq_num 
_pdbx_poly_seq_scheme.auth_seq_num 
_pdbx_poly_seq_scheme.pdb_mon_id 
_pdbx_poly_seq_scheme.auth_mon_id 
_pdbx_poly_seq_scheme.pdb_strand_id 
_pdbx_poly_seq_scheme.pdb_ins_code 
_pdbx_poly_seq_scheme.hetero 
A 1 1   ALA 1   130 ?   ?   ?   A . n 
A 1 2   PRO 2   131 ?   ?   ?   A . n 
A 1 3   SER 3   132 ?   ?   ?   A . n 
A 1 4   GLN 4   133 ?   ?   ?   A . n 
A 1 5   GLU 5   134 ?   ?   ?   A . n 
A 1 6   GLU 6   135 ?   ?   ?   A . n 
A 1 7   ALA 7   136 ?   ?   ?   A . n 
A 1 8   VAL 8   137 137 VAL VAL A . n 
A 1 9   ILE 9   138 138 ILE ILE A . n 
A 1 10  ALA 10  139 139 ALA ALA A . n 
A 1 11  PHE 11  140 140 PHE PHE A . n 
A 1 12  GLY 12  141 141 GLY GLY A . n 
A 1 13  LYS 13  142 142 LYS LYS A . n 
A 1 14  PHE 14  143 143 PHE PHE A . n 
A 1 15  LYS 15  144 144 LYS LYS A . n 
A 1 16  LEU 16  145 145 LEU LEU A . n 
A 1 17  ASN 17  146 146 ASN ASN A . n 
A 1 18  LEU 18  147 147 LEU LEU A . n 
A 1 19  GLY 19  148 148 GLY GLY A . n 
A 1 20  THR 20  149 149 THR THR A . n 
A 1 21  ARG 21  150 150 ARG ARG A . n 
A 1 22  GLU 22  151 151 GLU GLU A . n 
A 1 23  MET 23  152 152 MET MET A . n 
A 1 24  PHE 24  153 153 PHE PHE A . n 
A 1 25  ARG 25  154 154 ARG ARG A . n 
A 1 26  GLU 26  155 155 GLU GLU A . n 
A 1 27  ASP 27  156 156 ASP ASP A . n 
A 1 28  GLU 28  157 157 GLU GLU A . n 
A 1 29  PRO 29  158 158 PRO PRO A . n 
A 1 30  MET 30  159 159 MET MET A . n 
A 1 31  PRO 31  160 160 PRO PRO A . n 
A 1 32  LEU 32  161 161 LEU LEU A . n 
A 1 33  THR 33  162 162 THR THR A . n 
A 1 34  SER 34  163 163 SER SER A . n 
A 1 35  GLY 35  164 164 GLY GLY A . n 
A 1 36  GLU 36  165 165 GLU GLU A . n 
A 1 37  PHE 37  166 166 PHE PHE A . n 
A 1 38  ALA 38  167 167 ALA ALA A . n 
A 1 39  VAL 39  168 168 VAL VAL A . n 
A 1 40  LEU 40  169 169 LEU LEU A . n 
A 1 41  LYS 41  170 170 LYS LYS A . n 
A 1 42  ALA 42  171 171 ALA ALA A . n 
A 1 43  LEU 43  172 172 LEU LEU A . n 
A 1 44  VAL 44  173 173 VAL VAL A . n 
A 1 45  SER 45  174 174 SER SER A . n 
A 1 46  HIS 46  175 175 HIS HIS A . n 
A 1 47  PRO 47  176 176 PRO PRO A . n 
A 1 48  ARG 48  177 177 ARG ARG A . n 
A 1 49  GLU 49  178 178 GLU GLU A . n 
A 1 50  PRO 50  179 179 PRO PRO A . n 
A 1 51  LEU 51  180 180 LEU LEU A . n 
A 1 52  SER 52  181 181 SER SER A . n 
A 1 53  ARG 53  182 182 ARG ARG A . n 
A 1 54  ASP 54  183 183 ASP ASP A . n 
A 1 55  LYS 55  184 184 LYS LYS A . n 
A 1 56  LEU 56  185 185 LEU LEU A . n 
A 1 57  MET 57  186 186 MET MET A . n 
A 1 58  ASN 58  187 187 ASN ASN A . n 
A 1 59  LEU 59  188 188 LEU LEU A . n 
A 1 60  ALA 60  189 189 ALA ALA A . n 
A 1 61  ARG 61  190 190 ARG ARG A . n 
A 1 62  GLY 62  191 191 GLY GLY A . n 
A 1 63  ARG 63  192 192 ARG ARG A . n 
A 1 64  GLU 64  193 193 GLU GLU A . n 
A 1 65  TYR 65  194 194 TYR TYR A . n 
A 1 66  SER 66  195 195 SER SER A . n 
A 1 67  ALA 67  196 196 ALA ALA A . n 
A 1 68  MET 68  197 197 MET MET A . n 
A 1 69  GLU 69  198 198 GLU GLU A . n 
A 1 70  ARG 70  199 199 ARG ARG A . n 
A 1 71  SER 71  200 200 SER SER A . n 
A 1 72  ILE 72  201 201 ILE ILE A . n 
A 1 73  ASP 73  202 202 ASP ASP A . n 
A 1 74  VAL 74  203 203 VAL VAL A . n 
A 1 75  GLN 75  204 204 GLN GLN A . n 
A 1 76  ILE 76  205 205 ILE ILE A . n 
A 1 77  SER 77  206 206 SER SER A . n 
A 1 78  ARG 78  207 207 ARG ARG A . n 
A 1 79  LEU 79  208 208 LEU LEU A . n 
A 1 80  ARG 80  209 209 ARG ARG A . n 
A 1 81  ARG 81  210 210 ARG ARG A . n 
A 1 82  MET 82  211 211 MET MET A . n 
A 1 83  VAL 83  212 212 VAL VAL A . n 
A 1 84  GLU 84  213 213 GLU GLU A . n 
A 1 85  GLU 85  214 214 GLU GLU A . n 
A 1 86  ASP 86  215 215 ASP ASP A . n 
A 1 87  PRO 87  216 216 PRO PRO A . n 
A 1 88  ALA 88  217 217 ALA ALA A . n 
A 1 89  HIS 89  218 218 HIS HIS A . n 
A 1 90  PRO 90  219 219 PRO PRO A . n 
A 1 91  ARG 91  220 220 ARG ARG A . n 
A 1 92  TYR 92  221 221 TYR TYR A . n 
A 1 93  ILE 93  222 222 ILE ILE A . n 
A 1 94  GLN 94  223 223 GLN GLN A . n 
A 1 95  THR 95  224 224 THR THR A . n 
A 1 96  VAL 96  225 225 VAL VAL A . n 
A 1 97  TRP 97  226 226 TRP TRP A . n 
A 1 98  GLY 98  227 227 GLY GLY A . n 
A 1 99  LEU 99  228 228 LEU LEU A . n 
A 1 100 GLY 100 229 229 GLY GLY A . n 
A 1 101 TYR 101 230 230 TYR TYR A . n 
A 1 102 VAL 102 231 231 VAL VAL A . n 
A 1 103 PHE 103 232 232 PHE PHE A . n 
A 1 104 VAL 104 233 233 VAL VAL A . n 
A 1 105 PRO 105 234 234 PRO PRO A . n 
A 1 106 ASP 106 235 235 ASP ASP A . n 
A 1 107 GLY 107 236 ?   ?   ?   A . n 
A 1 108 SER 108 237 ?   ?   ?   A . n 
A 1 109 LYS 109 238 ?   ?   ?   A . n 
A 1 110 ALA 110 239 ?   ?   ?   A . n 
# 
loop_
_pdbx_nonpoly_scheme.asym_id 
_pdbx_nonpoly_scheme.entity_id 
_pdbx_nonpoly_scheme.mon_id 
_pdbx_nonpoly_scheme.ndb_seq_num 
_pdbx_nonpoly_scheme.pdb_seq_num 
_pdbx_nonpoly_scheme.auth_seq_num 
_pdbx_nonpoly_scheme.pdb_mon_id 
_pdbx_nonpoly_scheme.auth_mon_id 
_pdbx_nonpoly_scheme.pdb_strand_id 
_pdbx_nonpoly_scheme.pdb_ins_code 
B 2 HOH 1  501 501 HOH HOH A . 
B 2 HOH 2  502 502 HOH HOH A . 
B 2 HOH 3  503 503 HOH HOH A . 
B 2 HOH 4  504 504 HOH HOH A . 
B 2 HOH 5  505 505 HOH HOH A . 
B 2 HOH 6  506 506 HOH HOH A . 
B 2 HOH 7  507 507 HOH HOH A . 
B 2 HOH 8  508 508 HOH HOH A . 
B 2 HOH 9  509 509 HOH HOH A . 
B 2 HOH 10 510 510 HOH HOH A . 
B 2 HOH 11 511 511 HOH HOH A . 
B 2 HOH 12 512 512 HOH HOH A . 
B 2 HOH 13 513 513 HOH HOH A . 
B 2 HOH 14 514 514 HOH HOH A . 
B 2 HOH 15 515 515 HOH HOH A . 
B 2 HOH 16 516 516 HOH HOH A . 
B 2 HOH 17 517 517 HOH HOH A . 
B 2 HOH 18 518 518 HOH HOH A . 
B 2 HOH 19 519 519 HOH HOH A . 
B 2 HOH 20 520 520 HOH HOH A . 
B 2 HOH 21 521 521 HOH HOH A . 
B 2 HOH 22 522 522 HOH HOH A . 
B 2 HOH 23 523 523 HOH HOH A . 
B 2 HOH 24 524 524 HOH HOH A . 
B 2 HOH 25 525 525 HOH HOH A . 
B 2 HOH 26 526 526 HOH HOH A . 
B 2 HOH 27 527 527 HOH HOH A . 
B 2 HOH 28 528 528 HOH HOH A . 
B 2 HOH 29 529 529 HOH HOH A . 
B 2 HOH 30 530 530 HOH HOH A . 
B 2 HOH 31 531 531 HOH HOH A . 
B 2 HOH 32 532 532 HOH HOH A . 
B 2 HOH 33 533 533 HOH HOH A . 
B 2 HOH 34 534 534 HOH HOH A . 
B 2 HOH 35 535 535 HOH HOH A . 
B 2 HOH 36 536 536 HOH HOH A . 
B 2 HOH 37 537 537 HOH HOH A . 
B 2 HOH 38 538 538 HOH HOH A . 
B 2 HOH 39 539 539 HOH HOH A . 
B 2 HOH 40 540 540 HOH HOH A . 
B 2 HOH 41 541 541 HOH HOH A . 
B 2 HOH 42 542 542 HOH HOH A . 
B 2 HOH 43 543 543 HOH HOH A . 
B 2 HOH 44 544 544 HOH HOH A . 
B 2 HOH 45 545 545 HOH HOH A . 
B 2 HOH 46 546 546 HOH HOH A . 
B 2 HOH 47 547 547 HOH HOH A . 
B 2 HOH 48 548 548 HOH HOH A . 
B 2 HOH 49 549 549 HOH HOH A . 
B 2 HOH 50 550 550 HOH HOH A . 
B 2 HOH 51 551 551 HOH HOH A . 
B 2 HOH 52 552 552 HOH HOH A . 
B 2 HOH 53 553 553 HOH HOH A . 
B 2 HOH 54 554 554 HOH HOH A . 
B 2 HOH 55 555 555 HOH HOH A . 
B 2 HOH 56 556 556 HOH HOH A . 
B 2 HOH 57 557 557 HOH HOH A . 
B 2 HOH 58 558 558 HOH HOH A . 
B 2 HOH 59 559 559 HOH HOH A . 
B 2 HOH 60 560 560 HOH HOH A . 
B 2 HOH 61 561 561 HOH HOH A . 
B 2 HOH 62 562 562 HOH HOH A . 
B 2 HOH 63 563 563 HOH HOH A . 
B 2 HOH 64 564 564 HOH HOH A . 
B 2 HOH 65 565 565 HOH HOH A . 
B 2 HOH 66 566 566 HOH HOH A . 
B 2 HOH 67 567 567 HOH HOH A . 
B 2 HOH 68 568 568 HOH HOH A . 
B 2 HOH 69 569 569 HOH HOH A . 
B 2 HOH 70 570 570 HOH HOH A . 
B 2 HOH 71 571 571 HOH HOH A . 
B 2 HOH 72 572 572 HOH HOH A . 
B 2 HOH 73 573 573 HOH HOH A . 
B 2 HOH 74 574 574 HOH HOH A . 
B 2 HOH 75 575 575 HOH HOH A . 
B 2 HOH 76 576 576 HOH HOH A . 
B 2 HOH 77 577 577 HOH HOH A . 
B 2 HOH 78 578 578 HOH HOH A . 
B 2 HOH 79 579 579 HOH HOH A . 
B 2 HOH 80 580 580 HOH HOH A . 
B 2 HOH 81 581 581 HOH HOH A . 
B 2 HOH 82 582 582 HOH HOH A . 
B 2 HOH 83 583 583 HOH HOH A . 
B 2 HOH 84 584 584 HOH HOH A . 
B 2 HOH 85 585 585 HOH HOH A . 
# 
loop_
_software.name 
_software.classification 
_software.version 
_software.citation_id 
_software.pdbx_ordinal 
MADSYS    phasing          . ? 1 
PROLSQ    refinement       . ? 2 
DENZO     'data reduction' . ? 3 
SCALEPACK 'data scaling'   . ? 4 
# 
_cell.entry_id           1OPC 
_cell.length_a           59.140 
_cell.length_b           59.140 
_cell.length_c           58.110 
_cell.angle_alpha        90.00 
_cell.angle_beta         90.00 
_cell.angle_gamma        120.00 
_cell.Z_PDB              6 
_cell.pdbx_unique_axis   ? 
# 
_symmetry.entry_id                         1OPC 
_symmetry.space_group_name_H-M             'P 32 2 1' 
_symmetry.pdbx_full_space_group_name_H-M   ? 
_symmetry.cell_setting                     ? 
_symmetry.Int_Tables_number                154 
# 
_exptl.entry_id          1OPC 
_exptl.method            'X-RAY DIFFRACTION' 
_exptl.crystals_number   1 
# 
_exptl_crystal.id                    1 
_exptl_crystal.density_meas          ? 
_exptl_crystal.density_Matthews      2.45 
_exptl_crystal.density_percent_sol   41. 
_exptl_crystal.description           ? 
# 
_exptl_crystal_grow.crystal_id      1 
_exptl_crystal_grow.method          ? 
_exptl_crystal_grow.temp            ? 
_exptl_crystal_grow.temp_details    ? 
_exptl_crystal_grow.pH              6.5 
_exptl_crystal_grow.pdbx_pH_range   ? 
_exptl_crystal_grow.pdbx_details    
;PROTEIN WAS CRYSTALLIZED FROM 3% POLYETHYLENEGLYCOL-MONOMETHYLETHER (PMME) 5000, 17.5% ETHYLENEGLYCOL, 2.5% MPD, 30 MM MES, PH 6.5; THEN SOAKED IN 10% PMME 5000, 20% ETHYLENEGLYCOL, 10% PEG 200, 200 MM AMMONIUM SULFATE, 30 MM MES, PH 6.5
;
# 
_diffrn.id                     1 
_diffrn.ambient_temp           100 
_diffrn.ambient_temp_details   ? 
_diffrn.crystal_id             1 
# 
_diffrn_detector.diffrn_id              1 
_diffrn_detector.detector               'IMAGE PLATE' 
_diffrn_detector.type                   FUJI 
_diffrn_detector.pdbx_collection_date   1996-06 
_diffrn_detector.details                MONOCHROMATOR 
# 
_diffrn_radiation.diffrn_id                        1 
_diffrn_radiation.wavelength_id                    1 
_diffrn_radiation.pdbx_monochromatic_or_laue_m_l   M 
_diffrn_radiation.monochromator                    ? 
_diffrn_radiation.pdbx_diffrn_protocol             ? 
_diffrn_radiation.pdbx_scattering_type             x-ray 
# 
loop_
_diffrn_radiation_wavelength.id 
_diffrn_radiation_wavelength.wavelength 
_diffrn_radiation_wavelength.wt 
1 0.9686 1.0 
2 0.9876 1.0 
# 
_diffrn_source.diffrn_id                   1 
_diffrn_source.source                      SYNCHROTRON 
_diffrn_source.type                        'NSLS BEAMLINE X4A' 
_diffrn_source.pdbx_synchrotron_site       NSLS 
_diffrn_source.pdbx_synchrotron_beamline   X4A 
_diffrn_source.pdbx_wavelength             0.9686 
_diffrn_source.pdbx_wavelength_list        '0.9686, 0.9876' 
# 
_reflns.entry_id                     1OPC 
_reflns.observed_criterion_sigma_I   -3. 
_reflns.observed_criterion_sigma_F   ? 
_reflns.d_resolution_low             10.0 
_reflns.d_resolution_high            1.95 
_reflns.number_obs                   8604 
_reflns.number_all                   ? 
_reflns.percent_possible_obs         97.1 
_reflns.pdbx_Rmerge_I_obs            ? 
_reflns.pdbx_Rsym_value              0.0460000 
_reflns.pdbx_netI_over_sigmaI        10.8 
_reflns.B_iso_Wilson_estimate        16.78 
_reflns.pdbx_redundancy              7.1 
_reflns.pdbx_diffrn_id               1 
_reflns.pdbx_ordinal                 1 
# 
_reflns_shell.d_res_high             1.95 
_reflns_shell.d_res_low              2.0 
_reflns_shell.percent_possible_all   98.7 
_reflns_shell.Rmerge_I_obs           ? 
_reflns_shell.pdbx_Rsym_value        0.0860000 
_reflns_shell.meanI_over_sigI_obs    6.9 
_reflns_shell.pdbx_redundancy        5.6 
_reflns_shell.pdbx_diffrn_id         ? 
_reflns_shell.pdbx_ordinal           1 
# 
_refine.entry_id                                 1OPC 
_refine.ls_number_reflns_obs                     7807 
_refine.ls_number_reflns_all                     8195 
_refine.pdbx_ls_sigma_I                          ? 
_refine.pdbx_ls_sigma_F                          0.0 
_refine.pdbx_data_cutoff_high_absF               ? 
_refine.pdbx_data_cutoff_low_absF                ? 
_refine.pdbx_data_cutoff_high_rms_absF           ? 
_refine.ls_d_res_low                             5.0 
_refine.ls_d_res_high                            1.95 
_refine.ls_percent_reflns_obs                    97.1 
_refine.ls_R_factor_obs                          ? 
_refine.ls_R_factor_all                          ? 
_refine.ls_R_factor_R_work                       0.2280000 
_refine.ls_R_factor_R_free                       0.2690000 
_refine.ls_R_factor_R_free_error                 ? 
_refine.ls_R_factor_R_free_error_details         ? 
_refine.ls_percent_reflns_R_free                 5. 
_refine.ls_number_reflns_R_free                  388 
_refine.ls_number_parameters                     ? 
_refine.ls_number_restraints                     ? 
_refine.occupancy_min                            ? 
_refine.occupancy_max                            ? 
_refine.B_iso_mean                               20.7 
_refine.aniso_B[1][1]                            ? 
_refine.aniso_B[2][2]                            ? 
_refine.aniso_B[3][3]                            ? 
_refine.aniso_B[1][2]                            ? 
_refine.aniso_B[1][3]                            ? 
_refine.aniso_B[2][3]                            ? 
_refine.solvent_model_details                    ? 
_refine.solvent_model_param_ksol                 ? 
_refine.solvent_model_param_bsol                 ? 
_refine.pdbx_ls_cross_valid_method               THROUGHOUT 
_refine.details                                  'X-PLOR, PROLSQ AND REFMAC USED' 
_refine.pdbx_starting_model                      ? 
_refine.pdbx_method_to_determine_struct          MAD 
_refine.pdbx_isotropic_thermal_model             ? 
_refine.pdbx_stereochemistry_target_values       ? 
_refine.pdbx_stereochem_target_val_spec_case     ? 
_refine.pdbx_R_Free_selection_details            RANDOM 
_refine.pdbx_overall_ESU_R                       ? 
_refine.pdbx_overall_ESU_R_Free                  ? 
_refine.overall_SU_ML                            ? 
_refine.overall_SU_B                             ? 
_refine.pdbx_refine_id                           'X-RAY DIFFRACTION' 
_refine.pdbx_diffrn_id                           1 
_refine.pdbx_TLS_residual_ADP_flag               ? 
_refine.correlation_coeff_Fo_to_Fc               ? 
_refine.correlation_coeff_Fo_to_Fc_free          ? 
_refine.pdbx_solvent_vdw_probe_radii             ? 
_refine.pdbx_solvent_ion_probe_radii             ? 
_refine.pdbx_solvent_shrinkage_radii             ? 
_refine.pdbx_overall_phase_error                 ? 
_refine.overall_SU_R_Cruickshank_DPI             ? 
_refine.pdbx_overall_SU_R_free_Cruickshank_DPI   ? 
_refine.pdbx_overall_SU_R_Blow_DPI               ? 
_refine.pdbx_overall_SU_R_free_Blow_DPI          ? 
# 
_refine_analyze.entry_id                        1OPC 
_refine_analyze.Luzzati_coordinate_error_obs    ? 
_refine_analyze.Luzzati_sigma_a_obs             0.31 
_refine_analyze.Luzzati_d_res_low_obs           5. 
_refine_analyze.Luzzati_coordinate_error_free   ? 
_refine_analyze.Luzzati_sigma_a_free            ? 
_refine_analyze.Luzzati_d_res_low_free          ? 
_refine_analyze.number_disordered_residues      ? 
_refine_analyze.occupancy_sum_hydrogen          ? 
_refine_analyze.occupancy_sum_non_hydrogen      ? 
_refine_analyze.pdbx_refine_id                  'X-RAY DIFFRACTION' 
# 
_refine_hist.pdbx_refine_id                   'X-RAY DIFFRACTION' 
_refine_hist.cycle_id                         LAST 
_refine_hist.pdbx_number_atoms_protein        806 
_refine_hist.pdbx_number_atoms_nucleic_acid   0 
_refine_hist.pdbx_number_atoms_ligand         0 
_refine_hist.number_atoms_solvent             85 
_refine_hist.number_atoms_total               891 
_refine_hist.d_res_high                       1.95 
_refine_hist.d_res_low                        5.0 
# 
loop_
_refine_ls_restr.type 
_refine_ls_restr.dev_ideal 
_refine_ls_restr.dev_ideal_target 
_refine_ls_restr.weight 
_refine_ls_restr.number 
_refine_ls_restr.pdbx_refine_id 
_refine_ls_restr.pdbx_restraint_function 
p_bond_d            0.017 0.020 ? ? 'X-RAY DIFFRACTION' ? 
p_angle_d           0.036 0.040 ? ? 'X-RAY DIFFRACTION' ? 
p_angle_deg         ?     ?     ? ? 'X-RAY DIFFRACTION' ? 
p_planar_d          0.037 0.050 ? ? 'X-RAY DIFFRACTION' ? 
p_hb_or_metal_coord ?     ?     ? ? 'X-RAY DIFFRACTION' ? 
p_mcbond_it         1.933 2.000 ? ? 'X-RAY DIFFRACTION' ? 
p_mcangle_it        2.605 3.000 ? ? 'X-RAY DIFFRACTION' ? 
p_scbond_it         1.696 2.000 ? ? 'X-RAY DIFFRACTION' ? 
p_scangle_it        2.943 3.000 ? ? 'X-RAY DIFFRACTION' ? 
p_plane_restr       0.016 0.03  ? ? 'X-RAY DIFFRACTION' ? 
p_chiral_restr      0.137 0.15  ? ? 'X-RAY DIFFRACTION' ? 
p_singtor_nbd       0.195 0.3   ? ? 'X-RAY DIFFRACTION' ? 
p_multtor_nbd       0.268 0.3   ? ? 'X-RAY DIFFRACTION' ? 
p_xhyhbond_nbd      ?     ?     ? ? 'X-RAY DIFFRACTION' ? 
p_xyhbond_nbd       0.159 0.3   ? ? 'X-RAY DIFFRACTION' ? 
p_planar_tor        7.9   7.0   ? ? 'X-RAY DIFFRACTION' ? 
p_staggered_tor     20.0  15.0  ? ? 'X-RAY DIFFRACTION' ? 
p_orthonormal_tor   ?     ?     ? ? 'X-RAY DIFFRACTION' ? 
p_transverse_tor    22.6  20.0  ? ? 'X-RAY DIFFRACTION' ? 
p_special_tor       31.6  15.0  ? ? 'X-RAY DIFFRACTION' ? 
# 
_pdbx_refine.entry_id                                    1OPC 
_pdbx_refine.R_factor_all_no_cutoff                      ? 
_pdbx_refine.R_factor_obs_no_cutoff                      0.2280000 
_pdbx_refine.free_R_factor_no_cutoff                     0.2690000 
_pdbx_refine.free_R_val_test_set_size_perc_no_cutoff     5. 
_pdbx_refine.free_R_val_test_set_ct_no_cutoff            388 
_pdbx_refine.R_factor_all_4sig_cutoff                    ? 
_pdbx_refine.R_factor_obs_4sig_cutoff                    ? 
_pdbx_refine.free_R_factor_4sig_cutoff                   ? 
_pdbx_refine.free_R_val_test_set_size_perc_4sig_cutoff   ? 
_pdbx_refine.free_R_val_test_set_ct_4sig_cutoff          ? 
_pdbx_refine.number_reflns_obs_4sig_cutoff               ? 
_pdbx_refine.pdbx_refine_id                              'X-RAY DIFFRACTION' 
_pdbx_refine.free_R_error_no_cutoff                      ? 
# 
_struct.entry_id                  1OPC 
_struct.title                     'OMPR DNA-BINDING DOMAIN, ESCHERICHIA COLI' 
_struct.pdbx_model_details        ? 
_struct.pdbx_CASP_flag            ? 
_struct.pdbx_model_type_details   ? 
# 
_struct_keywords.entry_id        1OPC 
_struct_keywords.pdbx_keywords   'TRANSCRIPTION REGULATION' 
_struct_keywords.text            'TRANSCRIPTION REGULATION, RESPONSE REGULATOR, WINGED HELIX, OSMOREGULATION' 
# 
loop_
_struct_asym.id 
_struct_asym.pdbx_blank_PDB_chainid_flag 
_struct_asym.pdbx_modified 
_struct_asym.entity_id 
_struct_asym.details 
A N N 1 ? 
B N N 2 ? 
# 
_struct_ref.id                         1 
_struct_ref.db_name                    UNP 
_struct_ref.db_code                    OMPR_ECOLI 
_struct_ref.entity_id                  1 
_struct_ref.pdbx_db_accession          P0AA16 
_struct_ref.pdbx_align_begin           1 
_struct_ref.pdbx_seq_one_letter_code   
;MQENYKILVVDDDMRLRALLERYLTEQGFQVRSVANAEQMDRLLTRESFHLMVLDLMLPGEDGLSICRRLRSQSNPMPII
MVTAKGEEVDRIVGLEIGADDYIPKPFNPRELLARIRAVLRRQANELPGAPSQEEAVIAFGKFKLNLGTREMFREDEPMP
LTSGEFAVLKALVSHPREPLSRDKLMNLARGREYSAMERSIDVQISRLRRMVEEDPAHPRYIQTVWGLGYVFVPDGSKA
;
_struct_ref.pdbx_db_isoform            ? 
# 
_struct_ref_seq.align_id                      1 
_struct_ref_seq.ref_id                        1 
_struct_ref_seq.pdbx_PDB_id_code              1OPC 
_struct_ref_seq.pdbx_strand_id                A 
_struct_ref_seq.seq_align_beg                 1 
_struct_ref_seq.pdbx_seq_align_beg_ins_code   ? 
_struct_ref_seq.seq_align_end                 110 
_struct_ref_seq.pdbx_seq_align_end_ins_code   ? 
_struct_ref_seq.pdbx_db_accession             P0AA16 
_struct_ref_seq.db_align_beg                  130 
_struct_ref_seq.pdbx_db_align_beg_ins_code    ? 
_struct_ref_seq.db_align_end                  239 
_struct_ref_seq.pdbx_db_align_end_ins_code    ? 
_struct_ref_seq.pdbx_auth_seq_align_beg       130 
_struct_ref_seq.pdbx_auth_seq_align_end       239 
# 
_pdbx_struct_assembly.id                   1 
_pdbx_struct_assembly.details              author_defined_assembly 
_pdbx_struct_assembly.method_details       ? 
_pdbx_struct_assembly.oligomeric_details   monomeric 
_pdbx_struct_assembly.oligomeric_count     1 
# 
_pdbx_struct_assembly_gen.assembly_id       1 
_pdbx_struct_assembly_gen.oper_expression   1 
_pdbx_struct_assembly_gen.asym_id_list      A,B 
# 
_pdbx_struct_oper_list.id                   1 
_pdbx_struct_oper_list.type                 'identity operation' 
_pdbx_struct_oper_list.name                 1_555 
_pdbx_struct_oper_list.symmetry_operation   x,y,z 
_pdbx_struct_oper_list.matrix[1][1]         1.0000000000 
_pdbx_struct_oper_list.matrix[1][2]         0.0000000000 
_pdbx_struct_oper_list.matrix[1][3]         0.0000000000 
_pdbx_struct_oper_list.vector[1]            0.0000000000 
_pdbx_struct_oper_list.matrix[2][1]         0.0000000000 
_pdbx_struct_oper_list.matrix[2][2]         1.0000000000 
_pdbx_struct_oper_list.matrix[2][3]         0.0000000000 
_pdbx_struct_oper_list.vector[2]            0.0000000000 
_pdbx_struct_oper_list.matrix[3][1]         0.0000000000 
_pdbx_struct_oper_list.matrix[3][2]         0.0000000000 
_pdbx_struct_oper_list.matrix[3][3]         1.0000000000 
_pdbx_struct_oper_list.vector[3]            0.0000000000 
# 
_struct_biol.id   1 
# 
loop_
_struct_conf.conf_type_id 
_struct_conf.id 
_struct_conf.pdbx_PDB_helix_id 
_struct_conf.beg_label_comp_id 
_struct_conf.beg_label_asym_id 
_struct_conf.beg_label_seq_id 
_struct_conf.pdbx_beg_PDB_ins_code 
_struct_conf.end_label_comp_id 
_struct_conf.end_label_asym_id 
_struct_conf.end_label_seq_id 
_struct_conf.pdbx_end_PDB_ins_code 
_struct_conf.beg_auth_comp_id 
_struct_conf.beg_auth_asym_id 
_struct_conf.beg_auth_seq_id 
_struct_conf.end_auth_comp_id 
_struct_conf.end_auth_asym_id 
_struct_conf.end_auth_seq_id 
_struct_conf.pdbx_PDB_helix_class 
_struct_conf.details 
_struct_conf.pdbx_PDB_helix_length 
HELX_P HELX_P1 1 SER A 34 ? SER A 45 ? SER A 163 SER A 174 1 ? 12 
HELX_P HELX_P2 2 ARG A 53 ? ALA A 60 ? ARG A 182 ALA A 189 1 ? 8  
HELX_P HELX_P3 3 SER A 71 ? VAL A 83 ? SER A 200 VAL A 212 1 ? 13 
# 
_struct_conf_type.id          HELX_P 
_struct_conf_type.criteria    ? 
_struct_conf_type.reference   ? 
# 
loop_
_struct_sheet.id 
_struct_sheet.type 
_struct_sheet.number_strands 
_struct_sheet.details 
A ? 5 ? 
B ? 2 ? 
# 
loop_
_struct_sheet_order.sheet_id 
_struct_sheet_order.range_id_1 
_struct_sheet_order.range_id_2 
_struct_sheet_order.offset 
_struct_sheet_order.sense 
A 1 2 ? anti-parallel 
A 2 3 ? anti-parallel 
A 3 4 ? anti-parallel 
A 4 5 ? parallel      
B 1 2 ? anti-parallel 
# 
loop_
_struct_sheet_range.sheet_id 
_struct_sheet_range.id 
_struct_sheet_range.beg_label_comp_id 
_struct_sheet_range.beg_label_asym_id 
_struct_sheet_range.beg_label_seq_id 
_struct_sheet_range.pdbx_beg_PDB_ins_code 
_struct_sheet_range.end_label_comp_id 
_struct_sheet_range.end_label_asym_id 
_struct_sheet_range.end_label_seq_id 
_struct_sheet_range.pdbx_end_PDB_ins_code 
_struct_sheet_range.beg_auth_comp_id 
_struct_sheet_range.beg_auth_asym_id 
_struct_sheet_range.beg_auth_seq_id 
_struct_sheet_range.end_auth_comp_id 
_struct_sheet_range.end_auth_asym_id 
_struct_sheet_range.end_auth_seq_id 
A 1 ILE A 9  ? PHE A 11  ? ILE A 138 PHE A 140 
A 2 LYS A 13 ? ASN A 17  ? LYS A 142 ASN A 146 
A 3 GLU A 22 ? GLU A 26  ? GLU A 151 GLU A 155 
A 4 GLU A 28 ? MET A 30  ? GLU A 157 MET A 159 
A 5 LEU A 51 ? SER A 52  ? LEU A 180 SER A 181 
B 1 TYR A 92 ? VAL A 96  ? TYR A 221 VAL A 225 
B 2 LEU A 99 ? VAL A 104 ? LEU A 228 VAL A 233 
# 
loop_
_pdbx_struct_sheet_hbond.sheet_id 
_pdbx_struct_sheet_hbond.range_id_1 
_pdbx_struct_sheet_hbond.range_id_2 
_pdbx_struct_sheet_hbond.range_1_label_atom_id 
_pdbx_struct_sheet_hbond.range_1_label_comp_id 
_pdbx_struct_sheet_hbond.range_1_label_asym_id 
_pdbx_struct_sheet_hbond.range_1_label_seq_id 
_pdbx_struct_sheet_hbond.range_1_PDB_ins_code 
_pdbx_struct_sheet_hbond.range_1_auth_atom_id 
_pdbx_struct_sheet_hbond.range_1_auth_comp_id 
_pdbx_struct_sheet_hbond.range_1_auth_asym_id 
_pdbx_struct_sheet_hbond.range_1_auth_seq_id 
_pdbx_struct_sheet_hbond.range_2_label_atom_id 
_pdbx_struct_sheet_hbond.range_2_label_comp_id 
_pdbx_struct_sheet_hbond.range_2_label_asym_id 
_pdbx_struct_sheet_hbond.range_2_label_seq_id 
_pdbx_struct_sheet_hbond.range_2_PDB_ins_code 
_pdbx_struct_sheet_hbond.range_2_auth_atom_id 
_pdbx_struct_sheet_hbond.range_2_auth_comp_id 
_pdbx_struct_sheet_hbond.range_2_auth_asym_id 
_pdbx_struct_sheet_hbond.range_2_auth_seq_id 
A 1 2 O ILE A 9  ? O ILE A 138 N LEU A 16  ? N LEU A 145 
A 2 3 O LYS A 15 ? O LYS A 144 N PHE A 24  ? N PHE A 153 
A 3 4 O MET A 23 ? O MET A 152 N MET A 30  ? N MET A 159 
B 1 2 O GLN A 94 ? O GLN A 223 N VAL A 102 ? N VAL A 231 
# 
loop_
_struct_site.id 
_struct_site.pdbx_evidence_code 
_struct_site.pdbx_auth_asym_id 
_struct_site.pdbx_auth_comp_id 
_struct_site.pdbx_auth_seq_id 
_struct_site.pdbx_auth_ins_code 
_struct_site.pdbx_num_residues 
_struct_site.details 
RH  Unknown ? ? ? ? 1 'RECOGNITION HELIX.'                                                 
W1  Unknown ? ? ? ? 1 'RECOGNITION WING.'                                                  
ALP Unknown ? ? ? ? 1 'ALPHA LOOP, SITE OF INTERACTION WITH RNA POLYMERASE ALPHA SUBUNIT.' 
# 
loop_
_struct_site_gen.id 
_struct_site_gen.site_id 
_struct_site_gen.pdbx_num_res 
_struct_site_gen.label_comp_id 
_struct_site_gen.label_asym_id 
_struct_site_gen.label_seq_id 
_struct_site_gen.pdbx_auth_ins_code 
_struct_site_gen.auth_comp_id 
_struct_site_gen.auth_asym_id 
_struct_site_gen.auth_seq_id 
_struct_site_gen.label_atom_id 
_struct_site_gen.label_alt_id 
_struct_site_gen.symmetry 
_struct_site_gen.details 
1 RH  1 SER A 71 ? SER A 200 . ? 1_555 ? 
2 W1  1 THR A 95 ? THR A 224 . ? 1_555 ? 
3 ALP 1 ARG A 61 ? ARG A 190 . ? 1_555 ? 
# 
_pdbx_validate_symm_contact.id                1 
_pdbx_validate_symm_contact.PDB_model_num     1 
_pdbx_validate_symm_contact.auth_atom_id_1    CD1 
_pdbx_validate_symm_contact.auth_asym_id_1    A 
_pdbx_validate_symm_contact.auth_comp_id_1    LEU 
_pdbx_validate_symm_contact.auth_seq_id_1     228 
_pdbx_validate_symm_contact.PDB_ins_code_1    ? 
_pdbx_validate_symm_contact.label_alt_id_1    ? 
_pdbx_validate_symm_contact.site_symmetry_1   1_555 
_pdbx_validate_symm_contact.auth_atom_id_2    CD1 
_pdbx_validate_symm_contact.auth_asym_id_2    A 
_pdbx_validate_symm_contact.auth_comp_id_2    LEU 
_pdbx_validate_symm_contact.auth_seq_id_2     228 
_pdbx_validate_symm_contact.PDB_ins_code_2    ? 
_pdbx_validate_symm_contact.label_alt_id_2    ? 
_pdbx_validate_symm_contact.site_symmetry_2   4_556 
_pdbx_validate_symm_contact.dist              2.13 
# 
loop_
_pdbx_validate_rmsd_angle.id 
_pdbx_validate_rmsd_angle.PDB_model_num 
_pdbx_validate_rmsd_angle.auth_atom_id_1 
_pdbx_validate_rmsd_angle.auth_asym_id_1 
_pdbx_validate_rmsd_angle.auth_comp_id_1 
_pdbx_validate_rmsd_angle.auth_seq_id_1 
_pdbx_validate_rmsd_angle.PDB_ins_code_1 
_pdbx_validate_rmsd_angle.label_alt_id_1 
_pdbx_validate_rmsd_angle.auth_atom_id_2 
_pdbx_validate_rmsd_angle.auth_asym_id_2 
_pdbx_validate_rmsd_angle.auth_comp_id_2 
_pdbx_validate_rmsd_angle.auth_seq_id_2 
_pdbx_validate_rmsd_angle.PDB_ins_code_2 
_pdbx_validate_rmsd_angle.label_alt_id_2 
_pdbx_validate_rmsd_angle.auth_atom_id_3 
_pdbx_validate_rmsd_angle.auth_asym_id_3 
_pdbx_validate_rmsd_angle.auth_comp_id_3 
_pdbx_validate_rmsd_angle.auth_seq_id_3 
_pdbx_validate_rmsd_angle.PDB_ins_code_3 
_pdbx_validate_rmsd_angle.label_alt_id_3 
_pdbx_validate_rmsd_angle.angle_value 
_pdbx_validate_rmsd_angle.angle_target_value 
_pdbx_validate_rmsd_angle.angle_deviation 
_pdbx_validate_rmsd_angle.angle_standard_deviation 
_pdbx_validate_rmsd_angle.linker_flag 
1  1 CB  A ASP 156 ? ? CG A ASP 156 ? ? OD1 A ASP 156 ? ? 124.37 118.30 6.07  0.90 N 
2  1 CD  A ARG 182 ? ? NE A ARG 182 ? ? CZ  A ARG 182 ? ? 133.69 123.60 10.09 1.40 N 
3  1 NE  A ARG 182 ? ? CZ A ARG 182 ? ? NH1 A ARG 182 ? ? 125.19 120.30 4.89  0.50 N 
4  1 OE1 A GLU 193 ? ? CD A GLU 193 ? ? OE2 A GLU 193 ? ? 131.20 123.30 7.90  1.20 N 
5  1 CD  A ARG 199 ? ? NE A ARG 199 ? ? CZ  A ARG 199 ? ? 136.34 123.60 12.74 1.40 N 
6  1 NE  A ARG 199 ? ? CZ A ARG 199 ? ? NH1 A ARG 199 ? ? 123.41 120.30 3.11  0.50 N 
7  1 CD  A ARG 210 ? ? NE A ARG 210 ? ? CZ  A ARG 210 ? ? 133.93 123.60 10.33 1.40 N 
8  1 NE  A ARG 210 ? ? CZ A ARG 210 ? ? NH2 A ARG 210 ? ? 116.80 120.30 -3.50 0.50 N 
9  1 CB  A ASP 215 ? ? CG A ASP 215 ? ? OD1 A ASP 215 ? ? 123.85 118.30 5.55  0.90 N 
10 1 CB  A ASP 235 ? ? CG A ASP 235 ? ? OD2 A ASP 235 ? ? 111.94 118.30 -6.36 0.90 N 
# 
loop_
_pdbx_validate_torsion.id 
_pdbx_validate_torsion.PDB_model_num 
_pdbx_validate_torsion.auth_comp_id 
_pdbx_validate_torsion.auth_asym_id 
_pdbx_validate_torsion.auth_seq_id 
_pdbx_validate_torsion.PDB_ins_code 
_pdbx_validate_torsion.label_alt_id 
_pdbx_validate_torsion.phi 
_pdbx_validate_torsion.psi 
1 1 THR A 162 ? ? -49.98  163.51 
2 1 TYR A 194 ? ? -51.98  105.82 
3 1 SER A 195 ? ? -148.79 -73.35 
4 1 LEU A 228 ? ? -128.16 -77.04 
# 
loop_
_pdbx_unobs_or_zero_occ_residues.id 
_pdbx_unobs_or_zero_occ_residues.PDB_model_num 
_pdbx_unobs_or_zero_occ_residues.polymer_flag 
_pdbx_unobs_or_zero_occ_residues.occupancy_flag 
_pdbx_unobs_or_zero_occ_residues.auth_asym_id 
_pdbx_unobs_or_zero_occ_residues.auth_comp_id 
_pdbx_unobs_or_zero_occ_residues.auth_seq_id 
_pdbx_unobs_or_zero_occ_residues.PDB_ins_code 
_pdbx_unobs_or_zero_occ_residues.label_asym_id 
_pdbx_unobs_or_zero_occ_residues.label_comp_id 
_pdbx_unobs_or_zero_occ_residues.label_seq_id 
1  1 Y 1 A ALA 130 ? A ALA 1   
2  1 Y 1 A PRO 131 ? A PRO 2   
3  1 Y 1 A SER 132 ? A SER 3   
4  1 Y 1 A GLN 133 ? A GLN 4   
5  1 Y 1 A GLU 134 ? A GLU 5   
6  1 Y 1 A GLU 135 ? A GLU 6   
7  1 Y 1 A ALA 136 ? A ALA 7   
8  1 Y 1 A GLY 236 ? A GLY 107 
9  1 Y 1 A SER 237 ? A SER 108 
10 1 Y 1 A LYS 238 ? A LYS 109 
11 1 Y 1 A ALA 239 ? A ALA 110 
# 
loop_
_chem_comp_atom.comp_id 
_chem_comp_atom.atom_id 
_chem_comp_atom.type_symbol 
_chem_comp_atom.pdbx_aromatic_flag 
_chem_comp_atom.pdbx_stereo_config 
_chem_comp_atom.pdbx_ordinal 
ALA N    N N N 1   
ALA CA   C N S 2   
ALA C    C N N 3   
ALA O    O N N 4   
ALA CB   C N N 5   
ALA OXT  O N N 6   
ALA H    H N N 7   
ALA H2   H N N 8   
ALA HA   H N N 9   
ALA HB1  H N N 10  
ALA HB2  H N N 11  
ALA HB3  H N N 12  
ALA HXT  H N N 13  
ARG N    N N N 14  
ARG CA   C N S 15  
ARG C    C N N 16  
ARG O    O N N 17  
ARG CB   C N N 18  
ARG CG   C N N 19  
ARG CD   C N N 20  
ARG NE   N N N 21  
ARG CZ   C N N 22  
ARG NH1  N N N 23  
ARG NH2  N N N 24  
ARG OXT  O N N 25  
ARG H    H N N 26  
ARG H2   H N N 27  
ARG HA   H N N 28  
ARG HB2  H N N 29  
ARG HB3  H N N 30  
ARG HG2  H N N 31  
ARG HG3  H N N 32  
ARG HD2  H N N 33  
ARG HD3  H N N 34  
ARG HE   H N N 35  
ARG HH11 H N N 36  
ARG HH12 H N N 37  
ARG HH21 H N N 38  
ARG HH22 H N N 39  
ARG HXT  H N N 40  
ASN N    N N N 41  
ASN CA   C N S 42  
ASN C    C N N 43  
ASN O    O N N 44  
ASN CB   C N N 45  
ASN CG   C N N 46  
ASN OD1  O N N 47  
ASN ND2  N N N 48  
ASN OXT  O N N 49  
ASN H    H N N 50  
ASN H2   H N N 51  
ASN HA   H N N 52  
ASN HB2  H N N 53  
ASN HB3  H N N 54  
ASN HD21 H N N 55  
ASN HD22 H N N 56  
ASN HXT  H N N 57  
ASP N    N N N 58  
ASP CA   C N S 59  
ASP C    C N N 60  
ASP O    O N N 61  
ASP CB   C N N 62  
ASP CG   C N N 63  
ASP OD1  O N N 64  
ASP OD2  O N N 65  
ASP OXT  O N N 66  
ASP H    H N N 67  
ASP H2   H N N 68  
ASP HA   H N N 69  
ASP HB2  H N N 70  
ASP HB3  H N N 71  
ASP HD2  H N N 72  
ASP HXT  H N N 73  
GLN N    N N N 74  
GLN CA   C N S 75  
GLN C    C N N 76  
GLN O    O N N 77  
GLN CB   C N N 78  
GLN CG   C N N 79  
GLN CD   C N N 80  
GLN OE1  O N N 81  
GLN NE2  N N N 82  
GLN OXT  O N N 83  
GLN H    H N N 84  
GLN H2   H N N 85  
GLN HA   H N N 86  
GLN HB2  H N N 87  
GLN HB3  H N N 88  
GLN HG2  H N N 89  
GLN HG3  H N N 90  
GLN HE21 H N N 91  
GLN HE22 H N N 92  
GLN HXT  H N N 93  
GLU N    N N N 94  
GLU CA   C N S 95  
GLU C    C N N 96  
GLU O    O N N 97  
GLU CB   C N N 98  
GLU CG   C N N 99  
GLU CD   C N N 100 
GLU OE1  O N N 101 
GLU OE2  O N N 102 
GLU OXT  O N N 103 
GLU H    H N N 104 
GLU H2   H N N 105 
GLU HA   H N N 106 
GLU HB2  H N N 107 
GLU HB3  H N N 108 
GLU HG2  H N N 109 
GLU HG3  H N N 110 
GLU HE2  H N N 111 
GLU HXT  H N N 112 
GLY N    N N N 113 
GLY CA   C N N 114 
GLY C    C N N 115 
GLY O    O N N 116 
GLY OXT  O N N 117 
GLY H    H N N 118 
GLY H2   H N N 119 
GLY HA2  H N N 120 
GLY HA3  H N N 121 
GLY HXT  H N N 122 
HIS N    N N N 123 
HIS CA   C N S 124 
HIS C    C N N 125 
HIS O    O N N 126 
HIS CB   C N N 127 
HIS CG   C Y N 128 
HIS ND1  N Y N 129 
HIS CD2  C Y N 130 
HIS CE1  C Y N 131 
HIS NE2  N Y N 132 
HIS OXT  O N N 133 
HIS H    H N N 134 
HIS H2   H N N 135 
HIS HA   H N N 136 
HIS HB2  H N N 137 
HIS HB3  H N N 138 
HIS HD1  H N N 139 
HIS HD2  H N N 140 
HIS HE1  H N N 141 
HIS HE2  H N N 142 
HIS HXT  H N N 143 
HOH O    O N N 144 
HOH H1   H N N 145 
HOH H2   H N N 146 
ILE N    N N N 147 
ILE CA   C N S 148 
ILE C    C N N 149 
ILE O    O N N 150 
ILE CB   C N S 151 
ILE CG1  C N N 152 
ILE CG2  C N N 153 
ILE CD1  C N N 154 
ILE OXT  O N N 155 
ILE H    H N N 156 
ILE H2   H N N 157 
ILE HA   H N N 158 
ILE HB   H N N 159 
ILE HG12 H N N 160 
ILE HG13 H N N 161 
ILE HG21 H N N 162 
ILE HG22 H N N 163 
ILE HG23 H N N 164 
ILE HD11 H N N 165 
ILE HD12 H N N 166 
ILE HD13 H N N 167 
ILE HXT  H N N 168 
LEU N    N N N 169 
LEU CA   C N S 170 
LEU C    C N N 171 
LEU O    O N N 172 
LEU CB   C N N 173 
LEU CG   C N N 174 
LEU CD1  C N N 175 
LEU CD2  C N N 176 
LEU OXT  O N N 177 
LEU H    H N N 178 
LEU H2   H N N 179 
LEU HA   H N N 180 
LEU HB2  H N N 181 
LEU HB3  H N N 182 
LEU HG   H N N 183 
LEU HD11 H N N 184 
LEU HD12 H N N 185 
LEU HD13 H N N 186 
LEU HD21 H N N 187 
LEU HD22 H N N 188 
LEU HD23 H N N 189 
LEU HXT  H N N 190 
LYS N    N N N 191 
LYS CA   C N S 192 
LYS C    C N N 193 
LYS O    O N N 194 
LYS CB   C N N 195 
LYS CG   C N N 196 
LYS CD   C N N 197 
LYS CE   C N N 198 
LYS NZ   N N N 199 
LYS OXT  O N N 200 
LYS H    H N N 201 
LYS H2   H N N 202 
LYS HA   H N N 203 
LYS HB2  H N N 204 
LYS HB3  H N N 205 
LYS HG2  H N N 206 
LYS HG3  H N N 207 
LYS HD2  H N N 208 
LYS HD3  H N N 209 
LYS HE2  H N N 210 
LYS HE3  H N N 211 
LYS HZ1  H N N 212 
LYS HZ2  H N N 213 
LYS HZ3  H N N 214 
LYS HXT  H N N 215 
MET N    N N N 216 
MET CA   C N S 217 
MET C    C N N 218 
MET O    O N N 219 
MET CB   C N N 220 
MET CG   C N N 221 
MET SD   S N N 222 
MET CE   C N N 223 
MET OXT  O N N 224 
MET H    H N N 225 
MET H2   H N N 226 
MET HA   H N N 227 
MET HB2  H N N 228 
MET HB3  H N N 229 
MET HG2  H N N 230 
MET HG3  H N N 231 
MET HE1  H N N 232 
MET HE2  H N N 233 
MET HE3  H N N 234 
MET HXT  H N N 235 
PHE N    N N N 236 
PHE CA   C N S 237 
PHE C    C N N 238 
PHE O    O N N 239 
PHE CB   C N N 240 
PHE CG   C Y N 241 
PHE CD1  C Y N 242 
PHE CD2  C Y N 243 
PHE CE1  C Y N 244 
PHE CE2  C Y N 245 
PHE CZ   C Y N 246 
PHE OXT  O N N 247 
PHE H    H N N 248 
PHE H2   H N N 249 
PHE HA   H N N 250 
PHE HB2  H N N 251 
PHE HB3  H N N 252 
PHE HD1  H N N 253 
PHE HD2  H N N 254 
PHE HE1  H N N 255 
PHE HE2  H N N 256 
PHE HZ   H N N 257 
PHE HXT  H N N 258 
PRO N    N N N 259 
PRO CA   C N S 260 
PRO C    C N N 261 
PRO O    O N N 262 
PRO CB   C N N 263 
PRO CG   C N N 264 
PRO CD   C N N 265 
PRO OXT  O N N 266 
PRO H    H N N 267 
PRO HA   H N N 268 
PRO HB2  H N N 269 
PRO HB3  H N N 270 
PRO HG2  H N N 271 
PRO HG3  H N N 272 
PRO HD2  H N N 273 
PRO HD3  H N N 274 
PRO HXT  H N N 275 
SER N    N N N 276 
SER CA   C N S 277 
SER C    C N N 278 
SER O    O N N 279 
SER CB   C N N 280 
SER OG   O N N 281 
SER OXT  O N N 282 
SER H    H N N 283 
SER H2   H N N 284 
SER HA   H N N 285 
SER HB2  H N N 286 
SER HB3  H N N 287 
SER HG   H N N 288 
SER HXT  H N N 289 
THR N    N N N 290 
THR CA   C N S 291 
THR C    C N N 292 
THR O    O N N 293 
THR CB   C N R 294 
THR OG1  O N N 295 
THR CG2  C N N 296 
THR OXT  O N N 297 
THR H    H N N 298 
THR H2   H N N 299 
THR HA   H N N 300 
THR HB   H N N 301 
THR HG1  H N N 302 
THR HG21 H N N 303 
THR HG22 H N N 304 
THR HG23 H N N 305 
THR HXT  H N N 306 
TRP N    N N N 307 
TRP CA   C N S 308 
TRP C    C N N 309 
TRP O    O N N 310 
TRP CB   C N N 311 
TRP CG   C Y N 312 
TRP CD1  C Y N 313 
TRP CD2  C Y N 314 
TRP NE1  N Y N 315 
TRP CE2  C Y N 316 
TRP CE3  C Y N 317 
TRP CZ2  C Y N 318 
TRP CZ3  C Y N 319 
TRP CH2  C Y N 320 
TRP OXT  O N N 321 
TRP H    H N N 322 
TRP H2   H N N 323 
TRP HA   H N N 324 
TRP HB2  H N N 325 
TRP HB3  H N N 326 
TRP HD1  H N N 327 
TRP HE1  H N N 328 
TRP HE3  H N N 329 
TRP HZ2  H N N 330 
TRP HZ3  H N N 331 
TRP HH2  H N N 332 
TRP HXT  H N N 333 
TYR N    N N N 334 
TYR CA   C N S 335 
TYR C    C N N 336 
TYR O    O N N 337 
TYR CB   C N N 338 
TYR CG   C Y N 339 
TYR CD1  C Y N 340 
TYR CD2  C Y N 341 
TYR CE1  C Y N 342 
TYR CE2  C Y N 343 
TYR CZ   C Y N 344 
TYR OH   O N N 345 
TYR OXT  O N N 346 
TYR H    H N N 347 
TYR H2   H N N 348 
TYR HA   H N N 349 
TYR HB2  H N N 350 
TYR HB3  H N N 351 
TYR HD1  H N N 352 
TYR HD2  H N N 353 
TYR HE1  H N N 354 
TYR HE2  H N N 355 
TYR HH   H N N 356 
TYR HXT  H N N 357 
VAL N    N N N 358 
VAL CA   C N S 359 
VAL C    C N N 360 
VAL O    O N N 361 
VAL CB   C N N 362 
VAL CG1  C N N 363 
VAL CG2  C N N 364 
VAL OXT  O N N 365 
VAL H    H N N 366 
VAL H2   H N N 367 
VAL HA   H N N 368 
VAL HB   H N N 369 
VAL HG11 H N N 370 
VAL HG12 H N N 371 
VAL HG13 H N N 372 
VAL HG21 H N N 373 
VAL HG22 H N N 374 
VAL HG23 H N N 375 
VAL HXT  H N N 376 
# 
loop_
_chem_comp_bond.comp_id 
_chem_comp_bond.atom_id_1 
_chem_comp_bond.atom_id_2 
_chem_comp_bond.value_order 
_chem_comp_bond.pdbx_aromatic_flag 
_chem_comp_bond.pdbx_stereo_config 
_chem_comp_bond.pdbx_ordinal 
ALA N   CA   sing N N 1   
ALA N   H    sing N N 2   
ALA N   H2   sing N N 3   
ALA CA  C    sing N N 4   
ALA CA  CB   sing N N 5   
ALA CA  HA   sing N N 6   
ALA C   O    doub N N 7   
ALA C   OXT  sing N N 8   
ALA CB  HB1  sing N N 9   
ALA CB  HB2  sing N N 10  
ALA CB  HB3  sing N N 11  
ALA OXT HXT  sing N N 12  
ARG N   CA   sing N N 13  
ARG N   H    sing N N 14  
ARG N   H2   sing N N 15  
ARG CA  C    sing N N 16  
ARG CA  CB   sing N N 17  
ARG CA  HA   sing N N 18  
ARG C   O    doub N N 19  
ARG C   OXT  sing N N 20  
ARG CB  CG   sing N N 21  
ARG CB  HB2  sing N N 22  
ARG CB  HB3  sing N N 23  
ARG CG  CD   sing N N 24  
ARG CG  HG2  sing N N 25  
ARG CG  HG3  sing N N 26  
ARG CD  NE   sing N N 27  
ARG CD  HD2  sing N N 28  
ARG CD  HD3  sing N N 29  
ARG NE  CZ   sing N N 30  
ARG NE  HE   sing N N 31  
ARG CZ  NH1  sing N N 32  
ARG CZ  NH2  doub N N 33  
ARG NH1 HH11 sing N N 34  
ARG NH1 HH12 sing N N 35  
ARG NH2 HH21 sing N N 36  
ARG NH2 HH22 sing N N 37  
ARG OXT HXT  sing N N 38  
ASN N   CA   sing N N 39  
ASN N   H    sing N N 40  
ASN N   H2   sing N N 41  
ASN CA  C    sing N N 42  
ASN CA  CB   sing N N 43  
ASN CA  HA   sing N N 44  
ASN C   O    doub N N 45  
ASN C   OXT  sing N N 46  
ASN CB  CG   sing N N 47  
ASN CB  HB2  sing N N 48  
ASN CB  HB3  sing N N 49  
ASN CG  OD1  doub N N 50  
ASN CG  ND2  sing N N 51  
ASN ND2 HD21 sing N N 52  
ASN ND2 HD22 sing N N 53  
ASN OXT HXT  sing N N 54  
ASP N   CA   sing N N 55  
ASP N   H    sing N N 56  
ASP N   H2   sing N N 57  
ASP CA  C    sing N N 58  
ASP CA  CB   sing N N 59  
ASP CA  HA   sing N N 60  
ASP C   O    doub N N 61  
ASP C   OXT  sing N N 62  
ASP CB  CG   sing N N 63  
ASP CB  HB2  sing N N 64  
ASP CB  HB3  sing N N 65  
ASP CG  OD1  doub N N 66  
ASP CG  OD2  sing N N 67  
ASP OD2 HD2  sing N N 68  
ASP OXT HXT  sing N N 69  
GLN N   CA   sing N N 70  
GLN N   H    sing N N 71  
GLN N   H2   sing N N 72  
GLN CA  C    sing N N 73  
GLN CA  CB   sing N N 74  
GLN CA  HA   sing N N 75  
GLN C   O    doub N N 76  
GLN C   OXT  sing N N 77  
GLN CB  CG   sing N N 78  
GLN CB  HB2  sing N N 79  
GLN CB  HB3  sing N N 80  
GLN CG  CD   sing N N 81  
GLN CG  HG2  sing N N 82  
GLN CG  HG3  sing N N 83  
GLN CD  OE1  doub N N 84  
GLN CD  NE2  sing N N 85  
GLN NE2 HE21 sing N N 86  
GLN NE2 HE22 sing N N 87  
GLN OXT HXT  sing N N 88  
GLU N   CA   sing N N 89  
GLU N   H    sing N N 90  
GLU N   H2   sing N N 91  
GLU CA  C    sing N N 92  
GLU CA  CB   sing N N 93  
GLU CA  HA   sing N N 94  
GLU C   O    doub N N 95  
GLU C   OXT  sing N N 96  
GLU CB  CG   sing N N 97  
GLU CB  HB2  sing N N 98  
GLU CB  HB3  sing N N 99  
GLU CG  CD   sing N N 100 
GLU CG  HG2  sing N N 101 
GLU CG  HG3  sing N N 102 
GLU CD  OE1  doub N N 103 
GLU CD  OE2  sing N N 104 
GLU OE2 HE2  sing N N 105 
GLU OXT HXT  sing N N 106 
GLY N   CA   sing N N 107 
GLY N   H    sing N N 108 
GLY N   H2   sing N N 109 
GLY CA  C    sing N N 110 
GLY CA  HA2  sing N N 111 
GLY CA  HA3  sing N N 112 
GLY C   O    doub N N 113 
GLY C   OXT  sing N N 114 
GLY OXT HXT  sing N N 115 
HIS N   CA   sing N N 116 
HIS N   H    sing N N 117 
HIS N   H2   sing N N 118 
HIS CA  C    sing N N 119 
HIS CA  CB   sing N N 120 
HIS CA  HA   sing N N 121 
HIS C   O    doub N N 122 
HIS C   OXT  sing N N 123 
HIS CB  CG   sing N N 124 
HIS CB  HB2  sing N N 125 
HIS CB  HB3  sing N N 126 
HIS CG  ND1  sing Y N 127 
HIS CG  CD2  doub Y N 128 
HIS ND1 CE1  doub Y N 129 
HIS ND1 HD1  sing N N 130 
HIS CD2 NE2  sing Y N 131 
HIS CD2 HD2  sing N N 132 
HIS CE1 NE2  sing Y N 133 
HIS CE1 HE1  sing N N 134 
HIS NE2 HE2  sing N N 135 
HIS OXT HXT  sing N N 136 
HOH O   H1   sing N N 137 
HOH O   H2   sing N N 138 
ILE N   CA   sing N N 139 
ILE N   H    sing N N 140 
ILE N   H2   sing N N 141 
ILE CA  C    sing N N 142 
ILE CA  CB   sing N N 143 
ILE CA  HA   sing N N 144 
ILE C   O    doub N N 145 
ILE C   OXT  sing N N 146 
ILE CB  CG1  sing N N 147 
ILE CB  CG2  sing N N 148 
ILE CB  HB   sing N N 149 
ILE CG1 CD1  sing N N 150 
ILE CG1 HG12 sing N N 151 
ILE CG1 HG13 sing N N 152 
ILE CG2 HG21 sing N N 153 
ILE CG2 HG22 sing N N 154 
ILE CG2 HG23 sing N N 155 
ILE CD1 HD11 sing N N 156 
ILE CD1 HD12 sing N N 157 
ILE CD1 HD13 sing N N 158 
ILE OXT HXT  sing N N 159 
LEU N   CA   sing N N 160 
LEU N   H    sing N N 161 
LEU N   H2   sing N N 162 
LEU CA  C    sing N N 163 
LEU CA  CB   sing N N 164 
LEU CA  HA   sing N N 165 
LEU C   O    doub N N 166 
LEU C   OXT  sing N N 167 
LEU CB  CG   sing N N 168 
LEU CB  HB2  sing N N 169 
LEU CB  HB3  sing N N 170 
LEU CG  CD1  sing N N 171 
LEU CG  CD2  sing N N 172 
LEU CG  HG   sing N N 173 
LEU CD1 HD11 sing N N 174 
LEU CD1 HD12 sing N N 175 
LEU CD1 HD13 sing N N 176 
LEU CD2 HD21 sing N N 177 
LEU CD2 HD22 sing N N 178 
LEU CD2 HD23 sing N N 179 
LEU OXT HXT  sing N N 180 
LYS N   CA   sing N N 181 
LYS N   H    sing N N 182 
LYS N   H2   sing N N 183 
LYS CA  C    sing N N 184 
LYS CA  CB   sing N N 185 
LYS CA  HA   sing N N 186 
LYS C   O    doub N N 187 
LYS C   OXT  sing N N 188 
LYS CB  CG   sing N N 189 
LYS CB  HB2  sing N N 190 
LYS CB  HB3  sing N N 191 
LYS CG  CD   sing N N 192 
LYS CG  HG2  sing N N 193 
LYS CG  HG3  sing N N 194 
LYS CD  CE   sing N N 195 
LYS CD  HD2  sing N N 196 
LYS CD  HD3  sing N N 197 
LYS CE  NZ   sing N N 198 
LYS CE  HE2  sing N N 199 
LYS CE  HE3  sing N N 200 
LYS NZ  HZ1  sing N N 201 
LYS NZ  HZ2  sing N N 202 
LYS NZ  HZ3  sing N N 203 
LYS OXT HXT  sing N N 204 
MET N   CA   sing N N 205 
MET N   H    sing N N 206 
MET N   H2   sing N N 207 
MET CA  C    sing N N 208 
MET CA  CB   sing N N 209 
MET CA  HA   sing N N 210 
MET C   O    doub N N 211 
MET C   OXT  sing N N 212 
MET CB  CG   sing N N 213 
MET CB  HB2  sing N N 214 
MET CB  HB3  sing N N 215 
MET CG  SD   sing N N 216 
MET CG  HG2  sing N N 217 
MET CG  HG3  sing N N 218 
MET SD  CE   sing N N 219 
MET CE  HE1  sing N N 220 
MET CE  HE2  sing N N 221 
MET CE  HE3  sing N N 222 
MET OXT HXT  sing N N 223 
PHE N   CA   sing N N 224 
PHE N   H    sing N N 225 
PHE N   H2   sing N N 226 
PHE CA  C    sing N N 227 
PHE CA  CB   sing N N 228 
PHE CA  HA   sing N N 229 
PHE C   O    doub N N 230 
PHE C   OXT  sing N N 231 
PHE CB  CG   sing N N 232 
PHE CB  HB2  sing N N 233 
PHE CB  HB3  sing N N 234 
PHE CG  CD1  doub Y N 235 
PHE CG  CD2  sing Y N 236 
PHE CD1 CE1  sing Y N 237 
PHE CD1 HD1  sing N N 238 
PHE CD2 CE2  doub Y N 239 
PHE CD2 HD2  sing N N 240 
PHE CE1 CZ   doub Y N 241 
PHE CE1 HE1  sing N N 242 
PHE CE2 CZ   sing Y N 243 
PHE CE2 HE2  sing N N 244 
PHE CZ  HZ   sing N N 245 
PHE OXT HXT  sing N N 246 
PRO N   CA   sing N N 247 
PRO N   CD   sing N N 248 
PRO N   H    sing N N 249 
PRO CA  C    sing N N 250 
PRO CA  CB   sing N N 251 
PRO CA  HA   sing N N 252 
PRO C   O    doub N N 253 
PRO C   OXT  sing N N 254 
PRO CB  CG   sing N N 255 
PRO CB  HB2  sing N N 256 
PRO CB  HB3  sing N N 257 
PRO CG  CD   sing N N 258 
PRO CG  HG2  sing N N 259 
PRO CG  HG3  sing N N 260 
PRO CD  HD2  sing N N 261 
PRO CD  HD3  sing N N 262 
PRO OXT HXT  sing N N 263 
SER N   CA   sing N N 264 
SER N   H    sing N N 265 
SER N   H2   sing N N 266 
SER CA  C    sing N N 267 
SER CA  CB   sing N N 268 
SER CA  HA   sing N N 269 
SER C   O    doub N N 270 
SER C   OXT  sing N N 271 
SER CB  OG   sing N N 272 
SER CB  HB2  sing N N 273 
SER CB  HB3  sing N N 274 
SER OG  HG   sing N N 275 
SER OXT HXT  sing N N 276 
THR N   CA   sing N N 277 
THR N   H    sing N N 278 
THR N   H2   sing N N 279 
THR CA  C    sing N N 280 
THR CA  CB   sing N N 281 
THR CA  HA   sing N N 282 
THR C   O    doub N N 283 
THR C   OXT  sing N N 284 
THR CB  OG1  sing N N 285 
THR CB  CG2  sing N N 286 
THR CB  HB   sing N N 287 
THR OG1 HG1  sing N N 288 
THR CG2 HG21 sing N N 289 
THR CG2 HG22 sing N N 290 
THR CG2 HG23 sing N N 291 
THR OXT HXT  sing N N 292 
TRP N   CA   sing N N 293 
TRP N   H    sing N N 294 
TRP N   H2   sing N N 295 
TRP CA  C    sing N N 296 
TRP CA  CB   sing N N 297 
TRP CA  HA   sing N N 298 
TRP C   O    doub N N 299 
TRP C   OXT  sing N N 300 
TRP CB  CG   sing N N 301 
TRP CB  HB2  sing N N 302 
TRP CB  HB3  sing N N 303 
TRP CG  CD1  doub Y N 304 
TRP CG  CD2  sing Y N 305 
TRP CD1 NE1  sing Y N 306 
TRP CD1 HD1  sing N N 307 
TRP CD2 CE2  doub Y N 308 
TRP CD2 CE3  sing Y N 309 
TRP NE1 CE2  sing Y N 310 
TRP NE1 HE1  sing N N 311 
TRP CE2 CZ2  sing Y N 312 
TRP CE3 CZ3  doub Y N 313 
TRP CE3 HE3  sing N N 314 
TRP CZ2 CH2  doub Y N 315 
TRP CZ2 HZ2  sing N N 316 
TRP CZ3 CH2  sing Y N 317 
TRP CZ3 HZ3  sing N N 318 
TRP CH2 HH2  sing N N 319 
TRP OXT HXT  sing N N 320 
TYR N   CA   sing N N 321 
TYR N   H    sing N N 322 
TYR N   H2   sing N N 323 
TYR CA  C    sing N N 324 
TYR CA  CB   sing N N 325 
TYR CA  HA   sing N N 326 
TYR C   O    doub N N 327 
TYR C   OXT  sing N N 328 
TYR CB  CG   sing N N 329 
TYR CB  HB2  sing N N 330 
TYR CB  HB3  sing N N 331 
TYR CG  CD1  doub Y N 332 
TYR CG  CD2  sing Y N 333 
TYR CD1 CE1  sing Y N 334 
TYR CD1 HD1  sing N N 335 
TYR CD2 CE2  doub Y N 336 
TYR CD2 HD2  sing N N 337 
TYR CE1 CZ   doub Y N 338 
TYR CE1 HE1  sing N N 339 
TYR CE2 CZ   sing Y N 340 
TYR CE2 HE2  sing N N 341 
TYR CZ  OH   sing N N 342 
TYR OH  HH   sing N N 343 
TYR OXT HXT  sing N N 344 
VAL N   CA   sing N N 345 
VAL N   H    sing N N 346 
VAL N   H2   sing N N 347 
VAL CA  C    sing N N 348 
VAL CA  CB   sing N N 349 
VAL CA  HA   sing N N 350 
VAL C   O    doub N N 351 
VAL C   OXT  sing N N 352 
VAL CB  CG1  sing N N 353 
VAL CB  CG2  sing N N 354 
VAL CB  HB   sing N N 355 
VAL CG1 HG11 sing N N 356 
VAL CG1 HG12 sing N N 357 
VAL CG1 HG13 sing N N 358 
VAL CG2 HG21 sing N N 359 
VAL CG2 HG22 sing N N 360 
VAL CG2 HG23 sing N N 361 
VAL OXT HXT  sing N N 362 
# 
_atom_sites.entry_id                    1OPC 
_atom_sites.fract_transf_matrix[1][1]   0.00856753 
_atom_sites.fract_transf_matrix[1][2]   0.01515052 
_atom_sites.fract_transf_matrix[1][3]   -0.00884704 
_atom_sites.fract_transf_matrix[2][1]   -0.00961320 
_atom_sites.fract_transf_matrix[2][2]   0.00998773 
_atom_sites.fract_transf_matrix[2][3]   -0.01374981 
_atom_sites.fract_transf_matrix[3][1]   -0.00625266 
_atom_sites.fract_transf_matrix[3][2]   0.01057358 
_atom_sites.fract_transf_matrix[3][3]   0.01205210 
_atom_sites.fract_transf_vector[1]      0.523788 
_atom_sites.fract_transf_vector[2]      0.710300 
_atom_sites.fract_transf_vector[3]      0.247391 
# 
loop_
_atom_type.symbol 
C 
N 
O 
S 
# 
loop_
_atom_site.group_PDB 
_atom_site.id 
_atom_site.type_symbol 
_atom_site.label_atom_id 
_atom_site.label_alt_id 
_atom_site.label_comp_id 
_atom_site.label_asym_id 
_atom_site.label_entity_id 
_atom_site.label_seq_id 
_atom_site.pdbx_PDB_ins_code 
_atom_site.Cartn_x 
_atom_site.Cartn_y 
_atom_site.Cartn_z 
_atom_site.occupancy 
_atom_site.B_iso_or_equiv 
_atom_site.pdbx_formal_charge 
_atom_site.auth_seq_id 
_atom_site.auth_comp_id 
_atom_site.auth_asym_id 
_atom_site.auth_atom_id 
_atom_site.pdbx_PDB_model_num 
ATOM   1   N N   . VAL A 1 8   ? 7.988   3.990   -11.517 1.00 43.37 ? 137 VAL A N   1 
ATOM   2   C CA  . VAL A 1 8   ? 8.135   4.802   -10.270 1.00 40.51 ? 137 VAL A CA  1 
ATOM   3   C C   . VAL A 1 8   ? 8.817   3.944   -9.204  1.00 39.57 ? 137 VAL A C   1 
ATOM   4   O O   . VAL A 1 8   ? 9.919   4.313   -8.749  1.00 40.96 ? 137 VAL A O   1 
ATOM   5   C CB  . VAL A 1 8   ? 6.814   5.376   -9.725  1.00 40.98 ? 137 VAL A CB  1 
ATOM   6   C CG1 . VAL A 1 8   ? 7.079   6.362   -8.588  1.00 40.64 ? 137 VAL A CG1 1 
ATOM   7   C CG2 . VAL A 1 8   ? 5.998   6.050   -10.800 1.00 39.48 ? 137 VAL A CG2 1 
ATOM   8   N N   . ILE A 1 9   ? 8.183   2.850   -8.773  1.00 35.57 ? 138 ILE A N   1 
ATOM   9   C CA  . ILE A 1 9   ? 8.688   2.159   -7.592  1.00 32.62 ? 138 ILE A CA  1 
ATOM   10  C C   . ILE A 1 9   ? 8.826   0.647   -7.778  1.00 29.28 ? 138 ILE A C   1 
ATOM   11  O O   . ILE A 1 9   ? 7.932   -0.053  -8.237  1.00 27.31 ? 138 ILE A O   1 
ATOM   12  C CB  . ILE A 1 9   ? 7.878   2.435   -6.314  1.00 34.28 ? 138 ILE A CB  1 
ATOM   13  C CG1 . ILE A 1 9   ? 8.603   1.915   -5.077  1.00 36.27 ? 138 ILE A CG1 1 
ATOM   14  C CG2 . ILE A 1 9   ? 6.499   1.837   -6.362  1.00 34.77 ? 138 ILE A CG2 1 
ATOM   15  C CD1 . ILE A 1 9   ? 7.840   2.073   -3.782  1.00 39.28 ? 138 ILE A CD1 1 
ATOM   16  N N   . ALA A 1 10  ? 9.956   0.159   -7.312  1.00 25.62 ? 139 ALA A N   1 
ATOM   17  C CA  . ALA A 1 10  ? 10.202  -1.285  -7.316  1.00 25.19 ? 139 ALA A CA  1 
ATOM   18  C C   . ALA A 1 10  ? 10.521  -1.746  -5.906  1.00 22.88 ? 139 ALA A C   1 
ATOM   19  O O   . ALA A 1 10  ? 11.420  -1.231  -5.238  1.00 25.16 ? 139 ALA A O   1 
ATOM   20  C CB  . ALA A 1 10  ? 11.328  -1.620  -8.280  1.00 23.88 ? 139 ALA A CB  1 
ATOM   21  N N   . PHE A 1 11  ? 9.831   -2.798  -5.496  1.00 21.11 ? 140 PHE A N   1 
ATOM   22  C CA  . PHE A 1 11  ? 10.187  -3.534  -4.308  1.00 19.55 ? 140 PHE A CA  1 
ATOM   23  C C   . PHE A 1 11  ? 9.866   -4.993  -4.454  1.00 17.15 ? 140 PHE A C   1 
ATOM   24  O O   . PHE A 1 11  ? 8.816   -5.416  -4.946  1.00 16.59 ? 140 PHE A O   1 
ATOM   25  C CB  . PHE A 1 11  ? 9.420   -2.978  -3.060  1.00 19.88 ? 140 PHE A CB  1 
ATOM   26  C CG  . PHE A 1 11  ? 7.933   -2.953  -3.277  1.00 21.07 ? 140 PHE A CG  1 
ATOM   27  C CD1 . PHE A 1 11  ? 7.332   -1.921  -3.959  1.00 22.26 ? 140 PHE A CD1 1 
ATOM   28  C CD2 . PHE A 1 11  ? 7.132   -3.978  -2.794  1.00 19.97 ? 140 PHE A CD2 1 
ATOM   29  C CE1 . PHE A 1 11  ? 5.972   -1.906  -4.168  1.00 22.02 ? 140 PHE A CE1 1 
ATOM   30  C CE2 . PHE A 1 11  ? 5.768   -3.964  -2.991  1.00 22.03 ? 140 PHE A CE2 1 
ATOM   31  C CZ  . PHE A 1 11  ? 5.185   -2.913  -3.658  1.00 22.01 ? 140 PHE A CZ  1 
ATOM   32  N N   . GLY A 1 12  ? 10.727  -5.849  -3.913  1.00 18.32 ? 141 GLY A N   1 
ATOM   33  C CA  . GLY A 1 12  ? 10.584  -7.291  -4.143  1.00 17.79 ? 141 GLY A CA  1 
ATOM   34  C C   . GLY A 1 12  ? 10.398  -7.606  -5.621  1.00 19.55 ? 141 GLY A C   1 
ATOM   35  O O   . GLY A 1 12  ? 11.146  -7.187  -6.520  1.00 19.78 ? 141 GLY A O   1 
ATOM   36  N N   . LYS A 1 13  ? 9.364   -8.378  -5.906  1.00 19.22 ? 142 LYS A N   1 
ATOM   37  C CA  . LYS A 1 13  ? 9.025   -8.806  -7.276  1.00 20.60 ? 142 LYS A CA  1 
ATOM   38  C C   . LYS A 1 13  ? 8.049   -7.843  -7.922  1.00 20.52 ? 142 LYS A C   1 
ATOM   39  O O   . LYS A 1 13  ? 7.552   -8.056  -9.037  1.00 18.93 ? 142 LYS A O   1 
ATOM   40  C CB  . LYS A 1 13  ? 8.373   -10.188 -7.226  1.00 24.37 ? 142 LYS A CB  1 
ATOM   41  C CG  . LYS A 1 13  ? 9.103   -11.361 -6.646  1.00 27.49 ? 142 LYS A CG  1 
ATOM   42  C CD  . LYS A 1 13  ? 8.284   -12.435 -5.955  1.00 31.00 ? 142 LYS A CD  1 
ATOM   43  C CE  . LYS A 1 13  ? 6.883   -12.612 -6.485  1.00 32.86 ? 142 LYS A CE  1 
ATOM   44  N NZ  . LYS A 1 13  ? 6.265   -13.911 -6.083  1.00 37.89 ? 142 LYS A NZ  1 
ATOM   45  N N   . PHE A 1 14  ? 7.794   -6.693  -7.240  1.00 17.10 ? 143 PHE A N   1 
ATOM   46  C CA  . PHE A 1 14  ? 6.782   -5.744  -7.679  1.00 16.16 ? 143 PHE A CA  1 
ATOM   47  C C   . PHE A 1 14  ? 7.355   -4.490  -8.300  1.00 14.78 ? 143 PHE A C   1 
ATOM   48  O O   . PHE A 1 14  ? 8.454   -3.989  -8.035  1.00 13.79 ? 143 PHE A O   1 
ATOM   49  C CB  . PHE A 1 14  ? 5.860   -5.338  -6.468  1.00 15.89 ? 143 PHE A CB  1 
ATOM   50  C CG  . PHE A 1 14  ? 5.217   -6.567  -5.906  1.00 13.32 ? 143 PHE A CG  1 
ATOM   51  C CD1 . PHE A 1 14  ? 4.119   -7.143  -6.504  1.00 14.85 ? 143 PHE A CD1 1 
ATOM   52  C CD2 . PHE A 1 14  ? 5.820   -7.217  -4.824  1.00 14.95 ? 143 PHE A CD2 1 
ATOM   53  C CE1 . PHE A 1 14  ? 3.590   -8.308  -5.999  1.00 16.11 ? 143 PHE A CE1 1 
ATOM   54  C CE2 . PHE A 1 14  ? 5.285   -8.383  -4.326  1.00 17.02 ? 143 PHE A CE2 1 
ATOM   55  C CZ  . PHE A 1 14  ? 4.148   -8.922  -4.913  1.00 16.91 ? 143 PHE A CZ  1 
ATOM   56  N N   . LYS A 1 15  ? 6.650   -3.989  -9.306  1.00 15.46 ? 144 LYS A N   1 
ATOM   57  C CA  . LYS A 1 15  ? 6.923   -2.688  -9.904  1.00 18.60 ? 144 LYS A CA  1 
ATOM   58  C C   . LYS A 1 15  ? 5.615   -1.914  -9.928  1.00 17.69 ? 144 LYS A C   1 
ATOM   59  O O   . LYS A 1 15  ? 4.615   -2.424  -10.422 1.00 16.03 ? 144 LYS A O   1 
ATOM   60  C CB  . LYS A 1 15  ? 7.464   -2.771  -11.346 1.00 22.41 ? 144 LYS A CB  1 
ATOM   61  C CG  . LYS A 1 15  ? 8.664   -3.695  -11.513 1.00 25.29 ? 144 LYS A CG  1 
ATOM   62  C CD  . LYS A 1 15  ? 8.655   -4.210  -12.973 1.00 28.62 ? 144 LYS A CD  1 
ATOM   63  C CE  . LYS A 1 15  ? 10.044  -4.476  -13.488 1.00 31.85 ? 144 LYS A CE  1 
ATOM   64  N NZ  . LYS A 1 15  ? 10.351  -5.926  -13.711 1.00 33.55 ? 144 LYS A NZ  1 
ATOM   65  N N   . LEU A 1 16  ? 5.618   -0.708  -9.333  1.00 17.83 ? 145 LEU A N   1 
ATOM   66  C CA  . LEU A 1 16  ? 4.384   0.060   -9.285  1.00 15.60 ? 145 LEU A CA  1 
ATOM   67  C C   . LEU A 1 16  ? 4.599   1.432   -9.940  1.00 18.20 ? 145 LEU A C   1 
ATOM   68  O O   . LEU A 1 16  ? 5.507   2.132   -9.492  1.00 18.89 ? 145 LEU A O   1 
ATOM   69  C CB  . LEU A 1 16  ? 4.013   0.266   -7.798  1.00 18.68 ? 145 LEU A CB  1 
ATOM   70  C CG  . LEU A 1 16  ? 2.890   1.276   -7.505  1.00 19.13 ? 145 LEU A CG  1 
ATOM   71  C CD1 . LEU A 1 16  ? 1.566   0.803   -8.013  1.00 19.17 ? 145 LEU A CD1 1 
ATOM   72  C CD2 . LEU A 1 16  ? 2.768   1.447   -5.976  1.00 20.35 ? 145 LEU A CD2 1 
ATOM   73  N N   . ASN A 1 17  ? 3.736   1.829   -10.830 1.00 19.30 ? 146 ASN A N   1 
ATOM   74  C CA  . ASN A 1 17  ? 3.788   3.086   -11.520 1.00 23.59 ? 146 ASN A CA  1 
ATOM   75  C C   . ASN A 1 17  ? 2.707   4.006   -10.905 1.00 23.75 ? 146 ASN A C   1 
ATOM   76  O O   . ASN A 1 17  ? 1.534   3.802   -11.055 1.00 22.54 ? 146 ASN A O   1 
ATOM   77  C CB  . ASN A 1 17  ? 3.493   2.989   -13.026 1.00 24.42 ? 146 ASN A CB  1 
ATOM   78  C CG  . ASN A 1 17  ? 3.798   4.324   -13.694 1.00 26.44 ? 146 ASN A CG  1 
ATOM   79  O OD1 . ASN A 1 17  ? 3.308   5.378   -13.302 1.00 26.95 ? 146 ASN A OD1 1 
ATOM   80  N ND2 . ASN A 1 17  ? 4.585   4.275   -14.758 1.00 26.37 ? 146 ASN A ND2 1 
ATOM   81  N N   . LEU A 1 18  ? 3.169   5.015   -10.197 1.00 25.93 ? 147 LEU A N   1 
ATOM   82  C CA  . LEU A 1 18  ? 2.328   5.878   -9.382  1.00 29.55 ? 147 LEU A CA  1 
ATOM   83  C C   . LEU A 1 18  ? 1.461   6.809   -10.211 1.00 30.32 ? 147 LEU A C   1 
ATOM   84  O O   . LEU A 1 18  ? 0.324   7.126   -9.858  1.00 30.57 ? 147 LEU A O   1 
ATOM   85  C CB  . LEU A 1 18  ? 3.284   6.688   -8.488  1.00 31.45 ? 147 LEU A CB  1 
ATOM   86  C CG  . LEU A 1 18  ? 3.290   6.396   -7.004  1.00 33.08 ? 147 LEU A CG  1 
ATOM   87  C CD1 . LEU A 1 18  ? 2.892   4.997   -6.587  1.00 30.85 ? 147 LEU A CD1 1 
ATOM   88  C CD2 . LEU A 1 18  ? 4.657   6.769   -6.435  1.00 33.70 ? 147 LEU A CD2 1 
ATOM   89  N N   . GLY A 1 19  ? 2.009   7.253   -11.337 1.00 30.87 ? 148 GLY A N   1 
ATOM   90  C CA  . GLY A 1 19  ? 1.264   8.038   -12.299 1.00 32.64 ? 148 GLY A CA  1 
ATOM   91  C C   . GLY A 1 19  ? 0.188   7.290   -13.038 1.00 32.34 ? 148 GLY A C   1 
ATOM   92  O O   . GLY A 1 19  ? -0.858  7.894   -13.273 1.00 36.69 ? 148 GLY A O   1 
ATOM   93  N N   . THR A 1 20  ? 0.329   6.024   -13.450 1.00 30.72 ? 149 THR A N   1 
ATOM   94  C CA  . THR A 1 20  ? -0.638  5.372   -14.327 1.00 26.24 ? 149 THR A CA  1 
ATOM   95  C C   . THR A 1 20  ? -1.463  4.317   -13.619 1.00 25.38 ? 149 THR A C   1 
ATOM   96  O O   . THR A 1 20  ? -2.373  3.693   -14.147 1.00 24.01 ? 149 THR A O   1 
ATOM   97  C CB  . THR A 1 20  ? 0.087   4.630   -15.493 1.00 26.85 ? 149 THR A CB  1 
ATOM   98  O OG1 . THR A 1 20  ? 0.864   3.548   -14.942 1.00 24.68 ? 149 THR A OG1 1 
ATOM   99  C CG2 . THR A 1 20  ? 1.011   5.582   -16.243 1.00 26.25 ? 149 THR A CG2 1 
ATOM   100 N N   . ARG A 1 21  ? -1.082  3.995   -12.381 1.00 24.18 ? 150 ARG A N   1 
ATOM   101 C CA  . ARG A 1 21  ? -1.690  2.943   -11.592 1.00 24.26 ? 150 ARG A CA  1 
ATOM   102 C C   . ARG A 1 21  ? -1.494  1.560   -12.190 1.00 23.04 ? 150 ARG A C   1 
ATOM   103 O O   . ARG A 1 21  ? -2.245  0.620   -11.966 1.00 22.34 ? 150 ARG A O   1 
ATOM   104 C CB  . ARG A 1 21  ? -3.171  3.223   -11.320 1.00 27.76 ? 150 ARG A CB  1 
ATOM   105 C CG  . ARG A 1 21  ? -3.706  2.404   -10.170 1.00 28.51 ? 150 ARG A CG  1 
ATOM   106 C CD  . ARG A 1 21  ? -5.227  2.366   -10.189 1.00 29.63 ? 150 ARG A CD  1 
ATOM   107 N NE  . ARG A 1 21  ? -5.791  3.708   -9.992  1.00 28.13 ? 150 ARG A NE  1 
ATOM   108 C CZ  . ARG A 1 21  ? -7.026  3.818   -9.453  1.00 27.98 ? 150 ARG A CZ  1 
ATOM   109 N NH1 . ARG A 1 21  ? -7.679  2.711   -9.111  1.00 22.57 ? 150 ARG A NH1 1 
ATOM   110 N NH2 . ARG A 1 21  ? -7.550  5.044   -9.302  1.00 24.80 ? 150 ARG A NH2 1 
ATOM   111 N N   . GLU A 1 22  ? -0.338  1.359   -12.798 1.00 22.53 ? 151 GLU A N   1 
ATOM   112 C CA  . GLU A 1 22  ? 0.016   0.057   -13.368 1.00 20.36 ? 151 GLU A CA  1 
ATOM   113 C C   . GLU A 1 22  ? 0.857   -0.681  -12.341 1.00 17.43 ? 151 GLU A C   1 
ATOM   114 O O   . GLU A 1 22  ? 1.836   -0.101  -11.868 1.00 17.74 ? 151 GLU A O   1 
ATOM   115 C CB  . GLU A 1 22  ? 0.824   0.248   -14.658 1.00 23.65 ? 151 GLU A CB  1 
ATOM   116 C CG  . GLU A 1 22  ? -0.042  0.544   -15.886 1.00 26.22 ? 151 GLU A CG  1 
ATOM   117 C CD  . GLU A 1 22  ? 0.898   0.911   -17.032 1.00 28.29 ? 151 GLU A CD  1 
ATOM   118 O OE1 . GLU A 1 22  ? 1.570   1.951   -16.962 1.00 27.78 ? 151 GLU A OE1 1 
ATOM   119 O OE2 . GLU A 1 22  ? 0.994   0.088   -17.962 1.00 30.83 ? 151 GLU A OE2 1 
ATOM   120 N N   . MET A 1 23  ? 0.483   -1.901  -11.980 1.00 15.56 ? 152 MET A N   1 
ATOM   121 C CA  . MET A 1 23  ? 1.361   -2.689  -11.139 1.00 17.00 ? 152 MET A CA  1 
ATOM   122 C C   . MET A 1 23  ? 1.702   -4.078  -11.763 1.00 14.95 ? 152 MET A C   1 
ATOM   123 O O   . MET A 1 23  ? 0.828   -4.593  -12.383 1.00 15.70 ? 152 MET A O   1 
ATOM   124 C CB  . MET A 1 23  ? 0.626   -3.059  -9.859  1.00 17.76 ? 152 MET A CB  1 
ATOM   125 C CG  . MET A 1 23  ? 1.437   -4.085  -9.078  1.00 22.95 ? 152 MET A CG  1 
ATOM   126 S SD  . MET A 1 23  ? 2.205   -3.378  -7.656  1.00 35.88 ? 152 MET A SD  1 
ATOM   127 C CE  . MET A 1 23  ? 0.953   -3.259  -6.417  1.00 13.50 ? 152 MET A CE  1 
ATOM   128 N N   . PHE A 1 24  ? 2.893   -4.567  -11.461 1.00 15.79 ? 153 PHE A N   1 
ATOM   129 C CA  . PHE A 1 24  ? 3.337   -5.834  -12.085 1.00 17.13 ? 153 PHE A CA  1 
ATOM   130 C C   . PHE A 1 24  ? 3.935   -6.714  -11.018 1.00 14.62 ? 153 PHE A C   1 
ATOM   131 O O   . PHE A 1 24  ? 4.694   -6.221  -10.186 1.00 19.54 ? 153 PHE A O   1 
ATOM   132 C CB  . PHE A 1 24  ? 4.402   -5.537  -13.178 1.00 15.45 ? 153 PHE A CB  1 
ATOM   133 C CG  . PHE A 1 24  ? 3.815   -4.695  -14.271 1.00 16.82 ? 153 PHE A CG  1 
ATOM   134 C CD1 . PHE A 1 24  ? 2.986   -5.286  -15.221 1.00 16.67 ? 153 PHE A CD1 1 
ATOM   135 C CD2 . PHE A 1 24  ? 4.025   -3.327  -14.302 1.00 17.68 ? 153 PHE A CD2 1 
ATOM   136 C CE1 . PHE A 1 24  ? 2.441   -4.514  -16.234 1.00 18.54 ? 153 PHE A CE1 1 
ATOM   137 C CE2 . PHE A 1 24  ? 3.427   -2.570  -15.288 1.00 18.96 ? 153 PHE A CE2 1 
ATOM   138 C CZ  . PHE A 1 24  ? 2.616   -3.153  -16.232 1.00 16.82 ? 153 PHE A CZ  1 
ATOM   139 N N   . ARG A 1 25  ? 3.627   -7.996  -10.986 1.00 15.38 ? 154 ARG A N   1 
ATOM   140 C CA  . ARG A 1 25  ? 4.375   -8.940  -10.194 1.00 14.89 ? 154 ARG A CA  1 
ATOM   141 C C   . ARG A 1 25  ? 5.204   -9.901  -11.108 1.00 13.83 ? 154 ARG A C   1 
ATOM   142 O O   . ARG A 1 25  ? 4.545   -10.630 -11.817 1.00 12.77 ? 154 ARG A O   1 
ATOM   143 C CB  . ARG A 1 25  ? 3.437   -9.798  -9.355  1.00 17.36 ? 154 ARG A CB  1 
ATOM   144 C CG  . ARG A 1 25  ? 4.225   -10.711 -8.390  1.00 22.49 ? 154 ARG A CG  1 
ATOM   145 C CD  . ARG A 1 25  ? 3.433   -11.188 -7.163  1.00 26.36 ? 154 ARG A CD  1 
ATOM   146 N NE  . ARG A 1 25  ? 2.482   -12.256 -7.487  1.00 31.81 ? 154 ARG A NE  1 
ATOM   147 C CZ  . ARG A 1 25  ? 1.426   -12.642 -6.742  1.00 35.35 ? 154 ARG A CZ  1 
ATOM   148 N NH1 . ARG A 1 25  ? 1.140   -12.084 -5.559  1.00 34.78 ? 154 ARG A NH1 1 
ATOM   149 N NH2 . ARG A 1 25  ? 0.572   -13.604 -7.130  1.00 36.00 ? 154 ARG A NH2 1 
ATOM   150 N N   . GLU A 1 26  ? 6.494   -9.871  -10.995 1.00 16.69 ? 155 GLU A N   1 
ATOM   151 C CA  . GLU A 1 26  ? 7.347   -10.650 -11.947 1.00 18.57 ? 155 GLU A CA  1 
ATOM   152 C C   . GLU A 1 26  ? 7.011   -10.366 -13.384 1.00 18.20 ? 155 GLU A C   1 
ATOM   153 O O   . GLU A 1 26  ? 6.819   -11.267 -14.227 1.00 19.36 ? 155 GLU A O   1 
ATOM   154 C CB  . GLU A 1 26  ? 7.145   -12.138 -11.606 1.00 18.85 ? 155 GLU A CB  1 
ATOM   155 C CG  . GLU A 1 26  ? 7.800   -12.449 -10.272 1.00 23.22 ? 155 GLU A CG  1 
ATOM   156 C CD  . GLU A 1 26  ? 7.957   -13.886 -9.909  1.00 26.56 ? 155 GLU A CD  1 
ATOM   157 O OE1 . GLU A 1 26  ? 7.272   -14.737 -10.476 1.00 30.69 ? 155 GLU A OE1 1 
ATOM   158 O OE2 . GLU A 1 26  ? 8.743   -14.216 -9.005  1.00 29.65 ? 155 GLU A OE2 1 
ATOM   159 N N   . ASP A 1 27  ? 6.801   -9.100  -13.701 1.00 16.60 ? 156 ASP A N   1 
ATOM   160 C CA  . ASP A 1 27  ? 6.315   -8.502  -14.902 1.00 17.86 ? 156 ASP A CA  1 
ATOM   161 C C   . ASP A 1 27  ? 4.934   -8.842  -15.380 1.00 13.37 ? 156 ASP A C   1 
ATOM   162 O O   . ASP A 1 27  ? 4.606   -8.494  -16.531 1.00 17.27 ? 156 ASP A O   1 
ATOM   163 C CB  . ASP A 1 27  ? 7.331   -8.764  -16.054 1.00 21.89 ? 156 ASP A CB  1 
ATOM   164 C CG  . ASP A 1 27  ? 8.670   -8.135  -15.760 1.00 27.34 ? 156 ASP A CG  1 
ATOM   165 O OD1 . ASP A 1 27  ? 8.839   -6.920  -15.493 1.00 29.76 ? 156 ASP A OD1 1 
ATOM   166 O OD2 . ASP A 1 27  ? 9.657   -8.904  -15.760 1.00 30.83 ? 156 ASP A OD2 1 
ATOM   167 N N   . GLU A 1 28  ? 4.074   -9.527  -14.649 1.00 12.22 ? 157 GLU A N   1 
ATOM   168 C CA  . GLU A 1 28  ? 2.731   -9.845  -15.001 1.00 12.91 ? 157 GLU A CA  1 
ATOM   169 C C   . GLU A 1 28  ? 1.768   -8.774  -14.365 1.00 14.36 ? 157 GLU A C   1 
ATOM   170 O O   . GLU A 1 28  ? 2.022   -8.477  -13.214 1.00 14.22 ? 157 GLU A O   1 
ATOM   171 C CB  . GLU A 1 28  ? 2.250   -11.197 -14.475 1.00 14.52 ? 157 GLU A CB  1 
ATOM   172 C CG  . GLU A 1 28  ? 3.279   -12.317 -14.669 1.00 17.52 ? 157 GLU A CG  1 
ATOM   173 C CD  . GLU A 1 28  ? 2.963   -13.644 -14.084 1.00 19.25 ? 157 GLU A CD  1 
ATOM   174 O OE1 . GLU A 1 28  ? 1.960   -13.968 -13.418 1.00 19.29 ? 157 GLU A OE1 1 
ATOM   175 O OE2 . GLU A 1 28  ? 3.823   -14.554 -14.310 1.00 22.39 ? 157 GLU A OE2 1 
ATOM   176 N N   . PRO A 1 29  ? 0.920   -8.245  -15.181 1.00 15.60 ? 158 PRO A N   1 
ATOM   177 C CA  . PRO A 1 29  ? 0.012   -7.159  -14.770 1.00 16.94 ? 158 PRO A CA  1 
ATOM   178 C C   . PRO A 1 29  ? -0.979  -7.596  -13.708 1.00 15.63 ? 158 PRO A C   1 
ATOM   179 O O   . PRO A 1 29  ? -1.759  -8.564  -13.789 1.00 14.57 ? 158 PRO A O   1 
ATOM   180 C CB  . PRO A 1 29  ? -0.644  -6.708  -16.072 1.00 16.76 ? 158 PRO A CB  1 
ATOM   181 C CG  . PRO A 1 29  ? -0.607  -7.995  -16.928 1.00 17.29 ? 158 PRO A CG  1 
ATOM   182 C CD  . PRO A 1 29  ? 0.787   -8.502  -16.632 1.00 16.02 ? 158 PRO A CD  1 
ATOM   183 N N   . MET A 1 30  ? -0.956  -6.804  -12.610 1.00 17.47 ? 159 MET A N   1 
ATOM   184 C CA  . MET A 1 30  ? -1.836  -7.163  -11.458 1.00 17.70 ? 159 MET A CA  1 
ATOM   185 C C   . MET A 1 30  ? -2.651  -5.895  -11.076 1.00 16.62 ? 159 MET A C   1 
ATOM   186 O O   . MET A 1 30  ? -2.092  -4.802  -11.089 1.00 15.87 ? 159 MET A O   1 
ATOM   187 C CB  . MET A 1 30  ? -0.912  -7.634  -10.345 1.00 24.31 ? 159 MET A CB  1 
ATOM   188 C CG  . MET A 1 30  ? -1.410  -7.868  -8.945  1.00 32.19 ? 159 MET A CG  1 
ATOM   189 S SD  . MET A 1 30  ? -0.167  -8.168  -7.658  1.00 42.99 ? 159 MET A SD  1 
ATOM   190 C CE  . MET A 1 30  ? 1.081   -7.003  -8.017  1.00 37.49 ? 159 MET A CE  1 
ATOM   191 N N   . PRO A 1 31  ? -3.950  -5.980  -10.993 1.00 14.81 ? 160 PRO A N   1 
ATOM   192 C CA  . PRO A 1 31  ? -4.806  -4.808  -10.746 1.00 18.75 ? 160 PRO A CA  1 
ATOM   193 C C   . PRO A 1 31  ? -4.792  -4.351  -9.259  1.00 20.29 ? 160 PRO A C   1 
ATOM   194 O O   . PRO A 1 31  ? -4.599  -5.149  -8.358  1.00 22.17 ? 160 PRO A O   1 
ATOM   195 C CB  . PRO A 1 31  ? -6.191  -5.272  -11.172 1.00 16.06 ? 160 PRO A CB  1 
ATOM   196 C CG  . PRO A 1 31  ? -6.214  -6.732  -10.905 1.00 17.09 ? 160 PRO A CG  1 
ATOM   197 C CD  . PRO A 1 31  ? -4.758  -7.199  -10.989 1.00 15.96 ? 160 PRO A CD  1 
ATOM   198 N N   . LEU A 1 32  ? -5.049  -3.087  -9.090  1.00 23.92 ? 161 LEU A N   1 
ATOM   199 C CA  . LEU A 1 32  ? -5.183  -2.355  -7.838  1.00 26.61 ? 161 LEU A CA  1 
ATOM   200 C C   . LEU A 1 32  ? -6.526  -1.559  -7.892  1.00 24.81 ? 161 LEU A C   1 
ATOM   201 O O   . LEU A 1 32  ? -6.562  -0.501  -8.572  1.00 25.69 ? 161 LEU A O   1 
ATOM   202 C CB  . LEU A 1 32  ? -4.063  -1.357  -7.685  1.00 26.82 ? 161 LEU A CB  1 
ATOM   203 C CG  . LEU A 1 32  ? -2.896  -1.517  -6.721  1.00 28.92 ? 161 LEU A CG  1 
ATOM   204 C CD1 . LEU A 1 32  ? -2.831  -2.861  -6.069  1.00 27.30 ? 161 LEU A CD1 1 
ATOM   205 C CD2 . LEU A 1 32  ? -1.586  -1.143  -7.412  1.00 30.14 ? 161 LEU A CD2 1 
ATOM   206 N N   . THR A 1 33  ? -7.447  -2.062  -7.084  1.00 25.26 ? 162 THR A N   1 
ATOM   207 C CA  . THR A 1 33  ? -8.662  -1.265  -6.792  1.00 24.23 ? 162 THR A CA  1 
ATOM   208 C C   . THR A 1 33  ? -8.302  0.131   -6.375  1.00 22.60 ? 162 THR A C   1 
ATOM   209 O O   . THR A 1 33  ? -7.176  0.479   -5.996  1.00 21.72 ? 162 THR A O   1 
ATOM   210 C CB  . THR A 1 33  ? -9.586  -1.832  -5.708  1.00 26.74 ? 162 THR A CB  1 
ATOM   211 O OG1 . THR A 1 33  ? -9.025  -1.642  -4.380  1.00 24.61 ? 162 THR A OG1 1 
ATOM   212 C CG2 . THR A 1 33  ? -9.908  -3.302  -5.897  1.00 26.60 ? 162 THR A CG2 1 
ATOM   213 N N   . SER A 1 34  ? -9.321  1.033   -6.425  1.00 22.37 ? 163 SER A N   1 
ATOM   214 C CA  . SER A 1 34  ? -9.090  2.403   -6.020  1.00 19.78 ? 163 SER A CA  1 
ATOM   215 C C   . SER A 1 34  ? -8.524  2.488   -4.612  1.00 16.33 ? 163 SER A C   1 
ATOM   216 O O   . SER A 1 34  ? -7.609  3.291   -4.420  1.00 18.89 ? 163 SER A O   1 
ATOM   217 C CB  . SER A 1 34  ? -10.385 3.253   -6.128  1.00 22.64 ? 163 SER A CB  1 
ATOM   218 O OG  . SER A 1 34  ? -11.500 2.609   -5.503  1.00 23.61 ? 163 SER A OG  1 
ATOM   219 N N   . GLY A 1 35  ? -9.079  1.790   -3.647  1.00 18.38 ? 164 GLY A N   1 
ATOM   220 C CA  . GLY A 1 35  ? -8.657  1.957   -2.249  1.00 18.36 ? 164 GLY A CA  1 
ATOM   221 C C   . GLY A 1 35  ? -7.328  1.285   -1.961  1.00 17.11 ? 164 GLY A C   1 
ATOM   222 O O   . GLY A 1 35  ? -6.456  1.718   -1.182  1.00 15.90 ? 164 GLY A O   1 
ATOM   223 N N   . GLU A 1 36  ? -7.138  0.100   -2.612  1.00 15.99 ? 165 GLU A N   1 
ATOM   224 C CA  . GLU A 1 36  ? -5.807  -0.518  -2.545  1.00 15.19 ? 165 GLU A CA  1 
ATOM   225 C C   . GLU A 1 36  ? -4.724  0.383   -3.041  1.00 12.59 ? 165 GLU A C   1 
ATOM   226 O O   . GLU A 1 36  ? -3.694  0.606   -2.378  1.00 15.11 ? 165 GLU A O   1 
ATOM   227 C CB  . GLU A 1 36  ? -5.794  -1.845  -3.351  1.00 18.47 ? 165 GLU A CB  1 
ATOM   228 C CG  . GLU A 1 36  ? -6.632  -2.905  -2.692  1.00 19.63 ? 165 GLU A CG  1 
ATOM   229 C CD  . GLU A 1 36  ? -6.999  -4.094  -3.603  1.00 23.48 ? 165 GLU A CD  1 
ATOM   230 O OE1 . GLU A 1 36  ? -6.647  -4.172  -4.772  1.00 22.73 ? 165 GLU A OE1 1 
ATOM   231 O OE2 . GLU A 1 36  ? -7.677  -4.920  -3.000  1.00 25.95 ? 165 GLU A OE2 1 
ATOM   232 N N   . PHE A 1 37  ? -4.876  0.986   -4.210  1.00 14.35 ? 166 PHE A N   1 
ATOM   233 C CA  . PHE A 1 37  ? -3.997  1.926   -4.839  1.00 17.17 ? 166 PHE A CA  1 
ATOM   234 C C   . PHE A 1 37  ? -3.804  3.168   -3.956  1.00 16.50 ? 166 PHE A C   1 
ATOM   235 O O   . PHE A 1 37  ? -2.688  3.604   -3.732  1.00 14.95 ? 166 PHE A O   1 
ATOM   236 C CB  . PHE A 1 37  ? -4.502  2.410   -6.231  1.00 20.29 ? 166 PHE A CB  1 
ATOM   237 C CG  . PHE A 1 37  ? -3.527  3.368   -6.844  1.00 23.27 ? 166 PHE A CG  1 
ATOM   238 C CD1 . PHE A 1 37  ? -2.255  2.953   -7.206  1.00 24.07 ? 166 PHE A CD1 1 
ATOM   239 C CD2 . PHE A 1 37  ? -3.863  4.699   -7.057  1.00 23.79 ? 166 PHE A CD2 1 
ATOM   240 C CE1 . PHE A 1 37  ? -1.339  3.851   -7.720  1.00 25.40 ? 166 PHE A CE1 1 
ATOM   241 C CE2 . PHE A 1 37  ? -2.966  5.595   -7.568  1.00 23.88 ? 166 PHE A CE2 1 
ATOM   242 C CZ  . PHE A 1 37  ? -1.690  5.183   -7.903  1.00 25.59 ? 166 PHE A CZ  1 
ATOM   243 N N   . ALA A 1 38  ? -4.966  3.668   -3.481  1.00 17.39 ? 167 ALA A N   1 
ATOM   244 C CA  . ALA A 1 38  ? -4.800  4.876   -2.602  1.00 17.42 ? 167 ALA A CA  1 
ATOM   245 C C   . ALA A 1 38  ? -3.918  4.565   -1.414  1.00 14.65 ? 167 ALA A C   1 
ATOM   246 O O   . ALA A 1 38  ? -3.046  5.377   -1.099  1.00 15.60 ? 167 ALA A O   1 
ATOM   247 C CB  . ALA A 1 38  ? -6.175  5.391   -2.176  1.00 18.68 ? 167 ALA A CB  1 
ATOM   248 N N   . VAL A 1 39  ? -4.147  3.482   -0.671  1.00 17.38 ? 168 VAL A N   1 
ATOM   249 C CA  . VAL A 1 39  ? -3.339  3.165   0.511   1.00 17.10 ? 168 VAL A CA  1 
ATOM   250 C C   . VAL A 1 39  ? -1.888  2.853   0.175   1.00 16.30 ? 168 VAL A C   1 
ATOM   251 O O   . VAL A 1 39  ? -0.926  3.322   0.768   1.00 12.93 ? 168 VAL A O   1 
ATOM   252 C CB  . VAL A 1 39  ? -3.920  2.036   1.377   1.00 17.88 ? 168 VAL A CB  1 
ATOM   253 C CG1 . VAL A 1 39  ? -4.249  0.815   0.525   1.00 23.61 ? 168 VAL A CG1 1 
ATOM   254 C CG2 . VAL A 1 39  ? -3.011  1.556   2.498   1.00 17.37 ? 168 VAL A CG2 1 
ATOM   255 N N   . LEU A 1 40  ? -1.747  2.008   -0.871  1.00 14.71 ? 169 LEU A N   1 
ATOM   256 C CA  . LEU A 1 40  ? -0.357  1.698   -1.283  1.00 13.45 ? 169 LEU A CA  1 
ATOM   257 C C   . LEU A 1 40  ? 0.360   2.895   -1.736  1.00 8.74  ? 169 LEU A C   1 
ATOM   258 O O   . LEU A 1 40  ? 1.501   3.073   -1.344  1.00 11.95 ? 169 LEU A O   1 
ATOM   259 C CB  . LEU A 1 40  ? -0.428  0.558   -2.364  1.00 13.52 ? 169 LEU A CB  1 
ATOM   260 C CG  . LEU A 1 40  ? 0.987   0.031   -2.697  1.00 14.97 ? 169 LEU A CG  1 
ATOM   261 C CD1 . LEU A 1 40  ? 1.633   -0.646  -1.509  1.00 13.03 ? 169 LEU A CD1 1 
ATOM   262 C CD2 . LEU A 1 40  ? 0.820   -0.940  -3.905  1.00 15.92 ? 169 LEU A CD2 1 
ATOM   263 N N   . LYS A 1 41  ? -0.185  3.841   -2.503  1.00 12.37 ? 170 LYS A N   1 
ATOM   264 C CA  . LYS A 1 41  ? 0.499   5.041   -2.901  1.00 17.01 ? 170 LYS A CA  1 
ATOM   265 C C   . LYS A 1 41  ? 0.864   5.919   -1.697  1.00 16.78 ? 170 LYS A C   1 
ATOM   266 O O   . LYS A 1 41  ? 1.921   6.520   -1.704  1.00 14.99 ? 170 LYS A O   1 
ATOM   267 C CB  . LYS A 1 41  ? -0.353  5.851   -3.892  1.00 21.74 ? 170 LYS A CB  1 
ATOM   268 C CG  . LYS A 1 41  ? 0.261   7.170   -4.320  1.00 26.98 ? 170 LYS A CG  1 
ATOM   269 C CD  . LYS A 1 41  ? -0.619  7.775   -5.427  1.00 30.90 ? 170 LYS A CD  1 
ATOM   270 C CE  . LYS A 1 41  ? -1.908  8.342   -4.867  1.00 33.96 ? 170 LYS A CE  1 
ATOM   271 N NZ  . LYS A 1 41  ? -3.061  7.422   -5.067  1.00 36.42 ? 170 LYS A NZ  1 
ATOM   272 N N   . ALA A 1 42  ? -0.004  5.956   -0.682  1.00 15.75 ? 171 ALA A N   1 
ATOM   273 C CA  . ALA A 1 42  ? 0.339   6.815   0.484   1.00 14.97 ? 171 ALA A CA  1 
ATOM   274 C C   . ALA A 1 42  ? 1.551   6.264   1.188   1.00 15.11 ? 171 ALA A C   1 
ATOM   275 O O   . ALA A 1 42  ? 2.561   6.878   1.538   1.00 17.43 ? 171 ALA A O   1 
ATOM   276 C CB  . ALA A 1 42  ? -0.949  6.763   1.355   1.00 13.89 ? 171 ALA A CB  1 
ATOM   277 N N   . LEU A 1 43  ? 1.566   4.930   1.380   1.00 15.83 ? 172 LEU A N   1 
ATOM   278 C CA  . LEU A 1 43  ? 2.678   4.229   1.998   1.00 14.70 ? 172 LEU A CA  1 
ATOM   279 C C   . LEU A 1 43  ? 3.995   4.433   1.260   1.00 16.21 ? 172 LEU A C   1 
ATOM   280 O O   . LEU A 1 43  ? 5.000   4.822   1.841   1.00 14.22 ? 172 LEU A O   1 
ATOM   281 C CB  . LEU A 1 43  ? 2.387   2.735   2.191   1.00 13.83 ? 172 LEU A CB  1 
ATOM   282 C CG  . LEU A 1 43  ? 1.373   2.358   3.288   1.00 14.54 ? 172 LEU A CG  1 
ATOM   283 C CD1 . LEU A 1 43  ? 0.732   1.005   3.025   1.00 12.98 ? 172 LEU A CD1 1 
ATOM   284 C CD2 . LEU A 1 43  ? 2.060   2.429   4.657   1.00 13.58 ? 172 LEU A CD2 1 
ATOM   285 N N   . VAL A 1 44  ? 4.031   4.097   -0.039  1.00 18.77 ? 173 VAL A N   1 
ATOM   286 C CA  . VAL A 1 44  ? 5.337   4.004   -0.731  1.00 18.35 ? 173 VAL A CA  1 
ATOM   287 C C   . VAL A 1 44  ? 5.871   5.380   -1.039  1.00 19.32 ? 173 VAL A C   1 
ATOM   288 O O   . VAL A 1 44  ? 7.068   5.596   -1.241  1.00 19.13 ? 173 VAL A O   1 
ATOM   289 C CB  . VAL A 1 44  ? 5.231   3.218   -2.061  1.00 18.21 ? 173 VAL A CB  1 
ATOM   290 C CG1 . VAL A 1 44  ? 4.603   1.873   -1.812  1.00 18.28 ? 173 VAL A CG1 1 
ATOM   291 C CG2 . VAL A 1 44  ? 4.463   4.006   -3.107  1.00 21.66 ? 173 VAL A CG2 1 
ATOM   292 N N   . SER A 1 45  ? 4.965   6.361   -1.135  1.00 18.51 ? 174 SER A N   1 
ATOM   293 C CA  . SER A 1 45  ? 5.372   7.742   -1.319  1.00 19.03 ? 174 SER A CA  1 
ATOM   294 C C   . SER A 1 45  ? 5.884   8.359   -0.027  1.00 18.60 ? 174 SER A C   1 
ATOM   295 O O   . SER A 1 45  ? 6.489   9.439   -0.056  1.00 18.57 ? 174 SER A O   1 
ATOM   296 C CB  . SER A 1 45  ? 4.159   8.566   -1.780  1.00 22.45 ? 174 SER A CB  1 
ATOM   297 O OG  . SER A 1 45  ? 3.799   8.192   -3.088  1.00 27.04 ? 174 SER A OG  1 
ATOM   298 N N   . HIS A 1 46  ? 5.791   7.730   1.123   1.00 18.77 ? 175 HIS A N   1 
ATOM   299 C CA  . HIS A 1 46  ? 6.420   8.126   2.374   1.00 18.95 ? 175 HIS A CA  1 
ATOM   300 C C   . HIS A 1 46  ? 7.288   7.052   2.966   1.00 19.99 ? 175 HIS A C   1 
ATOM   301 O O   . HIS A 1 46  ? 7.070   6.530   4.068   1.00 19.33 ? 175 HIS A O   1 
ATOM   302 C CB  . HIS A 1 46  ? 5.310   8.518   3.427   1.00 19.85 ? 175 HIS A CB  1 
ATOM   303 C CG  . HIS A 1 46  ? 4.449   9.620   2.868   1.00 20.54 ? 175 HIS A CG  1 
ATOM   304 N ND1 . HIS A 1 46  ? 3.407   9.359   2.013   1.00 20.27 ? 175 HIS A ND1 1 
ATOM   305 C CD2 . HIS A 1 46  ? 4.471   10.974  2.988   1.00 22.77 ? 175 HIS A CD2 1 
ATOM   306 C CE1 . HIS A 1 46  ? 2.809   10.461  1.616   1.00 20.12 ? 175 HIS A CE1 1 
ATOM   307 N NE2 . HIS A 1 46  ? 3.433   11.463  2.231   1.00 22.98 ? 175 HIS A NE2 1 
ATOM   308 N N   . PRO A 1 47  ? 8.359   6.654   2.242   1.00 19.99 ? 176 PRO A N   1 
ATOM   309 C CA  . PRO A 1 47  ? 9.107   5.469   2.653   1.00 21.04 ? 176 PRO A CA  1 
ATOM   310 C C   . PRO A 1 47  ? 9.683   5.622   4.037   1.00 21.76 ? 176 PRO A C   1 
ATOM   311 O O   . PRO A 1 47  ? 10.279  6.633   4.415   1.00 22.73 ? 176 PRO A O   1 
ATOM   312 C CB  . PRO A 1 47  ? 10.148  5.295   1.537   1.00 20.33 ? 176 PRO A CB  1 
ATOM   313 C CG  . PRO A 1 47  ? 10.359  6.699   1.061   1.00 20.35 ? 176 PRO A CG  1 
ATOM   314 C CD  . PRO A 1 47  ? 8.996   7.351   1.108   1.00 20.09 ? 176 PRO A CD  1 
ATOM   315 N N   . ARG A 1 48  ? 9.503   4.645   4.904   1.00 22.14 ? 177 ARG A N   1 
ATOM   316 C CA  . ARG A 1 48  ? 9.956   4.613   6.272   1.00 25.41 ? 177 ARG A CA  1 
ATOM   317 C C   . ARG A 1 48  ? 9.334   5.682   7.164   1.00 25.64 ? 177 ARG A C   1 
ATOM   318 O O   . ARG A 1 48  ? 9.863   5.930   8.254   1.00 25.76 ? 177 ARG A O   1 
ATOM   319 C CB  . ARG A 1 48  ? 11.490  4.729   6.347   1.00 27.90 ? 177 ARG A CB  1 
ATOM   320 C CG  . ARG A 1 48  ? 12.225  3.408   6.288   1.00 31.74 ? 177 ARG A CG  1 
ATOM   321 C CD  . ARG A 1 48  ? 13.531  3.435   7.113   1.00 32.68 ? 177 ARG A CD  1 
ATOM   322 N NE  . ARG A 1 48  ? 14.079  2.078   7.231   1.00 33.44 ? 177 ARG A NE  1 
ATOM   323 C CZ  . ARG A 1 48  ? 14.627  1.455   6.159   1.00 32.29 ? 177 ARG A CZ  1 
ATOM   324 N NH1 . ARG A 1 48  ? 14.616  2.061   4.973   1.00 29.64 ? 177 ARG A NH1 1 
ATOM   325 N NH2 . ARG A 1 48  ? 15.131  0.241   6.328   1.00 29.96 ? 177 ARG A NH2 1 
ATOM   326 N N   . GLU A 1 49  ? 8.241   6.336   6.763   1.00 25.34 ? 178 GLU A N   1 
ATOM   327 C CA  . GLU A 1 49  ? 7.477   7.144   7.720   1.00 24.90 ? 178 GLU A CA  1 
ATOM   328 C C   . GLU A 1 49  ? 6.235   6.355   8.145   1.00 21.67 ? 178 GLU A C   1 
ATOM   329 O O   . GLU A 1 49  ? 5.376   6.091   7.318   1.00 22.92 ? 178 GLU A O   1 
ATOM   330 C CB  . GLU A 1 49  ? 7.038   8.475   7.148   1.00 27.72 ? 178 GLU A CB  1 
ATOM   331 C CG  . GLU A 1 49  ? 8.059   9.167   6.251   1.00 31.18 ? 178 GLU A CG  1 
ATOM   332 C CD  . GLU A 1 49  ? 7.526   10.492  5.748   1.00 33.77 ? 178 GLU A CD  1 
ATOM   333 O OE1 . GLU A 1 49  ? 6.680   11.062  6.475   1.00 35.66 ? 178 GLU A OE1 1 
ATOM   334 O OE2 . GLU A 1 49  ? 7.824   10.898  4.596   1.00 34.01 ? 178 GLU A OE2 1 
ATOM   335 N N   . PRO A 1 50  ? 6.204   5.904   9.377   1.00 20.45 ? 179 PRO A N   1 
ATOM   336 C CA  . PRO A 1 50  ? 5.027   5.264   9.939   1.00 20.17 ? 179 PRO A CA  1 
ATOM   337 C C   . PRO A 1 50  ? 3.850   6.234   9.902   1.00 18.78 ? 179 PRO A C   1 
ATOM   338 O O   . PRO A 1 50  ? 3.993   7.429   10.150  1.00 18.57 ? 179 PRO A O   1 
ATOM   339 C CB  . PRO A 1 50  ? 5.429   4.869   11.333  1.00 22.43 ? 179 PRO A CB  1 
ATOM   340 C CG  . PRO A 1 50  ? 6.829   5.302   11.541  1.00 22.61 ? 179 PRO A CG  1 
ATOM   341 C CD  . PRO A 1 50  ? 7.212   6.203   10.412  1.00 23.07 ? 179 PRO A CD  1 
ATOM   342 N N   . LEU A 1 51  ? 2.719   5.737   9.446   1.00 17.87 ? 180 LEU A N   1 
ATOM   343 C CA  . LEU A 1 51  ? 1.586   6.583   9.127   1.00 17.36 ? 180 LEU A CA  1 
ATOM   344 C C   . LEU A 1 51  ? 0.387   6.078   9.933   1.00 18.18 ? 180 LEU A C   1 
ATOM   345 O O   . LEU A 1 51  ? 0.130   4.888   9.895   1.00 17.95 ? 180 LEU A O   1 
ATOM   346 C CB  . LEU A 1 51  ? 1.289   6.590   7.644   1.00 17.11 ? 180 LEU A CB  1 
ATOM   347 C CG  . LEU A 1 51  ? 2.363   7.195   6.727   1.00 19.39 ? 180 LEU A CG  1 
ATOM   348 C CD1 . LEU A 1 51  ? 1.977   6.850   5.271   1.00 19.89 ? 180 LEU A CD1 1 
ATOM   349 C CD2 . LEU A 1 51  ? 2.502   8.684   6.981   1.00 19.89 ? 180 LEU A CD2 1 
ATOM   350 N N   . SER A 1 52  ? -0.285  6.991   10.662  1.00 15.09 ? 181 SER A N   1 
ATOM   351 C CA  . SER A 1 52  ? -1.392  6.514   11.499  1.00 13.49 ? 181 SER A CA  1 
ATOM   352 C C   . SER A 1 52  ? -2.525  6.127   10.564  1.00 12.73 ? 181 SER A C   1 
ATOM   353 O O   . SER A 1 52  ? -2.533  6.553   9.421   1.00 14.14 ? 181 SER A O   1 
ATOM   354 C CB  . SER A 1 52  ? -1.848  7.620   12.479  1.00 13.19 ? 181 SER A CB  1 
ATOM   355 O OG  . SER A 1 52  ? -2.352  8.715   11.718  1.00 13.36 ? 181 SER A OG  1 
ATOM   356 N N   . ARG A 1 53  ? -3.545  5.438   11.048  1.00 14.47 ? 182 ARG A N   1 
ATOM   357 C CA  . ARG A 1 53  ? -4.745  5.270   10.237  1.00 15.58 ? 182 ARG A CA  1 
ATOM   358 C C   . ARG A 1 53  ? -5.368  6.551   9.785   1.00 18.18 ? 182 ARG A C   1 
ATOM   359 O O   . ARG A 1 53  ? -5.812  6.601   8.635   1.00 14.76 ? 182 ARG A O   1 
ATOM   360 C CB  . ARG A 1 53  ? -5.735  4.355   10.960  1.00 19.39 ? 182 ARG A CB  1 
ATOM   361 C CG  . ARG A 1 53  ? -5.407  2.898   10.803  1.00 23.67 ? 182 ARG A CG  1 
ATOM   362 C CD  . ARG A 1 53  ? -5.658  2.145   12.078  1.00 28.44 ? 182 ARG A CD  1 
ATOM   363 N NE  . ARG A 1 53  ? -7.083  1.839   12.364  1.00 30.92 ? 182 ARG A NE  1 
ATOM   364 C CZ  . ARG A 1 53  ? -8.263  2.326   11.889  1.00 35.04 ? 182 ARG A CZ  1 
ATOM   365 N NH1 . ARG A 1 53  ? -8.385  3.264   10.952  1.00 38.50 ? 182 ARG A NH1 1 
ATOM   366 N NH2 . ARG A 1 53  ? -9.442  1.859   12.368  1.00 36.13 ? 182 ARG A NH2 1 
ATOM   367 N N   . ASP A 1 54  ? -5.496  7.560   10.715  1.00 14.50 ? 183 ASP A N   1 
ATOM   368 C CA  . ASP A 1 54  ? -5.986  8.845   10.295  1.00 15.69 ? 183 ASP A CA  1 
ATOM   369 C C   . ASP A 1 54  ? -5.187  9.476   9.163   1.00 14.64 ? 183 ASP A C   1 
ATOM   370 O O   . ASP A 1 54  ? -5.749  9.927   8.171   1.00 14.77 ? 183 ASP A O   1 
ATOM   371 C CB  . ASP A 1 54  ? -5.905  9.794   11.539  1.00 19.44 ? 183 ASP A CB  1 
ATOM   372 C CG  . ASP A 1 54  ? -7.019  9.507   12.529  1.00 23.44 ? 183 ASP A CG  1 
ATOM   373 O OD1 . ASP A 1 54  ? -7.956  8.751   12.285  1.00 25.59 ? 183 ASP A OD1 1 
ATOM   374 O OD2 . ASP A 1 54  ? -7.044  10.023  13.673  1.00 29.07 ? 183 ASP A OD2 1 
ATOM   375 N N   . LYS A 1 55  ? -3.890  9.521   9.242   1.00 14.37 ? 184 LYS A N   1 
ATOM   376 C CA  . LYS A 1 55  ? -3.008  10.095  8.239   1.00 18.96 ? 184 LYS A CA  1 
ATOM   377 C C   . LYS A 1 55  ? -3.060  9.309   6.902   1.00 18.56 ? 184 LYS A C   1 
ATOM   378 O O   . LYS A 1 55  ? -3.196  9.946   5.843   1.00 19.72 ? 184 LYS A O   1 
ATOM   379 C CB  . LYS A 1 55  ? -1.600  10.249  8.804   1.00 21.03 ? 184 LYS A CB  1 
ATOM   380 C CG  . LYS A 1 55  ? -0.628  10.748  7.708   1.00 26.35 ? 184 LYS A CG  1 
ATOM   381 C CD  . LYS A 1 55  ? -0.380  12.236  7.924   1.00 30.71 ? 184 LYS A CD  1 
ATOM   382 C CE  . LYS A 1 55  ? 0.133   12.982  6.709   1.00 31.67 ? 184 LYS A CE  1 
ATOM   383 N NZ  . LYS A 1 55  ? -0.872  13.931  6.155   1.00 33.09 ? 184 LYS A NZ  1 
ATOM   384 N N   . LEU A 1 56  ? -3.236  8.011   6.954   1.00 19.56 ? 185 LEU A N   1 
ATOM   385 C CA  . LEU A 1 56  ? -3.437  7.208   5.731   1.00 20.65 ? 185 LEU A CA  1 
ATOM   386 C C   . LEU A 1 56  ? -4.752  7.484   5.058   1.00 20.84 ? 185 LEU A C   1 
ATOM   387 O O   . LEU A 1 56  ? -4.836  7.761   3.862   1.00 22.43 ? 185 LEU A O   1 
ATOM   388 C CB  . LEU A 1 56  ? -3.436  5.703   6.061   1.00 19.05 ? 185 LEU A CB  1 
ATOM   389 C CG  . LEU A 1 56  ? -2.046  5.095   6.191   1.00 20.58 ? 185 LEU A CG  1 
ATOM   390 C CD1 . LEU A 1 56  ? -2.092  3.728   6.893   1.00 20.22 ? 185 LEU A CD1 1 
ATOM   391 C CD2 . LEU A 1 56  ? -1.417  4.989   4.795   1.00 18.89 ? 185 LEU A CD2 1 
ATOM   392 N N   . MET A 1 57  ? -5.823  7.474   5.862   1.00 23.59 ? 186 MET A N   1 
ATOM   393 C CA  . MET A 1 57  ? -7.141  7.851   5.365   1.00 28.44 ? 186 MET A CA  1 
ATOM   394 C C   . MET A 1 57  ? -7.050  9.195   4.658   1.00 26.61 ? 186 MET A C   1 
ATOM   395 O O   . MET A 1 57  ? -7.589  9.242   3.566   1.00 25.70 ? 186 MET A O   1 
ATOM   396 C CB  . MET A 1 57  ? -8.234  7.902   6.417   1.00 33.80 ? 186 MET A CB  1 
ATOM   397 C CG  . MET A 1 57  ? -8.904  6.580   6.699   1.00 42.93 ? 186 MET A CG  1 
ATOM   398 S SD  . MET A 1 57  ? -9.934  5.933   5.374   1.00 54.39 ? 186 MET A SD  1 
ATOM   399 C CE  . MET A 1 57  ? -10.796 7.387   4.799   1.00 50.36 ? 186 MET A CE  1 
ATOM   400 N N   . ASN A 1 58  ? -6.494  10.217  5.302   1.00 25.90 ? 187 ASN A N   1 
ATOM   401 C CA  . ASN A 1 58  ? -6.339  11.540  4.770   1.00 24.91 ? 187 ASN A CA  1 
ATOM   402 C C   . ASN A 1 58  ? -5.562  11.537  3.437   1.00 24.46 ? 187 ASN A C   1 
ATOM   403 O O   . ASN A 1 58  ? -5.933  12.225  2.499   1.00 21.51 ? 187 ASN A O   1 
ATOM   404 C CB  . ASN A 1 58  ? -5.538  12.416  5.744   1.00 26.57 ? 187 ASN A CB  1 
ATOM   405 C CG  . ASN A 1 58  ? -6.264  13.045  6.913   1.00 30.52 ? 187 ASN A CG  1 
ATOM   406 O OD1 . ASN A 1 58  ? -7.470  12.954  7.122   1.00 31.23 ? 187 ASN A OD1 1 
ATOM   407 N ND2 . ASN A 1 58  ? -5.492  13.737  7.748   1.00 31.91 ? 187 ASN A ND2 1 
ATOM   408 N N   . LEU A 1 59  ? -4.392  10.888  3.435   1.00 22.29 ? 188 LEU A N   1 
ATOM   409 C CA  . LEU A 1 59  ? -3.547  10.778  2.245   1.00 24.75 ? 188 LEU A CA  1 
ATOM   410 C C   . LEU A 1 59  ? -4.157  9.973   1.105   1.00 26.72 ? 188 LEU A C   1 
ATOM   411 O O   . LEU A 1 59  ? -3.948  10.222  -0.100  1.00 28.34 ? 188 LEU A O   1 
ATOM   412 C CB  . LEU A 1 59  ? -2.189  10.147  2.642   1.00 21.75 ? 188 LEU A CB  1 
ATOM   413 C CG  . LEU A 1 59  ? -1.250  11.048  3.432   1.00 23.40 ? 188 LEU A CG  1 
ATOM   414 C CD1 . LEU A 1 59  ? -0.090  10.283  4.065   1.00 22.89 ? 188 LEU A CD1 1 
ATOM   415 C CD2 . LEU A 1 59  ? -0.693  12.199  2.603   1.00 25.81 ? 188 LEU A CD2 1 
ATOM   416 N N   . ALA A 1 60  ? -4.943  8.954   1.420   1.00 27.39 ? 189 ALA A N   1 
ATOM   417 C CA  . ALA A 1 60  ? -5.783  8.229   0.493   1.00 29.38 ? 189 ALA A CA  1 
ATOM   418 C C   . ALA A 1 60  ? -6.861  8.998   -0.260  1.00 31.37 ? 189 ALA A C   1 
ATOM   419 O O   . ALA A 1 60  ? -7.289  8.507   -1.325  1.00 30.82 ? 189 ALA A O   1 
ATOM   420 C CB  . ALA A 1 60  ? -6.434  7.054   1.237   1.00 28.29 ? 189 ALA A CB  1 
ATOM   421 N N   . ARG A 1 61  ? -7.350  10.135  0.236   1.00 30.98 ? 190 ARG A N   1 
ATOM   422 C CA  . ARG A 1 61  ? -8.362  10.915  -0.453  1.00 33.18 ? 190 ARG A CA  1 
ATOM   423 C C   . ARG A 1 61  ? -7.950  11.438  -1.825  1.00 33.55 ? 190 ARG A C   1 
ATOM   424 O O   . ARG A 1 61  ? -7.005  12.226  -1.970  1.00 32.86 ? 190 ARG A O   1 
ATOM   425 C CB  . ARG A 1 61  ? -8.796  12.099  0.438   1.00 34.70 ? 190 ARG A CB  1 
ATOM   426 C CG  . ARG A 1 61  ? -9.646  11.598  1.612   1.00 37.36 ? 190 ARG A CG  1 
ATOM   427 C CD  . ARG A 1 61  ? -9.940  12.676  2.648   1.00 41.28 ? 190 ARG A CD  1 
ATOM   428 N NE  . ARG A 1 61  ? -8.729  13.366  3.094   1.00 42.43 ? 190 ARG A NE  1 
ATOM   429 C CZ  . ARG A 1 61  ? -8.421  14.591  2.697   1.00 44.01 ? 190 ARG A CZ  1 
ATOM   430 N NH1 . ARG A 1 61  ? -9.226  15.244  1.876   1.00 45.08 ? 190 ARG A NH1 1 
ATOM   431 N NH2 . ARG A 1 61  ? -7.304  15.170  3.102   1.00 45.62 ? 190 ARG A NH2 1 
ATOM   432 N N   . GLY A 1 62  ? -8.683  11.017  -2.860  1.00 32.78 ? 191 GLY A N   1 
ATOM   433 C CA  . GLY A 1 62  ? -8.476  11.559  -4.204  1.00 30.79 ? 191 GLY A CA  1 
ATOM   434 C C   . GLY A 1 62  ? -9.793  12.136  -4.725  1.00 30.43 ? 191 GLY A C   1 
ATOM   435 O O   . GLY A 1 62  ? -10.746 12.202  -3.946  1.00 30.78 ? 191 GLY A O   1 
ATOM   436 N N   . ARG A 1 63  ? -9.921  12.411  -6.022  1.00 26.82 ? 192 ARG A N   1 
ATOM   437 C CA  . ARG A 1 63  ? -11.206 12.798  -6.579  1.00 27.67 ? 192 ARG A CA  1 
ATOM   438 C C   . ARG A 1 63  ? -12.173 11.668  -6.924  1.00 27.48 ? 192 ARG A C   1 
ATOM   439 O O   . ARG A 1 63  ? -13.200 11.887  -7.587  1.00 26.54 ? 192 ARG A O   1 
ATOM   440 C CB  . ARG A 1 63  ? -10.988 13.680  -7.817  1.00 28.76 ? 192 ARG A CB  1 
ATOM   441 C CG  . ARG A 1 63  ? -10.079 14.863  -7.515  1.00 29.53 ? 192 ARG A CG  1 
ATOM   442 C CD  . ARG A 1 63  ? -10.813 16.090  -7.084  1.00 29.41 ? 192 ARG A CD  1 
ATOM   443 N NE  . ARG A 1 63  ? -11.934 16.559  -7.858  1.00 28.40 ? 192 ARG A NE  1 
ATOM   444 C CZ  . ARG A 1 63  ? -11.977 17.451  -8.832  1.00 26.39 ? 192 ARG A CZ  1 
ATOM   445 N NH1 . ARG A 1 63  ? -10.875 18.048  -9.276  1.00 26.84 ? 192 ARG A NH1 1 
ATOM   446 N NH2 . ARG A 1 63  ? -13.140 17.730  -9.403  1.00 25.87 ? 192 ARG A NH2 1 
ATOM   447 N N   . GLU A 1 64  ? -11.941 10.461  -6.395  1.00 27.97 ? 193 GLU A N   1 
ATOM   448 C CA  . GLU A 1 64  ? -12.763 9.302   -6.700  1.00 27.13 ? 193 GLU A CA  1 
ATOM   449 C C   . GLU A 1 64  ? -13.054 8.570   -5.403  1.00 27.28 ? 193 GLU A C   1 
ATOM   450 O O   . GLU A 1 64  ? -12.442 8.886   -4.381  1.00 27.58 ? 193 GLU A O   1 
ATOM   451 C CB  . GLU A 1 64  ? -12.063 8.346   -7.697  1.00 27.53 ? 193 GLU A CB  1 
ATOM   452 C CG  . GLU A 1 64  ? -10.988 7.546   -6.968  1.00 26.97 ? 193 GLU A CG  1 
ATOM   453 C CD  . GLU A 1 64  ? -10.504 6.289   -7.655  1.00 27.78 ? 193 GLU A CD  1 
ATOM   454 O OE1 . GLU A 1 64  ? -11.345 5.456   -8.105  1.00 22.53 ? 193 GLU A OE1 1 
ATOM   455 O OE2 . GLU A 1 64  ? -9.232  6.279   -7.658  1.00 26.19 ? 193 GLU A OE2 1 
ATOM   456 N N   . TYR A 1 65  ? -13.931 7.598   -5.456  1.00 26.36 ? 194 TYR A N   1 
ATOM   457 C CA  . TYR A 1 65  ? -14.126 6.546   -4.499  1.00 29.23 ? 194 TYR A CA  1 
ATOM   458 C C   . TYR A 1 65  ? -12.795 5.851   -4.215  1.00 30.45 ? 194 TYR A C   1 
ATOM   459 O O   . TYR A 1 65  ? -12.217 5.315   -5.168  1.00 28.77 ? 194 TYR A O   1 
ATOM   460 C CB  . TYR A 1 65  ? -15.098 5.538   -5.113  1.00 30.88 ? 194 TYR A CB  1 
ATOM   461 C CG  . TYR A 1 65  ? -15.552 4.393   -4.241  1.00 31.97 ? 194 TYR A CG  1 
ATOM   462 C CD1 . TYR A 1 65  ? -16.160 4.582   -3.010  1.00 29.28 ? 194 TYR A CD1 1 
ATOM   463 C CD2 . TYR A 1 65  ? -15.428 3.086   -4.718  1.00 32.26 ? 194 TYR A CD2 1 
ATOM   464 C CE1 . TYR A 1 65  ? -16.580 3.513   -2.249  1.00 28.04 ? 194 TYR A CE1 1 
ATOM   465 C CE2 . TYR A 1 65  ? -15.879 2.005   -3.974  1.00 32.38 ? 194 TYR A CE2 1 
ATOM   466 C CZ  . TYR A 1 65  ? -16.444 2.238   -2.735  1.00 30.74 ? 194 TYR A CZ  1 
ATOM   467 O OH  . TYR A 1 65  ? -16.855 1.156   -2.005  1.00 30.41 ? 194 TYR A OH  1 
ATOM   468 N N   . SER A 1 66  ? -12.202 6.096   -3.062  1.00 27.99 ? 195 SER A N   1 
ATOM   469 C CA  . SER A 1 66  ? -10.840 5.637   -2.802  1.00 29.57 ? 195 SER A CA  1 
ATOM   470 C C   . SER A 1 66  ? -10.773 5.363   -1.310  1.00 30.83 ? 195 SER A C   1 
ATOM   471 O O   . SER A 1 66  ? -10.802 4.215   -0.866  1.00 29.17 ? 195 SER A O   1 
ATOM   472 C CB  . SER A 1 66  ? -9.733  6.603   -3.178  1.00 30.16 ? 195 SER A CB  1 
ATOM   473 O OG  . SER A 1 66  ? -10.182 7.944   -3.044  1.00 33.52 ? 195 SER A OG  1 
ATOM   474 N N   . ALA A 1 67  ? -10.747 6.440   -0.562  1.00 31.92 ? 196 ALA A N   1 
ATOM   475 C CA  . ALA A 1 67  ? -10.614 6.363   0.891   1.00 33.96 ? 196 ALA A CA  1 
ATOM   476 C C   . ALA A 1 67  ? -11.774 5.643   1.557   1.00 34.23 ? 196 ALA A C   1 
ATOM   477 O O   . ALA A 1 67  ? -11.573 4.950   2.579   1.00 33.83 ? 196 ALA A O   1 
ATOM   478 C CB  . ALA A 1 67  ? -10.508 7.765   1.491   1.00 35.21 ? 196 ALA A CB  1 
ATOM   479 N N   . MET A 1 68  ? -12.982 5.704   1.008   1.00 33.43 ? 197 MET A N   1 
ATOM   480 C CA  . MET A 1 68  ? -14.171 5.204   1.697   1.00 34.99 ? 197 MET A CA  1 
ATOM   481 C C   . MET A 1 68  ? -14.556 3.820   1.184   1.00 35.12 ? 197 MET A C   1 
ATOM   482 O O   . MET A 1 68  ? -15.564 3.221   1.586   1.00 33.85 ? 197 MET A O   1 
ATOM   483 C CB  . MET A 1 68  ? -15.287 6.249   1.588   1.00 36.10 ? 197 MET A CB  1 
ATOM   484 C CG  . MET A 1 68  ? -15.109 7.613   2.232   1.00 37.70 ? 197 MET A CG  1 
ATOM   485 S SD  . MET A 1 68  ? -16.619 8.678   2.054   1.00 42.19 ? 197 MET A SD  1 
ATOM   486 C CE  . MET A 1 68  ? -17.636 7.777   3.248   1.00 38.42 ? 197 MET A CE  1 
ATOM   487 N N   . GLU A 1 69  ? -13.732 3.194   0.322   1.00 35.35 ? 198 GLU A N   1 
ATOM   488 C CA  . GLU A 1 69  ? -14.021 1.855   -0.177  1.00 34.35 ? 198 GLU A CA  1 
ATOM   489 C C   . GLU A 1 69  ? -14.083 0.786   0.900   1.00 34.89 ? 198 GLU A C   1 
ATOM   490 O O   . GLU A 1 69  ? -15.094 0.084   1.036   1.00 33.62 ? 198 GLU A O   1 
ATOM   491 C CB  . GLU A 1 69  ? -12.994 1.468   -1.258  1.00 35.83 ? 198 GLU A CB  1 
ATOM   492 C CG  . GLU A 1 69  ? -13.132 0.065   -1.849  1.00 35.20 ? 198 GLU A CG  1 
ATOM   493 C CD  . GLU A 1 69  ? -11.925 -0.194  -2.758  1.00 34.71 ? 198 GLU A CD  1 
ATOM   494 O OE1 . GLU A 1 69  ? -11.957 0.328   -3.885  1.00 36.03 ? 198 GLU A OE1 1 
ATOM   495 O OE2 . GLU A 1 69  ? -10.928 -0.811  -2.334  1.00 34.33 ? 198 GLU A OE2 1 
ATOM   496 N N   . ARG A 1 70  ? -13.028 0.616   1.692   1.00 34.13 ? 199 ARG A N   1 
ATOM   497 C CA  . ARG A 1 70  ? -13.005 -0.282  2.827   1.00 35.10 ? 199 ARG A CA  1 
ATOM   498 C C   . ARG A 1 70  ? -12.242 0.374   3.997   1.00 34.44 ? 199 ARG A C   1 
ATOM   499 O O   . ARG A 1 70  ? -11.567 1.385   3.789   1.00 33.87 ? 199 ARG A O   1 
ATOM   500 C CB  . ARG A 1 70  ? -12.318 -1.621  2.499   1.00 38.11 ? 199 ARG A CB  1 
ATOM   501 C CG  . ARG A 1 70  ? -13.226 -2.628  1.807   1.00 41.28 ? 199 ARG A CG  1 
ATOM   502 C CD  . ARG A 1 70  ? -12.499 -3.822  1.210   1.00 44.30 ? 199 ARG A CD  1 
ATOM   503 N NE  . ARG A 1 70  ? -11.517 -3.485  0.223   1.00 46.52 ? 199 ARG A NE  1 
ATOM   504 C CZ  . ARG A 1 70  ? -11.463 -3.444  -1.096  1.00 48.35 ? 199 ARG A CZ  1 
ATOM   505 N NH1 . ARG A 1 70  ? -12.492 -3.757  -1.882  1.00 48.70 ? 199 ARG A NH1 1 
ATOM   506 N NH2 . ARG A 1 70  ? -10.307 -3.060  -1.663  1.00 47.34 ? 199 ARG A NH2 1 
ATOM   507 N N   . SER A 1 71  ? -12.332 -0.246  5.166   1.00 31.19 ? 200 SER A N   1 
ATOM   508 C CA  . SER A 1 71  ? -11.539 0.224   6.312   1.00 30.93 ? 200 SER A CA  1 
ATOM   509 C C   . SER A 1 71  ? -10.045 0.171   6.001   1.00 28.69 ? 200 SER A C   1 
ATOM   510 O O   . SER A 1 71  ? -9.646  -0.668  5.168   1.00 25.61 ? 200 SER A O   1 
ATOM   511 C CB  . SER A 1 71  ? -11.926 -0.642  7.501   1.00 29.89 ? 200 SER A CB  1 
ATOM   512 O OG  . SER A 1 71  ? -10.979 -1.663  7.740   1.00 30.88 ? 200 SER A OG  1 
ATOM   513 N N   . ILE A 1 72  ? -9.221  1.015   6.626   1.00 25.42 ? 201 ILE A N   1 
ATOM   514 C CA  . ILE A 1 72  ? -7.794  1.025   6.345   1.00 24.03 ? 201 ILE A CA  1 
ATOM   515 C C   . ILE A 1 72  ? -7.183  -0.349  6.719   1.00 24.49 ? 201 ILE A C   1 
ATOM   516 O O   . ILE A 1 72  ? -6.306  -0.808  5.975   1.00 22.52 ? 201 ILE A O   1 
ATOM   517 C CB  . ILE A 1 72  ? -7.048  2.176   7.039   1.00 24.85 ? 201 ILE A CB  1 
ATOM   518 C CG1 . ILE A 1 72  ? -7.352  3.546   6.423   1.00 25.79 ? 201 ILE A CG1 1 
ATOM   519 C CG2 . ILE A 1 72  ? -5.540  1.976   7.076   1.00 23.60 ? 201 ILE A CG2 1 
ATOM   520 C CD1 . ILE A 1 72  ? -7.063  3.768   4.955   1.00 26.51 ? 201 ILE A CD1 1 
ATOM   521 N N   . ASP A 1 73  ? -7.545  -0.956  7.840   1.00 21.82 ? 202 ASP A N   1 
ATOM   522 C CA  . ASP A 1 73  ? -6.929  -2.207  8.283   1.00 23.76 ? 202 ASP A CA  1 
ATOM   523 C C   . ASP A 1 73  ? -7.209  -3.358  7.304   1.00 22.63 ? 202 ASP A C   1 
ATOM   524 O O   . ASP A 1 73  ? -6.367  -4.252  7.066   1.00 20.37 ? 202 ASP A O   1 
ATOM   525 C CB  . ASP A 1 73  ? -7.317  -2.593  9.719   1.00 23.44 ? 202 ASP A CB  1 
ATOM   526 C CG  . ASP A 1 73  ? -6.814  -1.543  10.710  1.00 27.63 ? 202 ASP A CG  1 
ATOM   527 O OD1 . ASP A 1 73  ? -5.593  -1.354  10.865  1.00 24.21 ? 202 ASP A OD1 1 
ATOM   528 O OD2 . ASP A 1 73  ? -7.660  -0.861  11.347  1.00 28.02 ? 202 ASP A OD2 1 
ATOM   529 N N   . VAL A 1 74  ? -8.411  -3.381  6.767   1.00 22.30 ? 203 VAL A N   1 
ATOM   530 C CA  . VAL A 1 74  ? -8.829  -4.317  5.724   1.00 22.26 ? 203 VAL A CA  1 
ATOM   531 C C   . VAL A 1 74  ? -8.092  -4.049  4.406   1.00 19.64 ? 203 VAL A C   1 
ATOM   532 O O   . VAL A 1 74  ? -7.649  -5.034  3.756   1.00 17.93 ? 203 VAL A O   1 
ATOM   533 C CB  . VAL A 1 74  ? -10.361 -4.266  5.507   1.00 23.53 ? 203 VAL A CB  1 
ATOM   534 C CG1 . VAL A 1 74  ? -10.763 -4.939  4.176   1.00 23.95 ? 203 VAL A CG1 1 
ATOM   535 C CG2 . VAL A 1 74  ? -11.134 -4.904  6.661   1.00 24.03 ? 203 VAL A CG2 1 
ATOM   536 N N   . GLN A 1 75  ? -7.832  -2.811  4.046   1.00 17.97 ? 204 GLN A N   1 
ATOM   537 C CA  . GLN A 1 75  ? -7.015  -2.487  2.882   1.00 19.40 ? 204 GLN A CA  1 
ATOM   538 C C   . GLN A 1 75  ? -5.585  -2.985  3.110   1.00 19.30 ? 204 GLN A C   1 
ATOM   539 O O   . GLN A 1 75  ? -5.005  -3.545  2.151   1.00 16.46 ? 204 GLN A O   1 
ATOM   540 C CB  . GLN A 1 75  ? -6.904  -1.049  2.375   1.00 20.85 ? 204 GLN A CB  1 
ATOM   541 C CG  . GLN A 1 75  ? -8.131  -0.391  1.808   1.00 24.46 ? 204 GLN A CG  1 
ATOM   542 C CD  . GLN A 1 75  ? -8.864  -1.021  0.641   1.00 23.70 ? 204 GLN A CD  1 
ATOM   543 O OE1 . GLN A 1 75  ? -8.675  -2.148  0.210   1.00 27.05 ? 204 GLN A OE1 1 
ATOM   544 N NE2 . GLN A 1 75  ? -9.825  -0.310  0.062   1.00 23.82 ? 204 GLN A NE2 1 
ATOM   545 N N   . ILE A 1 76  ? -5.027  -2.736  4.296   1.00 15.83 ? 205 ILE A N   1 
ATOM   546 C CA  . ILE A 1 76  ? -3.671  -3.186  4.593   1.00 15.27 ? 205 ILE A CA  1 
ATOM   547 C C   . ILE A 1 76  ? -3.538  -4.706  4.490   1.00 16.96 ? 205 ILE A C   1 
ATOM   548 O O   . ILE A 1 76  ? -2.542  -5.222  3.954   1.00 14.29 ? 205 ILE A O   1 
ATOM   549 C CB  . ILE A 1 76  ? -3.236  -2.811  6.019   1.00 15.59 ? 205 ILE A CB  1 
ATOM   550 C CG1 . ILE A 1 76  ? -3.075  -1.299  6.205   1.00 15.06 ? 205 ILE A CG1 1 
ATOM   551 C CG2 . ILE A 1 76  ? -1.903  -3.440  6.427   1.00 11.54 ? 205 ILE A CG2 1 
ATOM   552 C CD1 . ILE A 1 76  ? -1.938  -0.706  5.369   1.00 16.65 ? 205 ILE A CD1 1 
ATOM   553 N N   . SER A 1 77  ? -4.534  -5.380  5.027   1.00 15.35 ? 206 SER A N   1 
ATOM   554 C CA  . SER A 1 77  ? -4.591  -6.845  5.012   1.00 18.27 ? 206 SER A CA  1 
ATOM   555 C C   . SER A 1 77  ? -4.656  -7.355  3.570   1.00 18.38 ? 206 SER A C   1 
ATOM   556 O O   . SER A 1 77  ? -3.858  -8.259  3.234   1.00 18.80 ? 206 SER A O   1 
ATOM   557 C CB  . SER A 1 77  ? -5.823  -7.353  5.756   1.00 17.48 ? 206 SER A CB  1 
ATOM   558 O OG  . SER A 1 77  ? -5.780  -8.773  5.831   1.00 17.81 ? 206 SER A OG  1 
ATOM   559 N N   . ARG A 1 78  ? -5.527  -6.810  2.753   1.00 17.17 ? 207 ARG A N   1 
ATOM   560 C CA  . ARG A 1 78  ? -5.578  -7.128  1.344   1.00 19.40 ? 207 ARG A CA  1 
ATOM   561 C C   . ARG A 1 78  ? -4.285  -6.815  0.599   1.00 18.35 ? 207 ARG A C   1 
ATOM   562 O O   . ARG A 1 78  ? -3.794  -7.705  -0.110  1.00 18.45 ? 207 ARG A O   1 
ATOM   563 C CB  . ARG A 1 78  ? -6.811  -6.507  0.675   1.00 20.72 ? 207 ARG A CB  1 
ATOM   564 C CG  . ARG A 1 78  ? -8.115  -6.986  1.286   1.00 24.16 ? 207 ARG A CG  1 
ATOM   565 C CD  . ARG A 1 78  ? -9.293  -6.120  0.884   1.00 25.80 ? 207 ARG A CD  1 
ATOM   566 N NE  . ARG A 1 78  ? -9.505  -6.029  -0.543  1.00 28.06 ? 207 ARG A NE  1 
ATOM   567 C CZ  . ARG A 1 78  ? -10.476 -6.671  -1.198  1.00 27.80 ? 207 ARG A CZ  1 
ATOM   568 N NH1 . ARG A 1 78  ? -11.346 -7.453  -0.568  1.00 27.76 ? 207 ARG A NH1 1 
ATOM   569 N NH2 . ARG A 1 78  ? -10.593 -6.539  -2.513  1.00 28.16 ? 207 ARG A NH2 1 
ATOM   570 N N   . LEU A 1 79  ? -3.631  -5.687  0.775   1.00 14.30 ? 208 LEU A N   1 
ATOM   571 C CA  . LEU A 1 79  ? -2.346  -5.325  0.209   1.00 16.09 ? 208 LEU A CA  1 
ATOM   572 C C   . LEU A 1 79  ? -1.215  -6.265  0.655   1.00 17.98 ? 208 LEU A C   1 
ATOM   573 O O   . LEU A 1 79  ? -0.451  -6.809  -0.186  1.00 14.63 ? 208 LEU A O   1 
ATOM   574 C CB  . LEU A 1 79  ? -1.960  -3.881  0.578   1.00 16.73 ? 208 LEU A CB  1 
ATOM   575 C CG  . LEU A 1 79  ? -2.734  -2.738  -0.091  1.00 13.83 ? 208 LEU A CG  1 
ATOM   576 C CD1 . LEU A 1 79  ? -2.097  -1.455  0.438   1.00 13.19 ? 208 LEU A CD1 1 
ATOM   577 C CD2 . LEU A 1 79  ? -2.466  -2.739  -1.603  1.00 14.98 ? 208 LEU A CD2 1 
ATOM   578 N N   . ARG A 1 80  ? -1.260  -6.699  1.919   1.00 15.74 ? 209 ARG A N   1 
ATOM   579 C CA  . ARG A 1 80  ? -0.283  -7.654  2.428   1.00 15.89 ? 209 ARG A CA  1 
ATOM   580 C C   . ARG A 1 80  ? -0.442  -9.029  1.738   1.00 18.12 ? 209 ARG A C   1 
ATOM   581 O O   . ARG A 1 80  ? 0.536   -9.712  1.435   1.00 18.32 ? 209 ARG A O   1 
ATOM   582 C CB  . ARG A 1 80  ? -0.393  -7.820  3.953   1.00 13.93 ? 209 ARG A CB  1 
ATOM   583 C CG  . ARG A 1 80  ? 0.331   -6.664  4.668   1.00 12.85 ? 209 ARG A CG  1 
ATOM   584 C CD  . ARG A 1 80  ? -0.081  -6.691  6.164   1.00 13.24 ? 209 ARG A CD  1 
ATOM   585 N NE  . ARG A 1 80  ? 0.833   -5.868  6.902   1.00 11.96 ? 209 ARG A NE  1 
ATOM   586 C CZ  . ARG A 1 80  ? 0.743   -5.597  8.242   1.00 12.21 ? 209 ARG A CZ  1 
ATOM   587 N NH1 . ARG A 1 80  ? -0.200  -6.095  8.977   1.00 9.07  ? 209 ARG A NH1 1 
ATOM   588 N NH2 . ARG A 1 80  ? 1.702   -4.864  8.785   1.00 10.67 ? 209 ARG A NH2 1 
ATOM   589 N N   . ARG A 1 81  ? -1.650  -9.485  1.502   1.00 18.73 ? 210 ARG A N   1 
ATOM   590 C CA  . ARG A 1 81  ? -1.953  -10.743 0.859   1.00 22.85 ? 210 ARG A CA  1 
ATOM   591 C C   . ARG A 1 81  ? -1.587  -10.731 -0.632  1.00 22.56 ? 210 ARG A C   1 
ATOM   592 O O   . ARG A 1 81  ? -1.107  -11.765 -1.164  1.00 23.20 ? 210 ARG A O   1 
ATOM   593 C CB  . ARG A 1 81  ? -3.430  -11.125 1.043   1.00 26.04 ? 210 ARG A CB  1 
ATOM   594 C CG  . ARG A 1 81  ? -3.736  -11.462 2.504   1.00 30.95 ? 210 ARG A CG  1 
ATOM   595 C CD  . ARG A 1 81  ? -4.675  -12.669 2.633   1.00 33.79 ? 210 ARG A CD  1 
ATOM   596 N NE  . ARG A 1 81  ? -3.870  -13.708 3.258   1.00 37.58 ? 210 ARG A NE  1 
ATOM   597 C CZ  . ARG A 1 81  ? -3.692  -14.984 3.023   1.00 39.33 ? 210 ARG A CZ  1 
ATOM   598 N NH1 . ARG A 1 81  ? -4.340  -15.622 2.047   1.00 40.72 ? 210 ARG A NH1 1 
ATOM   599 N NH2 . ARG A 1 81  ? -2.828  -15.620 3.800   1.00 38.92 ? 210 ARG A NH2 1 
ATOM   600 N N   . MET A 1 82  ? -1.558  -9.561  -1.214  1.00 20.71 ? 211 MET A N   1 
ATOM   601 C CA  . MET A 1 82  ? -1.064  -9.261  -2.541  1.00 23.98 ? 211 MET A CA  1 
ATOM   602 C C   . MET A 1 82  ? 0.456   -9.224  -2.604  1.00 23.95 ? 211 MET A C   1 
ATOM   603 O O   . MET A 1 82  ? 1.046   -9.797  -3.544  1.00 19.21 ? 211 MET A O   1 
ATOM   604 C CB  . MET A 1 82  ? -1.742  -8.009  -3.088  1.00 28.38 ? 211 MET A CB  1 
ATOM   605 C CG  . MET A 1 82  ? -3.253  -8.069  -3.287  1.00 35.63 ? 211 MET A CG  1 
ATOM   606 S SD  . MET A 1 82  ? -3.903  -6.475  -3.783  1.00 43.78 ? 211 MET A SD  1 
ATOM   607 C CE  . MET A 1 82  ? -2.656  -5.588  -4.698  1.00 37.79 ? 211 MET A CE  1 
ATOM   608 N N   . VAL A 1 83  ? 1.179   -8.601  -1.662  1.00 19.16 ? 212 VAL A N   1 
ATOM   609 C CA  . VAL A 1 83  ? 2.570   -8.283  -1.828  1.00 19.01 ? 212 VAL A CA  1 
ATOM   610 C C   . VAL A 1 83  ? 3.518   -9.101  -0.955  1.00 17.32 ? 212 VAL A C   1 
ATOM   611 O O   . VAL A 1 83  ? 4.743   -9.112  -1.173  1.00 17.84 ? 212 VAL A O   1 
ATOM   612 C CB  . VAL A 1 83  ? 2.913   -6.778  -1.772  1.00 20.26 ? 212 VAL A CB  1 
ATOM   613 C CG1 . VAL A 1 83  ? 2.077   -5.949  -2.740  1.00 20.43 ? 212 VAL A CG1 1 
ATOM   614 C CG2 . VAL A 1 83  ? 2.821   -6.215  -0.354  1.00 21.08 ? 212 VAL A CG2 1 
ATOM   615 N N   . GLU A 1 84  ? 3.088   -9.853  0.043   1.00 17.88 ? 213 GLU A N   1 
ATOM   616 C CA  . GLU A 1 84  ? 3.976   -10.360 1.077   1.00 19.35 ? 213 GLU A CA  1 
ATOM   617 C C   . GLU A 1 84  ? 4.080   -11.890 0.848   1.00 20.49 ? 213 GLU A C   1 
ATOM   618 O O   . GLU A 1 84  ? 3.027   -12.487 0.641   1.00 22.57 ? 213 GLU A O   1 
ATOM   619 C CB  . GLU A 1 84  ? 3.488   -10.169 2.534   1.00 20.68 ? 213 GLU A CB  1 
ATOM   620 C CG  . GLU A 1 84  ? 3.351   -8.701  2.970   1.00 16.97 ? 213 GLU A CG  1 
ATOM   621 C CD  . GLU A 1 84  ? 4.640   -7.950  3.051   1.00 21.37 ? 213 GLU A CD  1 
ATOM   622 O OE1 . GLU A 1 84  ? 5.745   -8.545  3.066   1.00 20.61 ? 213 GLU A OE1 1 
ATOM   623 O OE2 . GLU A 1 84  ? 4.665   -6.695  3.087   1.00 22.37 ? 213 GLU A OE2 1 
ATOM   624 N N   . GLU A 1 85  ? 5.269   -12.429 1.009   1.00 19.96 ? 214 GLU A N   1 
ATOM   625 C CA  . GLU A 1 85  ? 5.392   -13.891 1.111   1.00 21.87 ? 214 GLU A CA  1 
ATOM   626 C C   . GLU A 1 85  ? 4.661   -14.475 2.321   1.00 21.52 ? 214 GLU A C   1 
ATOM   627 O O   . GLU A 1 85  ? 4.079   -15.535 2.183   1.00 19.58 ? 214 GLU A O   1 
ATOM   628 C CB  . GLU A 1 85  ? 6.878   -14.294 1.150   1.00 23.90 ? 214 GLU A CB  1 
ATOM   629 C CG  . GLU A 1 85  ? 7.675   -13.652 0.010   1.00 28.31 ? 214 GLU A CG  1 
ATOM   630 C CD  . GLU A 1 85  ? 7.125   -14.112 -1.339  1.00 30.58 ? 214 GLU A CD  1 
ATOM   631 O OE1 . GLU A 1 85  ? 6.879   -15.334 -1.502  1.00 32.42 ? 214 GLU A OE1 1 
ATOM   632 O OE2 . GLU A 1 85  ? 6.879   -13.277 -2.243  1.00 32.07 ? 214 GLU A OE2 1 
ATOM   633 N N   . ASP A 1 86  ? 4.698   -13.772 3.467   1.00 19.21 ? 215 ASP A N   1 
ATOM   634 C CA  . ASP A 1 86  ? 3.894   -14.236 4.612   1.00 20.63 ? 215 ASP A CA  1 
ATOM   635 C C   . ASP A 1 86  ? 3.202   -12.997 5.210   1.00 17.69 ? 215 ASP A C   1 
ATOM   636 O O   . ASP A 1 86  ? 3.923   -12.202 5.781   1.00 16.81 ? 215 ASP A O   1 
ATOM   637 C CB  . ASP A 1 86  ? 4.839   -14.838 5.651   1.00 22.30 ? 215 ASP A CB  1 
ATOM   638 C CG  . ASP A 1 86  ? 4.068   -15.369 6.858   1.00 24.22 ? 215 ASP A CG  1 
ATOM   639 O OD1 . ASP A 1 86  ? 2.842   -15.220 7.018   1.00 23.88 ? 215 ASP A OD1 1 
ATOM   640 O OD2 . ASP A 1 86  ? 4.777   -15.962 7.687   1.00 26.83 ? 215 ASP A OD2 1 
ATOM   641 N N   . PRO A 1 87  ? 1.924   -12.849 5.059   1.00 19.76 ? 216 PRO A N   1 
ATOM   642 C CA  . PRO A 1 87  ? 1.205   -11.668 5.584   1.00 20.49 ? 216 PRO A CA  1 
ATOM   643 C C   . PRO A 1 87  ? 1.320   -11.495 7.087   1.00 20.19 ? 216 PRO A C   1 
ATOM   644 O O   . PRO A 1 87  ? 1.351   -10.351 7.607   1.00 17.21 ? 216 PRO A O   1 
ATOM   645 C CB  . PRO A 1 87  ? -0.238  -11.956 5.207   1.00 22.44 ? 216 PRO A CB  1 
ATOM   646 C CG  . PRO A 1 87  ? -0.174  -12.805 3.977   1.00 23.22 ? 216 PRO A CG  1 
ATOM   647 C CD  . PRO A 1 87  ? 1.057   -13.659 4.143   1.00 21.55 ? 216 PRO A CD  1 
ATOM   648 N N   . ALA A 1 88  ? 1.554   -12.603 7.780   1.00 18.24 ? 217 ALA A N   1 
ATOM   649 C CA  . ALA A 1 88  ? 1.819   -12.648 9.194   1.00 19.25 ? 217 ALA A CA  1 
ATOM   650 C C   . ALA A 1 88  ? 3.151   -12.093 9.636   1.00 20.03 ? 217 ALA A C   1 
ATOM   651 O O   . ALA A 1 88  ? 3.298   -11.658 10.787  1.00 18.81 ? 217 ALA A O   1 
ATOM   652 C CB  . ALA A 1 88  ? 1.639   -14.074 9.755   1.00 17.59 ? 217 ALA A CB  1 
ATOM   653 N N   . HIS A 1 89  ? 4.176   -12.074 8.776   1.00 19.47 ? 218 HIS A N   1 
ATOM   654 C CA  . HIS A 1 89  ? 5.471   -11.509 9.057   1.00 20.10 ? 218 HIS A CA  1 
ATOM   655 C C   . HIS A 1 89  ? 5.942   -10.649 7.900   1.00 22.21 ? 218 HIS A C   1 
ATOM   656 O O   . HIS A 1 89  ? 6.730   -11.084 7.022   1.00 16.82 ? 218 HIS A O   1 
ATOM   657 C CB  . HIS A 1 89  ? 6.558   -12.599 9.290   1.00 23.16 ? 218 HIS A CB  1 
ATOM   658 C CG  . HIS A 1 89  ? 6.278   -13.458 10.497  1.00 23.66 ? 218 HIS A CG  1 
ATOM   659 N ND1 . HIS A 1 89  ? 5.418   -14.536 10.413  1.00 25.20 ? 218 HIS A ND1 1 
ATOM   660 C CD2 . HIS A 1 89  ? 6.662   -13.390 11.770  1.00 24.43 ? 218 HIS A CD2 1 
ATOM   661 C CE1 . HIS A 1 89  ? 5.276   -15.113 11.585  1.00 24.99 ? 218 HIS A CE1 1 
ATOM   662 N NE2 . HIS A 1 89  ? 6.017   -14.411 12.439  1.00 27.17 ? 218 HIS A NE2 1 
ATOM   663 N N   . PRO A 1 90  ? 5.278   -9.496  7.724   1.00 20.15 ? 219 PRO A N   1 
ATOM   664 C CA  . PRO A 1 90  ? 5.417   -8.730  6.490   1.00 18.63 ? 219 PRO A CA  1 
ATOM   665 C C   . PRO A 1 90  ? 6.768   -8.068  6.389   1.00 18.91 ? 219 PRO A C   1 
ATOM   666 O O   . PRO A 1 90  ? 7.342   -7.603  7.391   1.00 17.47 ? 219 PRO A O   1 
ATOM   667 C CB  . PRO A 1 90  ? 4.259   -7.723  6.568   1.00 19.74 ? 219 PRO A CB  1 
ATOM   668 C CG  . PRO A 1 90  ? 4.167   -7.491  8.046   1.00 17.65 ? 219 PRO A CG  1 
ATOM   669 C CD  . PRO A 1 90  ? 4.204   -8.934  8.576   1.00 20.33 ? 219 PRO A CD  1 
ATOM   670 N N   . ARG A 1 91  ? 7.324   -8.034  5.150   1.00 16.19 ? 220 ARG A N   1 
ATOM   671 C CA  . ARG A 1 91  ? 8.527   -7.296  4.873   1.00 17.40 ? 220 ARG A CA  1 
ATOM   672 C C   . ARG A 1 91  ? 8.334   -5.846  4.427   1.00 14.82 ? 220 ARG A C   1 
ATOM   673 O O   . ARG A 1 91  ? 9.147   -4.993  4.793   1.00 17.46 ? 220 ARG A O   1 
ATOM   674 C CB  . ARG A 1 91  ? 9.342   -8.046  3.748   1.00 14.98 ? 220 ARG A CB  1 
ATOM   675 C CG  . ARG A 1 91  ? 10.506  -7.259  3.193   1.00 15.62 ? 220 ARG A CG  1 
ATOM   676 C CD  . ARG A 1 91  ? 11.643  -7.057  4.233   1.00 19.30 ? 220 ARG A CD  1 
ATOM   677 N NE  . ARG A 1 91  ? 12.638  -6.235  3.570   1.00 21.23 ? 220 ARG A NE  1 
ATOM   678 C CZ  . ARG A 1 91  ? 12.574  -4.977  3.164   1.00 24.70 ? 220 ARG A CZ  1 
ATOM   679 N NH1 . ARG A 1 91  ? 11.527  -4.202  3.478   1.00 22.25 ? 220 ARG A NH1 1 
ATOM   680 N NH2 . ARG A 1 91  ? 13.584  -4.443  2.447   1.00 23.48 ? 220 ARG A NH2 1 
ATOM   681 N N   . TYR A 1 92  ? 7.452   -5.568  3.490   1.00 14.45 ? 221 TYR A N   1 
ATOM   682 C CA  . TYR A 1 92  ? 7.301   -4.303  2.846   1.00 18.17 ? 221 TYR A CA  1 
ATOM   683 C C   . TYR A 1 92  ? 6.249   -3.405  3.581   1.00 19.41 ? 221 TYR A C   1 
ATOM   684 O O   . TYR A 1 92  ? 6.505   -2.210  3.702   1.00 19.10 ? 221 TYR A O   1 
ATOM   685 C CB  . TYR A 1 92  ? 6.893   -4.500  1.373   1.00 18.78 ? 221 TYR A CB  1 
ATOM   686 C CG  . TYR A 1 92  ? 8.086   -5.198  0.661   1.00 20.57 ? 221 TYR A CG  1 
ATOM   687 C CD1 . TYR A 1 92  ? 9.285   -4.528  0.571   1.00 22.08 ? 221 TYR A CD1 1 
ATOM   688 C CD2 . TYR A 1 92  ? 7.973   -6.497  0.168   1.00 22.75 ? 221 TYR A CD2 1 
ATOM   689 C CE1 . TYR A 1 92  ? 10.403  -5.120  -0.011  1.00 24.99 ? 221 TYR A CE1 1 
ATOM   690 C CE2 . TYR A 1 92  ? 9.080   -7.094  -0.442  1.00 22.69 ? 221 TYR A CE2 1 
ATOM   691 C CZ  . TYR A 1 92  ? 10.262  -6.402  -0.520  1.00 24.36 ? 221 TYR A CZ  1 
ATOM   692 O OH  . TYR A 1 92  ? 11.385  -6.938  -1.110  1.00 28.86 ? 221 TYR A OH  1 
ATOM   693 N N   . ILE A 1 93  ? 5.161   -4.023  3.976   1.00 17.41 ? 222 ILE A N   1 
ATOM   694 C CA  . ILE A 1 93  ? 4.107   -3.244  4.706   1.00 17.71 ? 222 ILE A CA  1 
ATOM   695 C C   . ILE A 1 93  ? 4.090   -3.644  6.162   1.00 13.74 ? 222 ILE A C   1 
ATOM   696 O O   . ILE A 1 93  ? 3.464   -4.634  6.508   1.00 17.01 ? 222 ILE A O   1 
ATOM   697 C CB  . ILE A 1 93  ? 2.728   -3.381  4.035   1.00 17.97 ? 222 ILE A CB  1 
ATOM   698 C CG1 . ILE A 1 93  ? 2.746   -2.912  2.571   1.00 18.33 ? 222 ILE A CG1 1 
ATOM   699 C CG2 . ILE A 1 93  ? 1.677   -2.470  4.754   1.00 18.99 ? 222 ILE A CG2 1 
ATOM   700 C CD1 . ILE A 1 93  ? 1.437   -3.200  1.833   1.00 18.94 ? 222 ILE A CD1 1 
ATOM   701 N N   . GLN A 1 94  ? 4.881   -3.003  7.019   1.00 12.99 ? 223 GLN A N   1 
ATOM   702 C CA  . GLN A 1 94  ? 5.162   -3.338  8.361   1.00 15.04 ? 223 GLN A CA  1 
ATOM   703 C C   . GLN A 1 94  ? 4.273   -2.528  9.311   1.00 15.78 ? 223 GLN A C   1 
ATOM   704 O O   . GLN A 1 94  ? 3.746   -1.470  8.945   1.00 16.85 ? 223 GLN A O   1 
ATOM   705 C CB  . GLN A 1 94  ? 6.659   -3.149  8.663   1.00 17.70 ? 223 GLN A CB  1 
ATOM   706 C CG  . GLN A 1 94  ? 7.502   -4.120  7.838   1.00 17.51 ? 223 GLN A CG  1 
ATOM   707 C CD  . GLN A 1 94  ? 8.939   -4.233  8.318   1.00 20.52 ? 223 GLN A CD  1 
ATOM   708 O OE1 . GLN A 1 94  ? 9.216   -3.979  9.486   1.00 21.50 ? 223 GLN A OE1 1 
ATOM   709 N NE2 . GLN A 1 94  ? 9.877   -4.600  7.469   1.00 18.40 ? 223 GLN A NE2 1 
ATOM   710 N N   . THR A 1 95  ? 4.113   -3.087  10.504  1.00 15.23 ? 224 THR A N   1 
ATOM   711 C CA  . THR A 1 95  ? 3.309   -2.479  11.580  1.00 17.80 ? 224 THR A CA  1 
ATOM   712 C C   . THR A 1 95  ? 4.259   -1.801  12.566  1.00 17.93 ? 224 THR A C   1 
ATOM   713 O O   . THR A 1 95  ? 5.315   -2.369  12.874  1.00 17.81 ? 224 THR A O   1 
ATOM   714 C CB  . THR A 1 95  ? 2.461   -3.552  12.258  1.00 17.24 ? 224 THR A CB  1 
ATOM   715 O OG1 . THR A 1 95  ? 1.368   -3.893  11.415  1.00 15.41 ? 224 THR A OG1 1 
ATOM   716 C CG2 . THR A 1 95  ? 1.883   -3.099  13.598  1.00 16.84 ? 224 THR A CG2 1 
ATOM   717 N N   . VAL A 1 96  ? 3.881   -0.603  12.983  1.00 16.70 ? 225 VAL A N   1 
ATOM   718 C CA  . VAL A 1 96  ? 4.669   0.097   14.001  1.00 16.78 ? 225 VAL A CA  1 
ATOM   719 C C   . VAL A 1 96  ? 3.748   0.235   15.247  1.00 16.30 ? 225 VAL A C   1 
ATOM   720 O O   . VAL A 1 96  ? 2.673   0.841   15.148  1.00 13.65 ? 225 VAL A O   1 
ATOM   721 C CB  . VAL A 1 96  ? 5.096   1.487   13.558  1.00 18.70 ? 225 VAL A CB  1 
ATOM   722 C CG1 . VAL A 1 96  ? 6.037   2.187   14.582  1.00 18.18 ? 225 VAL A CG1 1 
ATOM   723 C CG2 . VAL A 1 96  ? 5.842   1.460   12.196  1.00 21.12 ? 225 VAL A CG2 1 
ATOM   724 N N   . TRP A 1 97  ? 4.182   -0.454  16.272  1.00 15.21 ? 226 TRP A N   1 
ATOM   725 C CA  . TRP A 1 97  ? 3.259   -0.645  17.408  1.00 19.79 ? 226 TRP A CA  1 
ATOM   726 C C   . TRP A 1 97  ? 2.976   0.776   17.943  1.00 16.01 ? 226 TRP A C   1 
ATOM   727 O O   . TRP A 1 97  ? 3.769   1.700   17.833  1.00 12.99 ? 226 TRP A O   1 
ATOM   728 C CB  . TRP A 1 97  ? 3.852   -1.611  18.384  1.00 22.42 ? 226 TRP A CB  1 
ATOM   729 C CG  . TRP A 1 97  ? 3.873   -3.069  18.023  1.00 23.36 ? 226 TRP A CG  1 
ATOM   730 C CD1 . TRP A 1 97  ? 4.975   -3.881  18.255  1.00 24.21 ? 226 TRP A CD1 1 
ATOM   731 C CD2 . TRP A 1 97  ? 2.886   -3.923  17.455  1.00 24.27 ? 226 TRP A CD2 1 
ATOM   732 N NE1 . TRP A 1 97  ? 4.717   -5.160  17.848  1.00 21.97 ? 226 TRP A NE1 1 
ATOM   733 C CE2 . TRP A 1 97  ? 3.458   -5.215  17.338  1.00 24.12 ? 226 TRP A CE2 1 
ATOM   734 C CE3 . TRP A 1 97  ? 1.580   -3.710  17.019  1.00 21.95 ? 226 TRP A CE3 1 
ATOM   735 C CZ2 . TRP A 1 97  ? 2.748   -6.306  16.815  1.00 25.75 ? 226 TRP A CZ2 1 
ATOM   736 C CZ3 . TRP A 1 97  ? 0.900   -4.809  16.505  1.00 26.58 ? 226 TRP A CZ3 1 
ATOM   737 C CH2 . TRP A 1 97  ? 1.448   -6.090  16.402  1.00 21.75 ? 226 TRP A CH2 1 
ATOM   738 N N   . GLY A 1 98  ? 1.721   0.996   18.277  1.00 20.83 ? 227 GLY A N   1 
ATOM   739 C CA  . GLY A 1 98  ? 1.354   2.227   19.018  1.00 22.58 ? 227 GLY A CA  1 
ATOM   740 C C   . GLY A 1 98  ? 0.890   3.245   18.005  1.00 23.94 ? 227 GLY A C   1 
ATOM   741 O O   . GLY A 1 98  ? 0.509   4.361   18.352  1.00 25.43 ? 227 GLY A O   1 
ATOM   742 N N   . LEU A 1 99  ? 1.160   3.019   16.710  1.00 23.66 ? 228 LEU A N   1 
ATOM   743 C CA  . LEU A 1 99  ? 1.308   4.079   15.727  1.00 23.67 ? 228 LEU A CA  1 
ATOM   744 C C   . LEU A 1 99  ? 0.380   3.758   14.527  1.00 24.34 ? 228 LEU A C   1 
ATOM   745 O O   . LEU A 1 99  ? -0.747  4.295   14.433  1.00 21.89 ? 228 LEU A O   1 
ATOM   746 C CB  . LEU A 1 99  ? 2.760   4.274   15.374  1.00 25.67 ? 228 LEU A CB  1 
ATOM   747 C CG  . LEU A 1 99  ? 3.704   5.234   16.086  1.00 29.60 ? 228 LEU A CG  1 
ATOM   748 C CD1 . LEU A 1 99  ? 4.140   4.715   17.452  1.00 30.08 ? 228 LEU A CD1 1 
ATOM   749 C CD2 . LEU A 1 99  ? 4.959   5.599   15.293  1.00 29.99 ? 228 LEU A CD2 1 
ATOM   750 N N   . GLY A 1 100 ? 0.822   2.789   13.655  1.00 18.04 ? 229 GLY A N   1 
ATOM   751 C CA  . GLY A 1 100 ? 0.154   2.749   12.328  1.00 12.00 ? 229 GLY A CA  1 
ATOM   752 C C   . GLY A 1 100 ? 0.983   1.747   11.440  1.00 13.99 ? 229 GLY A C   1 
ATOM   753 O O   . GLY A 1 100 ? 1.512   0.786   11.981  1.00 11.96 ? 229 GLY A O   1 
ATOM   754 N N   . TYR A 1 101 ? 1.190   2.140   10.193  1.00 14.18 ? 230 TYR A N   1 
ATOM   755 C CA  . TYR A 1 101 ? 1.767   1.192   9.210   1.00 17.05 ? 230 TYR A CA  1 
ATOM   756 C C   . TYR A 1 101 ? 2.879   1.930   8.490   1.00 18.63 ? 230 TYR A C   1 
ATOM   757 O O   . TYR A 1 101 ? 2.882   3.187   8.437   1.00 18.59 ? 230 TYR A O   1 
ATOM   758 C CB  . TYR A 1 101 ? 0.677   0.731   8.226   1.00 15.06 ? 230 TYR A CB  1 
ATOM   759 C CG  . TYR A 1 101 ? -0.414  -0.120  8.842   1.00 16.19 ? 230 TYR A CG  1 
ATOM   760 C CD1 . TYR A 1 101 ? -0.172  -1.448  9.163   1.00 15.58 ? 230 TYR A CD1 1 
ATOM   761 C CD2 . TYR A 1 101 ? -1.683  0.377   9.146   1.00 14.68 ? 230 TYR A CD2 1 
ATOM   762 C CE1 . TYR A 1 101 ? -1.126  -2.242  9.729   1.00 14.46 ? 230 TYR A CE1 1 
ATOM   763 C CE2 . TYR A 1 101 ? -2.670  -0.413  9.706   1.00 14.17 ? 230 TYR A CE2 1 
ATOM   764 C CZ  . TYR A 1 101 ? -2.399  -1.743  9.958   1.00 15.52 ? 230 TYR A CZ  1 
ATOM   765 O OH  . TYR A 1 101 ? -3.329  -2.562  10.503  1.00 12.70 ? 230 TYR A OH  1 
ATOM   766 N N   . VAL A 1 102 ? 3.835   1.157   7.913   1.00 16.59 ? 231 VAL A N   1 
ATOM   767 C CA  . VAL A 1 102 ? 4.971   1.801   7.284   1.00 14.25 ? 231 VAL A CA  1 
ATOM   768 C C   . VAL A 1 102 ? 5.415   0.968   6.047   1.00 16.58 ? 231 VAL A C   1 
ATOM   769 O O   . VAL A 1 102 ? 5.455   -0.256  6.128   1.00 13.56 ? 231 VAL A O   1 
ATOM   770 C CB  . VAL A 1 102 ? 6.092   2.017   8.295   1.00 15.92 ? 231 VAL A CB  1 
ATOM   771 C CG1 . VAL A 1 102 ? 6.652   0.723   8.880   1.00 14.08 ? 231 VAL A CG1 1 
ATOM   772 C CG2 . VAL A 1 102 ? 7.249   2.853   7.741   1.00 16.51 ? 231 VAL A CG2 1 
ATOM   773 N N   . PHE A 1 103 ? 5.743   1.667   4.976   1.00 16.55 ? 232 PHE A N   1 
ATOM   774 C CA  . PHE A 1 103 ? 6.430   1.007   3.858   1.00 19.46 ? 232 PHE A CA  1 
ATOM   775 C C   . PHE A 1 103 ? 7.934   0.975   4.052   1.00 19.15 ? 232 PHE A C   1 
ATOM   776 O O   . PHE A 1 103 ? 8.564   2.005   4.230   1.00 18.69 ? 232 PHE A O   1 
ATOM   777 C CB  . PHE A 1 103 ? 6.046   1.694   2.535   1.00 21.02 ? 232 PHE A CB  1 
ATOM   778 C CG  . PHE A 1 103 ? 6.809   1.157   1.334   1.00 20.11 ? 232 PHE A CG  1 
ATOM   779 C CD1 . PHE A 1 103 ? 6.524   -0.087  0.808   1.00 20.23 ? 232 PHE A CD1 1 
ATOM   780 C CD2 . PHE A 1 103 ? 7.821   1.921   0.766   1.00 20.89 ? 232 PHE A CD2 1 
ATOM   781 C CE1 . PHE A 1 103 ? 7.244   -0.581  -0.274  1.00 21.19 ? 232 PHE A CE1 1 
ATOM   782 C CE2 . PHE A 1 103 ? 8.553   1.432   -0.304  1.00 21.75 ? 232 PHE A CE2 1 
ATOM   783 C CZ  . PHE A 1 103 ? 8.251   0.177   -0.821  1.00 19.59 ? 232 PHE A CZ  1 
ATOM   784 N N   . VAL A 1 104 ? 8.551   -0.214  3.960   1.00 17.73 ? 233 VAL A N   1 
ATOM   785 C CA  . VAL A 1 104 ? 9.990   -0.324  4.106   1.00 19.03 ? 233 VAL A CA  1 
ATOM   786 C C   . VAL A 1 104 ? 10.561  -0.812  2.741   1.00 20.14 ? 233 VAL A C   1 
ATOM   787 O O   . VAL A 1 104 ? 10.265  -1.935  2.367   1.00 19.40 ? 233 VAL A O   1 
ATOM   788 C CB  . VAL A 1 104 ? 10.362  -1.321  5.200   1.00 19.80 ? 233 VAL A CB  1 
ATOM   789 C CG1 . VAL A 1 104 ? 11.858  -1.420  5.488   1.00 17.81 ? 233 VAL A CG1 1 
ATOM   790 C CG2 . VAL A 1 104 ? 9.592   -1.050  6.525   1.00 20.68 ? 233 VAL A CG2 1 
ATOM   791 N N   . PRO A 1 105 ? 11.264  0.052   2.050   1.00 21.62 ? 234 PRO A N   1 
ATOM   792 C CA  . PRO A 1 105 ? 11.720  -0.223  0.701   1.00 24.04 ? 234 PRO A CA  1 
ATOM   793 C C   . PRO A 1 105 ? 12.757  -1.341  0.606   1.00 24.93 ? 234 PRO A C   1 
ATOM   794 O O   . PRO A 1 105 ? 13.367  -1.713  1.607   1.00 20.93 ? 234 PRO A O   1 
ATOM   795 C CB  . PRO A 1 105 ? 12.311  1.082   0.199   1.00 23.89 ? 234 PRO A CB  1 
ATOM   796 C CG  . PRO A 1 105 ? 12.306  2.026   1.349   1.00 25.44 ? 234 PRO A CG  1 
ATOM   797 C CD  . PRO A 1 105 ? 11.871  1.293   2.593   1.00 23.01 ? 234 PRO A CD  1 
ATOM   798 N N   . ASP A 1 106 ? 13.050  -1.740  -0.641  1.00 27.04 ? 235 ASP A N   1 
ATOM   799 C CA  . ASP A 1 106 ? 14.067  -2.668  -1.087  1.00 28.14 ? 235 ASP A CA  1 
ATOM   800 C C   . ASP A 1 106 ? 13.687  -3.996  -1.745  1.00 26.60 ? 235 ASP A C   1 
ATOM   801 O O   . ASP A 1 106 ? 13.745  -5.037  -1.056  1.00 26.83 ? 235 ASP A O   1 
ATOM   802 C CB  . ASP A 1 106 ? 15.023  -2.979  0.073   1.00 30.54 ? 235 ASP A CB  1 
ATOM   803 C CG  . ASP A 1 106 ? 16.162  -1.964  0.050   1.00 32.45 ? 235 ASP A CG  1 
ATOM   804 O OD1 . ASP A 1 106 ? 15.887  -0.847  -0.443  1.00 30.37 ? 235 ASP A OD1 1 
ATOM   805 O OD2 . ASP A 1 106 ? 17.214  -2.428  0.550   1.00 35.95 ? 235 ASP A OD2 1 
HETATM 806 O O   . HOH B 2 .   ? 5.130   4.392   5.038   1.00 12.18 ? 501 HOH A O   1 
HETATM 807 O O   . HOH B 2 .   ? -0.397  -12.900 -12.990 1.00 16.10 ? 502 HOH A O   1 
HETATM 808 O O   . HOH B 2 .   ? -15.913 11.107  -6.922  1.00 18.10 ? 503 HOH A O   1 
HETATM 809 O O   . HOH B 2 .   ? 7.286   -6.824  -11.744 1.00 19.64 ? 504 HOH A O   1 
HETATM 810 O O   . HOH B 2 .   ? 8.598   -10.083 -3.550  1.00 21.90 ? 505 HOH A O   1 
HETATM 811 O O   . HOH B 2 .   ? 3.578   -12.903 -10.993 1.00 22.28 ? 506 HOH A O   1 
HETATM 812 O O   . HOH B 2 .   ? -0.010  -1.266  19.057  1.00 23.25 ? 507 HOH A O   1 
HETATM 813 O O   . HOH B 2 .   ? 6.810   -11.889 4.305   1.00 23.85 ? 508 HOH A O   1 
HETATM 814 O O   . HOH B 2 .   ? -11.936 -7.101  -4.975  1.00 24.07 ? 509 HOH A O   1 
HETATM 815 O O   . HOH B 2 .   ? -6.642  -6.273  -6.631  1.00 24.98 ? 510 HOH A O   1 
HETATM 816 O O   . HOH B 2 .   ? -3.549  4.785   13.925  1.00 25.30 ? 511 HOH A O   1 
HETATM 817 O O   . HOH B 2 .   ? 10.654  -5.214  -8.638  1.00 26.17 ? 512 HOH A O   1 
HETATM 818 O O   . HOH B 2 .   ? 7.303   -10.655 1.869   1.00 26.33 ? 513 HOH A O   1 
HETATM 819 O O   . HOH B 2 .   ? -2.536  8.241   -2.040  1.00 26.88 ? 514 HOH A O   1 
HETATM 820 O O   . HOH B 2 .   ? -13.663 7.653   -1.257  1.00 27.19 ? 515 HOH A O   1 
HETATM 821 O O   . HOH B 2 .   ? -0.256  5.940   20.504  1.00 27.60 ? 516 HOH A O   1 
HETATM 822 O O   . HOH B 2 .   ? -16.443 -1.161  -2.955  1.00 27.68 ? 517 HOH A O   1 
HETATM 823 O O   . HOH B 2 .   ? -4.446  -7.522  -7.453  1.00 27.77 ? 518 HOH A O   1 
HETATM 824 O O   . HOH B 2 .   ? -0.755  6.590   15.770  1.00 28.72 ? 519 HOH A O   1 
HETATM 825 O O   . HOH B 2 .   ? 1.136   9.558   11.284  1.00 28.88 ? 520 HOH A O   1 
HETATM 826 O O   . HOH B 2 .   ? -12.947 0.162   -6.191  1.00 29.12 ? 521 HOH A O   1 
HETATM 827 O O   . HOH B 2 .   ? 9.294   5.338   -2.471  1.00 29.20 ? 522 HOH A O   1 
HETATM 828 O O   . HOH B 2 .   ? 12.059  -0.433  -2.613  1.00 30.00 ? 523 HOH A O   1 
HETATM 829 O O   . HOH B 2 .   ? -1.441  -12.997 -3.372  1.00 31.45 ? 524 HOH A O   1 
HETATM 830 O O   . HOH B 2 .   ? 4.518   1.132   -15.960 1.00 31.68 ? 525 HOH A O   1 
HETATM 831 O O   . HOH B 2 .   ? 9.741   9.201   3.531   1.00 32.09 ? 526 HOH A O   1 
HETATM 832 O O   . HOH B 2 .   ? -7.715  -7.674  -3.157  1.00 32.26 ? 527 HOH A O   1 
HETATM 833 O O   . HOH B 2 .   ? 15.393  -0.222  3.709   1.00 32.74 ? 528 HOH A O   1 
HETATM 834 O O   . HOH B 2 .   ? -1.957  9.059   -8.853  1.00 33.09 ? 529 HOH A O   1 
HETATM 835 O O   . HOH B 2 .   ? 0.646   -13.687 0.316   1.00 34.16 ? 530 HOH A O   1 
HETATM 836 O O   . HOH B 2 .   ? 9.808   -7.165  -11.270 1.00 34.31 ? 531 HOH A O   1 
HETATM 837 O O   . HOH B 2 .   ? 13.946  -3.583  -5.321  1.00 34.49 ? 532 HOH A O   1 
HETATM 838 O O   . HOH B 2 .   ? -7.244  5.521   -5.781  1.00 34.74 ? 533 HOH A O   1 
HETATM 839 O O   . HOH B 2 .   ? 14.215  -0.475  -5.687  1.00 35.00 ? 534 HOH A O   1 
HETATM 840 O O   . HOH B 2 .   ? -13.831 14.651  -7.159  1.00 35.08 ? 535 HOH A O   1 
HETATM 841 O O   . HOH B 2 .   ? 11.256  -13.123 -8.482  1.00 35.24 ? 536 HOH A O   1 
HETATM 842 O O   . HOH B 2 .   ? -2.867  -13.945 7.149   1.00 35.49 ? 537 HOH A O   1 
HETATM 843 O O   . HOH B 2 .   ? 10.736  -9.682  -10.518 1.00 35.93 ? 538 HOH A O   1 
HETATM 844 O O   . HOH B 2 .   ? -10.443 2.771   8.597   1.00 35.94 ? 539 HOH A O   1 
HETATM 845 O O   . HOH B 2 .   ? -11.537 2.940   13.120  1.00 35.95 ? 540 HOH A O   1 
HETATM 846 O O   . HOH B 2 .   ? 6.863   -10.530 -1.421  1.00 36.37 ? 541 HOH A O   1 
HETATM 847 O O   . HOH B 2 .   ? 3.703   -2.222  21.103  1.00 36.53 ? 542 HOH A O   1 
HETATM 848 O O   . HOH B 2 .   ? 3.115   -12.523 -3.534  1.00 36.93 ? 543 HOH A O   1 
HETATM 849 O O   . HOH B 2 .   ? -2.594  11.010  13.172  1.00 37.05 ? 544 HOH A O   1 
HETATM 850 O O   . HOH B 2 .   ? -9.299  6.313   12.416  1.00 37.47 ? 545 HOH A O   1 
HETATM 851 O O   . HOH B 2 .   ? 0.185   10.368  -1.117  1.00 37.60 ? 546 HOH A O   1 
HETATM 852 O O   . HOH B 2 .   ? 4.283   -14.043 -8.026  1.00 39.09 ? 547 HOH A O   1 
HETATM 853 O O   . HOH B 2 .   ? -11.987 11.371  -1.597  1.00 39.22 ? 548 HOH A O   1 
HETATM 854 O O   . HOH B 2 .   ? 11.379  -13.514 -5.635  1.00 39.24 ? 549 HOH A O   1 
HETATM 855 O O   . HOH B 2 .   ? 3.793   -17.050 0.032   1.00 40.02 ? 550 HOH A O   1 
HETATM 856 O O   . HOH B 2 .   ? -6.685  -12.547 4.715   1.00 40.19 ? 551 HOH A O   1 
HETATM 857 O O   . HOH B 2 .   ? 3.417   8.249   -13.683 1.00 40.20 ? 552 HOH A O   1 
HETATM 858 O O   . HOH B 2 .   ? -9.427  10.811  10.847  1.00 41.49 ? 553 HOH A O   1 
HETATM 859 O O   . HOH B 2 .   ? -8.604  -10.060 5.862   1.00 41.72 ? 554 HOH A O   1 
HETATM 860 O O   . HOH B 2 .   ? 11.822  2.536   -5.770  1.00 41.85 ? 555 HOH A O   1 
HETATM 861 O O   . HOH B 2 .   ? -1.142  -0.198  -19.774 1.00 41.89 ? 556 HOH A O   1 
HETATM 862 O O   . HOH B 2 .   ? 9.904   -10.663 0.814   1.00 42.22 ? 557 HOH A O   1 
HETATM 863 O O   . HOH B 2 .   ? 11.084  -11.078 -3.551  1.00 42.64 ? 558 HOH A O   1 
HETATM 864 O O   . HOH B 2 .   ? 2.917   3.181   -18.877 1.00 42.82 ? 559 HOH A O   1 
HETATM 865 O O   . HOH B 2 .   ? 14.803  -3.768  -8.490  1.00 43.04 ? 560 HOH A O   1 
HETATM 866 O O   . HOH B 2 .   ? -3.203  7.091   -11.993 1.00 43.15 ? 561 HOH A O   1 
HETATM 867 O O   . HOH B 2 .   ? 11.692  -7.165  -16.563 1.00 43.20 ? 562 HOH A O   1 
HETATM 868 O O   . HOH B 2 .   ? 13.259  4.632   -0.945  1.00 43.37 ? 563 HOH A O   1 
HETATM 869 O O   . HOH B 2 .   ? 14.400  -8.076  -3.065  1.00 43.67 ? 564 HOH A O   1 
HETATM 870 O O   . HOH B 2 .   ? 2.131   6.038   13.189  1.00 44.21 ? 565 HOH A O   1 
HETATM 871 O O   . HOH B 2 .   ? 4.710   -1.757  -19.457 1.00 44.25 ? 566 HOH A O   1 
HETATM 872 O O   . HOH B 2 .   ? 2.368   -16.357 -7.434  1.00 44.39 ? 567 HOH A O   1 
HETATM 873 O O   . HOH B 2 .   ? -12.020 -8.475  2.249   1.00 45.51 ? 568 HOH A O   1 
HETATM 874 O O   . HOH B 2 .   ? 3.095   1.905   -21.502 1.00 45.97 ? 569 HOH A O   1 
HETATM 875 O O   . HOH B 2 .   ? -7.968  15.171  -4.160  1.00 46.25 ? 570 HOH A O   1 
HETATM 876 O O   . HOH B 2 .   ? 9.660   -12.079 6.996   1.00 46.75 ? 571 HOH A O   1 
HETATM 877 O O   . HOH B 2 .   ? 7.391   11.195  -1.704  1.00 46.85 ? 572 HOH A O   1 
HETATM 878 O O   . HOH B 2 .   ? -9.685  -5.845  -4.779  1.00 47.47 ? 573 HOH A O   1 
HETATM 879 O O   . HOH B 2 .   ? 7.021   8.801   -4.094  1.00 47.47 ? 574 HOH A O   1 
HETATM 880 O O   . HOH B 2 .   ? 11.126  -4.871  -17.623 1.00 47.74 ? 575 HOH A O   1 
HETATM 881 O O   . HOH B 2 .   ? -16.583 -1.880  -0.431  1.00 47.86 ? 576 HOH A O   1 
HETATM 882 O O   . HOH B 2 .   ? 4.080   14.530  0.751   1.00 48.20 ? 577 HOH A O   1 
HETATM 883 O O   . HOH B 2 .   ? 7.441   -4.043  -20.754 1.00 48.33 ? 578 HOH A O   1 
HETATM 884 O O   . HOH B 2 .   ? 8.997   6.411   14.572  1.00 49.45 ? 579 HOH A O   1 
HETATM 885 O O   . HOH B 2 .   ? -5.218  18.021  7.536   1.00 50.51 ? 580 HOH A O   1 
HETATM 886 O O   . HOH B 2 .   ? 15.143  -6.048  0.948   1.00 51.73 ? 581 HOH A O   1 
HETATM 887 O O   . HOH B 2 .   ? -14.273 11.005  -3.600  1.00 51.98 ? 582 HOH A O   1 
HETATM 888 O O   . HOH B 2 .   ? -10.059 -0.113  11.070  1.00 52.31 ? 583 HOH A O   1 
HETATM 889 O O   . HOH B 2 .   ? -7.607  -10.814 1.054   1.00 52.87 ? 584 HOH A O   1 
HETATM 890 O O   . HOH B 2 .   ? 3.262   -19.423 5.743   1.00 55.60 ? 585 HOH A O   1 
# 
